data_8DMU
#
_entry.id   8DMU
#
_cell.length_a   104.048
_cell.length_b   129.805
_cell.length_c   199.433
_cell.angle_alpha   90.000
_cell.angle_beta   90.000
_cell.angle_gamma   90.000
#
_symmetry.space_group_name_H-M   'P 21 21 21'
#
loop_
_entity.id
_entity.type
_entity.pdbx_description
1 polymer CG3568
2 non-polymer '[(2R,3S,4R,5R)-5-(6-AMINOPURIN-9-YL)-3,4-DIHYDROXY-OXOLAN-2-YL]METHYL [HYDROXY-[[(2R,3S,4R,5S)-3,4,5-TRIHYDROXYOXOLAN-2-YL]METHOXY]PHOSPHORYL] HYDROGEN PHOSPHATE'
3 non-polymer 'NICKEL (II) ION'
4 non-polymer 'SULFATE ION'
5 non-polymer 'CHLORIDE ION'
6 water water
#
_entity_poly.entity_id   1
_entity_poly.type   'polypeptide(L)'
_entity_poly.pdbx_seq_one_letter_code
;GPLGSWPGKRTNLPENAFTQRMLQECGQMAKPDASVDLDNFKAISEQSPAEFGIDSCRVKAQPEDRSDRIREQIASAYPV
IHERTLLLFISFLEHKLTFGSEQEKAIYKDMTVVDLVQRLLAKRCVWFFGANDYYRTMQGNIGNEGFEAVGTPAEKEPLT
LTSVLSYDEIKLSALLYVSCHSEFINNGSRVNGGEVLQNKDTIEREGVVIGLIGARFERPDVMEYQDIMITKTQNTEANG
YGFDLEQISSETVTPASDLRRIWREFYEEPRDFIYADTPYDTTRFEEVSQGIFDHQVMRKRYAISFDTLLLEAQDRAFKA
GKPAYIHVVGIGLGVWKAARQQERTFLESFEGRLRALGERLSHIGVVHFSWFHLACVGSLHDGAIIPVDKHPQGGIRIRN
SVRNPGDKLTEDMLPVVTYAWDGNALPGNEFWANMLISTGDPAAACSTLISELQNPHINVHYMNGANLHIASVEHGLLHV
GDYARRLIV
;
_entity_poly.pdbx_strand_id   A,B,C,D
#
loop_
_chem_comp.id
_chem_comp.type
_chem_comp.name
_chem_comp.formula
AR6 non-polymer '[(2R,3S,4R,5R)-5-(6-AMINOPURIN-9-YL)-3,4-DIHYDROXY-OXOLAN-2-YL]METHYL [HYDROXY-[[(2R,3S,4R,5S)-3,4,5-TRIHYDROXYOXOLAN-2-YL]METHOXY]PHOSPHORYL] HYDROGEN PHOSPHATE' 'C15 H23 N5 O14 P2'
CL non-polymer 'CHLORIDE ION' 'Cl -1'
NI non-polymer 'NICKEL (II) ION' 'Ni 2'
SO4 non-polymer 'SULFATE ION' 'O4 S -2'
#
# COMPACT_ATOMS: atom_id res chain seq x y z
N TRP A 6 26.96 -12.96 -8.48
CA TRP A 6 26.95 -13.01 -9.95
C TRP A 6 27.24 -11.62 -10.59
N PRO A 7 28.13 -11.58 -11.59
CA PRO A 7 28.83 -12.73 -12.20
C PRO A 7 29.96 -13.28 -11.35
N GLY A 8 30.41 -14.49 -11.67
CA GLY A 8 31.60 -15.04 -11.08
C GLY A 8 32.88 -14.37 -11.57
N LYS A 9 33.95 -14.63 -10.82
CA LYS A 9 35.27 -14.09 -11.17
C LYS A 9 35.84 -14.79 -12.40
N ARG A 10 35.58 -16.09 -12.53
CA ARG A 10 36.10 -16.85 -13.67
C ARG A 10 35.18 -16.70 -14.87
N THR A 11 35.77 -16.37 -16.02
CA THR A 11 35.08 -16.36 -17.30
C THR A 11 35.52 -17.58 -18.10
N ASN A 12 34.57 -18.18 -18.83
CA ASN A 12 34.85 -19.35 -19.66
C ASN A 12 35.07 -18.92 -21.10
N LEU A 13 36.20 -19.35 -21.67
CA LEU A 13 36.57 -19.01 -23.04
C LEU A 13 35.90 -20.00 -23.98
N PRO A 14 34.98 -19.58 -24.85
CA PRO A 14 34.45 -20.52 -25.85
C PRO A 14 35.57 -20.97 -26.80
N GLU A 15 35.53 -22.25 -27.15
CA GLU A 15 36.60 -22.82 -27.94
C GLU A 15 36.33 -22.78 -29.43
N ASN A 16 35.14 -22.34 -29.85
CA ASN A 16 34.80 -22.45 -31.26
C ASN A 16 35.64 -21.46 -32.07
N ALA A 17 35.87 -21.82 -33.34
CA ALA A 17 36.80 -21.07 -34.17
C ALA A 17 36.36 -19.62 -34.34
N PHE A 18 35.05 -19.37 -34.43
CA PHE A 18 34.59 -17.99 -34.67
C PHE A 18 34.96 -17.09 -33.49
N THR A 19 34.78 -17.58 -32.26
CA THR A 19 35.14 -16.79 -31.09
C THR A 19 36.65 -16.62 -31.01
N GLN A 20 37.39 -17.69 -31.28
CA GLN A 20 38.85 -17.61 -31.25
C GLN A 20 39.36 -16.60 -32.27
N ARG A 21 38.78 -16.56 -33.47
CA ARG A 21 39.18 -15.58 -34.47
C ARG A 21 38.84 -14.16 -34.02
N MET A 22 37.63 -13.96 -33.48
CA MET A 22 37.23 -12.62 -33.03
C MET A 22 38.19 -12.10 -31.97
N LEU A 23 38.59 -12.96 -31.03
CA LEU A 23 39.52 -12.55 -30.00
C LEU A 23 40.92 -12.30 -30.56
N GLN A 24 41.36 -13.13 -31.52
CA GLN A 24 42.63 -12.89 -32.19
C GLN A 24 42.70 -11.50 -32.80
N GLU A 25 41.61 -11.10 -33.49
CA GLU A 25 41.56 -9.76 -34.09
C GLU A 25 41.59 -8.67 -33.03
N CYS A 26 40.86 -8.87 -31.93
CA CYS A 26 40.95 -7.90 -30.84
C CYS A 26 42.39 -7.75 -30.38
N GLY A 27 43.10 -8.85 -30.26
CA GLY A 27 44.46 -8.84 -29.77
C GLY A 27 45.46 -8.19 -30.71
N GLN A 28 45.03 -7.83 -31.92
CA GLN A 28 45.86 -7.06 -32.83
C GLN A 28 45.66 -5.56 -32.70
N MET A 29 44.64 -5.11 -31.98
CA MET A 29 44.35 -3.69 -31.85
C MET A 29 45.38 -3.00 -30.97
N ALA A 30 45.75 -1.78 -31.37
CA ALA A 30 46.65 -0.94 -30.59
C ALA A 30 45.86 0.24 -30.05
N LYS A 31 46.29 0.75 -28.90
CA LYS A 31 45.63 1.92 -28.33
C LYS A 31 45.86 3.13 -29.23
N PRO A 32 44.84 3.92 -29.52
CA PRO A 32 45.07 5.15 -30.30
C PRO A 32 45.87 6.13 -29.46
N ASP A 33 46.78 6.85 -30.12
CA ASP A 33 47.61 7.84 -29.44
C ASP A 33 47.84 9.04 -30.35
N ALA A 34 46.82 9.45 -31.10
CA ALA A 34 46.93 10.60 -31.98
C ALA A 34 46.96 11.89 -31.17
N SER A 35 47.93 12.77 -31.47
CA SER A 35 48.05 14.00 -30.71
C SER A 35 46.77 14.84 -30.87
N VAL A 36 46.26 15.36 -29.77
CA VAL A 36 45.04 16.15 -29.83
C VAL A 36 45.36 17.55 -30.33
N ASP A 37 44.72 17.95 -31.43
CA ASP A 37 44.80 19.29 -31.96
C ASP A 37 43.49 20.00 -31.61
N LEU A 38 43.55 20.95 -30.67
CA LEU A 38 42.32 21.58 -30.18
C LEU A 38 41.60 22.35 -31.28
N ASP A 39 42.35 23.00 -32.18
CA ASP A 39 41.70 23.74 -33.26
C ASP A 39 41.03 22.80 -34.24
N ASN A 40 41.65 21.64 -34.51
CA ASN A 40 41.01 20.65 -35.36
C ASN A 40 39.73 20.13 -34.71
N PHE A 41 39.77 19.85 -33.40
CA PHE A 41 38.60 19.37 -32.68
C PHE A 41 37.43 20.34 -32.81
N LYS A 42 37.69 21.62 -32.53
CA LYS A 42 36.63 22.62 -32.59
C LYS A 42 36.05 22.73 -34.00
N ALA A 43 36.87 22.50 -35.03
CA ALA A 43 36.38 22.61 -36.41
C ALA A 43 35.48 21.43 -36.75
N ILE A 44 35.91 20.22 -36.39
CA ILE A 44 35.06 19.04 -36.50
C ILE A 44 33.72 19.30 -35.80
N SER A 45 33.77 19.86 -34.59
CA SER A 45 32.54 20.09 -33.83
C SER A 45 31.60 21.06 -34.52
N GLU A 46 32.15 22.06 -35.21
CA GLU A 46 31.29 22.98 -35.95
C GLU A 46 30.65 22.34 -37.17
N GLN A 47 31.14 21.19 -37.60
CA GLN A 47 30.60 20.46 -38.74
C GLN A 47 29.86 19.19 -38.31
N SER A 48 29.41 19.14 -37.07
CA SER A 48 28.77 17.93 -36.61
C SER A 48 27.33 17.87 -37.12
N PRO A 49 26.80 16.67 -37.37
CA PRO A 49 25.50 16.54 -38.05
C PRO A 49 24.29 16.83 -37.17
N ALA A 50 24.46 17.36 -35.96
CA ALA A 50 23.33 17.70 -35.12
C ALA A 50 23.65 19.01 -34.42
N GLU A 51 22.63 19.86 -34.26
CA GLU A 51 22.83 21.22 -33.81
C GLU A 51 22.83 21.30 -32.28
N PHE A 52 23.69 22.17 -31.74
CA PHE A 52 23.74 22.46 -30.31
C PHE A 52 22.80 23.61 -29.98
N GLY A 53 21.94 23.41 -28.98
CA GLY A 53 21.10 24.49 -28.50
C GLY A 53 21.84 25.54 -27.70
N ILE A 54 22.95 25.15 -27.07
CA ILE A 54 23.81 26.05 -26.31
C ILE A 54 25.27 25.69 -26.61
N ASP A 55 26.14 26.66 -26.37
CA ASP A 55 27.58 26.50 -26.57
C ASP A 55 28.38 26.54 -25.28
N SER A 56 27.75 26.86 -24.14
CA SER A 56 28.48 26.99 -22.89
C SER A 56 29.10 25.68 -22.43
N CYS A 57 28.56 24.55 -22.89
CA CYS A 57 29.06 23.21 -22.58
C CYS A 57 29.96 22.67 -23.68
N ARG A 58 30.55 23.56 -24.48
CA ARG A 58 31.40 23.16 -25.59
C ARG A 58 32.82 23.61 -25.35
N VAL A 59 33.76 22.94 -26.02
CA VAL A 59 35.18 23.24 -25.87
C VAL A 59 35.45 24.70 -26.24
N LYS A 60 34.79 25.20 -27.29
CA LYS A 60 35.08 26.55 -27.75
C LYS A 60 34.71 27.62 -26.75
N ALA A 61 33.82 27.35 -25.81
CA ALA A 61 33.42 28.34 -24.82
C ALA A 61 34.26 28.30 -23.56
N GLN A 62 35.33 27.44 -23.51
CA GLN A 62 36.12 27.30 -22.29
C GLN A 62 37.32 28.25 -22.29
N PRO A 63 37.80 28.65 -21.12
CA PRO A 63 38.96 29.56 -21.07
C PRO A 63 40.18 28.98 -21.76
N GLU A 64 41.00 29.87 -22.33
CA GLU A 64 42.23 29.42 -22.98
C GLU A 64 43.20 28.79 -22.00
N ASP A 65 43.16 29.21 -20.73
CA ASP A 65 44.08 28.64 -19.75
C ASP A 65 43.70 27.23 -19.33
N ARG A 66 42.57 26.71 -19.82
CA ARG A 66 42.17 25.33 -19.56
C ARG A 66 42.49 24.40 -20.73
N SER A 67 43.11 24.94 -21.79
CA SER A 67 43.29 24.18 -23.03
C SER A 67 44.15 22.94 -22.84
N ASP A 68 45.18 23.03 -21.99
CA ASP A 68 46.06 21.89 -21.80
C ASP A 68 45.31 20.72 -21.18
N ARG A 69 44.53 20.99 -20.14
CA ARG A 69 43.76 19.96 -19.48
C ARG A 69 42.68 19.39 -20.41
N ILE A 70 42.02 20.27 -21.18
CA ILE A 70 40.98 19.81 -22.09
C ILE A 70 41.55 18.87 -23.15
N ARG A 71 42.76 19.17 -23.64
CA ARG A 71 43.41 18.24 -24.56
C ARG A 71 43.57 16.86 -23.94
N GLU A 72 43.89 16.82 -22.64
CA GLU A 72 44.03 15.52 -21.98
C GLU A 72 42.66 14.86 -21.79
N GLN A 73 41.64 15.66 -21.47
CA GLN A 73 40.30 15.11 -21.30
C GLN A 73 39.82 14.43 -22.58
N ILE A 74 40.03 15.09 -23.72
CA ILE A 74 39.60 14.55 -25.01
C ILE A 74 40.24 13.19 -25.26
N ALA A 75 41.54 13.07 -24.98
CA ALA A 75 42.27 11.82 -25.18
C ALA A 75 41.97 10.80 -24.09
N SER A 76 41.26 11.18 -23.04
CA SER A 76 40.93 10.27 -21.95
C SER A 76 39.62 9.51 -22.19
N ALA A 77 38.89 9.82 -23.25
CA ALA A 77 37.57 9.26 -23.49
C ALA A 77 37.66 7.88 -24.11
N TYR A 78 36.73 6.98 -23.73
CA TYR A 78 36.61 5.71 -24.42
C TYR A 78 35.23 5.12 -24.18
N PRO A 79 34.76 4.25 -25.07
CA PRO A 79 33.65 3.35 -24.73
C PRO A 79 34.18 2.19 -23.91
N VAL A 80 33.30 1.62 -23.06
CA VAL A 80 33.72 0.55 -22.15
C VAL A 80 32.57 -0.45 -21.97
N ILE A 81 32.91 -1.74 -22.01
CA ILE A 81 31.94 -2.81 -21.75
C ILE A 81 32.55 -3.81 -20.77
N HIS A 82 31.67 -4.56 -20.11
CA HIS A 82 32.06 -5.69 -19.26
C HIS A 82 32.69 -6.81 -20.10
N GLU A 83 33.65 -7.55 -19.52
CA GLU A 83 34.18 -8.70 -20.25
C GLU A 83 33.07 -9.67 -20.66
N ARG A 84 32.02 -9.83 -19.85
CA ARG A 84 30.94 -10.72 -20.28
C ARG A 84 30.12 -10.13 -21.42
N THR A 85 29.98 -8.81 -21.45
CA THR A 85 29.33 -8.16 -22.58
C THR A 85 30.12 -8.38 -23.87
N LEU A 86 31.46 -8.30 -23.80
CA LEU A 86 32.28 -8.59 -24.98
C LEU A 86 31.97 -9.97 -25.57
N LEU A 87 31.94 -11.01 -24.71
CA LEU A 87 31.60 -12.34 -25.20
C LEU A 87 30.17 -12.41 -25.74
N LEU A 88 29.25 -11.65 -25.14
CA LEU A 88 27.90 -11.61 -25.67
C LEU A 88 27.87 -10.99 -27.07
N PHE A 89 28.61 -9.88 -27.27
CA PHE A 89 28.65 -9.26 -28.60
C PHE A 89 29.12 -10.27 -29.65
N ILE A 90 30.16 -11.04 -29.34
CA ILE A 90 30.64 -12.05 -30.28
C ILE A 90 29.56 -13.06 -30.58
N SER A 91 28.91 -13.59 -29.53
CA SER A 91 27.86 -14.59 -29.73
C SER A 91 26.70 -14.01 -30.53
N PHE A 92 26.45 -12.70 -30.41
CA PHE A 92 25.38 -12.05 -31.19
C PHE A 92 25.71 -12.07 -32.68
N LEU A 93 26.96 -11.71 -33.01
CA LEU A 93 27.39 -11.75 -34.40
C LEU A 93 27.24 -13.16 -34.98
N GLU A 94 27.71 -14.17 -34.23
CA GLU A 94 27.53 -15.55 -34.68
C GLU A 94 26.05 -15.88 -34.90
N HIS A 95 25.19 -15.49 -33.95
CA HIS A 95 23.77 -15.79 -34.11
C HIS A 95 23.19 -15.13 -35.36
N LYS A 96 23.55 -13.87 -35.66
CA LYS A 96 22.89 -13.19 -36.77
C LYS A 96 23.43 -13.66 -38.11
N LEU A 97 24.69 -14.09 -38.16
CA LEU A 97 25.23 -14.63 -39.40
C LEU A 97 24.60 -15.97 -39.75
N THR A 98 24.01 -16.65 -38.77
CA THR A 98 23.38 -17.95 -38.97
C THR A 98 21.88 -17.87 -39.12
N PHE A 99 21.24 -16.92 -38.41
CA PHE A 99 19.80 -16.85 -38.30
C PHE A 99 19.22 -15.53 -38.75
N GLY A 100 20.06 -14.53 -39.03
CA GLY A 100 19.54 -13.22 -39.38
C GLY A 100 18.88 -13.18 -40.74
N SER A 101 18.32 -12.03 -41.06
CA SER A 101 17.77 -11.83 -42.40
C SER A 101 18.90 -11.61 -43.39
N GLU A 102 18.53 -11.63 -44.68
CA GLU A 102 19.44 -11.22 -45.72
C GLU A 102 20.06 -9.85 -45.39
N GLN A 103 19.22 -8.91 -44.94
CA GLN A 103 19.72 -7.58 -44.60
C GLN A 103 20.74 -7.62 -43.47
N GLU A 104 20.46 -8.41 -42.42
CA GLU A 104 21.40 -8.53 -41.31
C GLU A 104 22.66 -9.28 -41.73
N LYS A 105 22.50 -10.43 -42.42
CA LYS A 105 23.67 -11.21 -42.84
C LYS A 105 24.64 -10.40 -43.68
N ALA A 106 24.14 -9.46 -44.48
CA ALA A 106 24.99 -8.72 -45.41
C ALA A 106 25.76 -7.61 -44.71
N ILE A 107 25.28 -7.12 -43.59
CA ILE A 107 25.98 -6.05 -42.92
C ILE A 107 26.94 -6.60 -41.85
N TYR A 108 26.67 -7.78 -41.32
CA TYR A 108 27.57 -8.36 -40.32
C TYR A 108 28.65 -9.24 -40.94
N LYS A 109 28.56 -9.52 -42.25
CA LYS A 109 29.40 -10.54 -42.89
C LYS A 109 30.88 -10.43 -42.49
N ASP A 110 31.47 -9.24 -42.59
CA ASP A 110 32.90 -9.16 -42.31
C ASP A 110 33.19 -8.33 -41.06
N MET A 111 32.22 -8.18 -40.19
CA MET A 111 32.28 -7.20 -39.12
C MET A 111 33.00 -7.81 -37.92
N THR A 112 34.03 -7.12 -37.45
CA THR A 112 34.70 -7.51 -36.22
C THR A 112 33.92 -7.00 -35.00
N VAL A 113 34.38 -7.43 -33.82
CA VAL A 113 33.87 -6.92 -32.54
C VAL A 113 33.99 -5.42 -32.47
N VAL A 114 35.19 -4.92 -32.77
CA VAL A 114 35.45 -3.48 -32.77
C VAL A 114 34.53 -2.77 -33.75
N ASP A 115 34.29 -3.37 -34.92
CA ASP A 115 33.40 -2.77 -35.92
C ASP A 115 31.96 -2.72 -35.40
N LEU A 116 31.50 -3.77 -34.72
CA LEU A 116 30.15 -3.75 -34.18
C LEU A 116 30.02 -2.63 -33.14
N VAL A 117 31.01 -2.48 -32.27
CA VAL A 117 30.99 -1.41 -31.29
C VAL A 117 30.97 -0.05 -31.99
N GLN A 118 31.83 0.14 -33.00
CA GLN A 118 31.81 1.41 -33.72
C GLN A 118 30.43 1.66 -34.33
N ARG A 119 29.76 0.60 -34.81
CA ARG A 119 28.42 0.75 -35.37
C ARG A 119 27.41 1.15 -34.29
N LEU A 120 27.49 0.53 -33.11
CA LEU A 120 26.59 0.94 -32.03
C LEU A 120 26.81 2.40 -31.64
N LEU A 121 28.05 2.91 -31.74
CA LEU A 121 28.29 4.31 -31.42
C LEU A 121 27.83 5.23 -32.55
N ALA A 122 28.20 4.89 -33.79
CA ALA A 122 28.07 5.81 -34.92
C ALA A 122 26.68 5.82 -35.54
N LYS A 123 25.95 4.73 -35.44
CA LYS A 123 24.66 4.63 -36.10
C LYS A 123 23.50 4.76 -35.14
N ARG A 124 23.79 5.04 -33.89
CA ARG A 124 22.70 5.35 -32.96
C ARG A 124 22.01 6.63 -33.43
N CYS A 125 20.79 6.84 -33.02
CA CYS A 125 20.11 8.07 -33.33
C CYS A 125 20.72 9.25 -32.57
N VAL A 126 20.42 10.46 -33.04
CA VAL A 126 20.83 11.66 -32.33
C VAL A 126 20.03 11.78 -31.04
N TRP A 127 18.70 11.71 -31.14
CA TRP A 127 17.87 11.56 -29.96
C TRP A 127 16.88 10.42 -30.21
N PHE A 128 16.34 9.92 -29.10
CA PHE A 128 15.50 8.75 -29.12
C PHE A 128 14.90 8.63 -27.74
N PHE A 129 13.65 9.10 -27.55
CA PHE A 129 13.10 9.05 -26.20
C PHE A 129 11.58 8.89 -26.24
N GLY A 130 11.05 8.42 -25.14
CA GLY A 130 9.63 8.24 -24.97
C GLY A 130 9.20 6.81 -25.26
N ALA A 131 8.07 6.42 -24.67
CA ALA A 131 7.54 5.08 -24.89
C ALA A 131 7.20 4.83 -26.35
N ASN A 132 6.98 5.88 -27.13
CA ASN A 132 6.64 5.75 -28.54
C ASN A 132 7.73 6.29 -29.47
N ASP A 133 8.98 6.24 -29.01
CA ASP A 133 10.16 6.31 -29.86
C ASP A 133 10.13 7.54 -30.78
N TYR A 134 10.16 8.72 -30.17
CA TYR A 134 10.41 9.96 -30.89
C TYR A 134 11.90 10.05 -31.20
N TYR A 135 12.27 10.25 -32.47
CA TYR A 135 13.66 10.07 -32.88
C TYR A 135 14.11 11.12 -33.89
N ARG A 136 15.43 11.35 -33.91
CA ARG A 136 16.10 12.00 -35.03
C ARG A 136 17.31 11.16 -35.43
N THR A 137 17.31 10.67 -36.67
CA THR A 137 18.45 9.89 -37.16
C THR A 137 19.63 10.80 -37.49
N MET A 138 20.79 10.15 -37.70
CA MET A 138 21.99 10.87 -38.12
C MET A 138 21.77 11.61 -39.45
N GLN A 139 20.86 11.12 -40.29
CA GLN A 139 20.52 11.76 -41.56
C GLN A 139 19.41 12.81 -41.41
N GLY A 140 19.04 13.13 -40.18
CA GLY A 140 18.10 14.21 -39.93
C GLY A 140 16.63 13.85 -40.00
N ASN A 141 16.28 12.61 -40.33
CA ASN A 141 14.87 12.21 -40.33
C ASN A 141 14.31 12.17 -38.91
N ILE A 142 13.11 12.71 -38.75
CA ILE A 142 12.42 12.80 -37.46
C ILE A 142 11.07 12.11 -37.56
N GLY A 143 10.68 11.39 -36.51
CA GLY A 143 9.45 10.63 -36.55
C GLY A 143 9.18 9.95 -35.24
N ASN A 144 8.16 9.10 -35.24
CA ASN A 144 7.81 8.26 -34.10
C ASN A 144 7.72 6.82 -34.57
N GLU A 145 8.36 5.92 -33.83
CA GLU A 145 8.22 4.48 -34.00
C GLU A 145 8.76 4.00 -35.34
N GLY A 146 8.58 2.70 -35.63
CA GLY A 146 9.12 2.04 -36.81
C GLY A 146 10.41 1.28 -36.59
N PHE A 147 10.97 1.26 -35.38
CA PHE A 147 12.24 0.57 -35.23
C PHE A 147 12.09 -0.93 -35.17
N GLU A 148 10.90 -1.44 -34.81
CA GLU A 148 10.70 -2.90 -34.79
C GLU A 148 11.00 -3.53 -36.16
N ALA A 149 10.79 -2.83 -37.27
CA ALA A 149 10.99 -3.41 -38.60
C ALA A 149 12.44 -3.36 -39.08
N VAL A 150 13.30 -2.60 -38.40
CA VAL A 150 14.68 -2.43 -38.84
C VAL A 150 15.38 -3.77 -38.92
N GLY A 151 16.09 -4.00 -40.02
CA GLY A 151 16.86 -5.22 -40.20
C GLY A 151 16.04 -6.42 -40.56
N THR A 152 14.80 -6.24 -40.97
CA THR A 152 13.89 -7.27 -41.43
C THR A 152 13.51 -6.95 -42.88
N PRO A 153 12.95 -7.90 -43.62
CA PRO A 153 12.61 -7.63 -45.02
C PRO A 153 11.50 -6.62 -45.19
N ALA A 154 10.86 -6.19 -44.11
CA ALA A 154 9.88 -5.11 -44.14
C ALA A 154 10.46 -3.77 -43.72
N GLU A 155 11.78 -3.69 -43.51
CA GLU A 155 12.38 -2.41 -43.21
C GLU A 155 12.21 -1.45 -44.39
N LYS A 156 12.10 -0.16 -44.09
CA LYS A 156 11.95 0.83 -45.14
C LYS A 156 12.58 2.14 -44.70
N GLU A 157 13.00 2.94 -45.69
CA GLU A 157 13.55 4.27 -45.45
C GLU A 157 12.60 5.09 -44.58
N PRO A 158 13.12 5.97 -43.71
CA PRO A 158 14.56 6.15 -43.51
C PRO A 158 15.16 5.22 -42.44
N LEU A 159 14.45 4.19 -42.02
CA LEU A 159 14.87 3.35 -40.91
C LEU A 159 15.32 2.00 -41.45
N THR A 160 16.47 2.01 -42.14
CA THR A 160 17.06 0.79 -42.66
C THR A 160 18.34 0.49 -41.90
N LEU A 161 18.73 -0.79 -41.93
CA LEU A 161 19.84 -1.24 -41.11
C LEU A 161 21.12 -0.49 -41.43
N THR A 162 21.32 -0.06 -42.69
CA THR A 162 22.55 0.66 -42.99
C THR A 162 22.57 2.04 -42.33
N SER A 163 21.41 2.62 -42.01
CA SER A 163 21.30 3.96 -41.43
C SER A 163 21.14 3.96 -39.91
N VAL A 164 20.39 3.02 -39.34
CA VAL A 164 20.05 3.03 -37.91
C VAL A 164 20.22 1.63 -37.35
N LEU A 165 20.11 1.55 -36.00
CA LEU A 165 20.21 0.27 -35.29
C LEU A 165 18.87 -0.45 -35.23
N SER A 166 18.98 -1.77 -35.23
CA SER A 166 17.86 -2.67 -34.94
C SER A 166 17.58 -2.60 -33.43
N TYR A 167 16.38 -3.03 -33.03
CA TYR A 167 16.06 -3.12 -31.59
C TYR A 167 16.94 -4.19 -30.92
N ASP A 168 17.31 -5.22 -31.70
CA ASP A 168 18.22 -6.28 -31.20
C ASP A 168 19.60 -5.67 -30.90
N GLU A 169 20.01 -4.74 -31.76
CA GLU A 169 21.26 -4.05 -31.48
C GLU A 169 21.13 -3.03 -30.34
N ILE A 170 20.02 -2.30 -30.28
CA ILE A 170 19.85 -1.33 -29.21
C ILE A 170 19.87 -2.02 -27.84
N LYS A 171 19.37 -3.26 -27.78
CA LYS A 171 19.43 -4.05 -26.55
C LYS A 171 20.88 -4.35 -26.17
N LEU A 172 21.72 -4.68 -27.15
CA LEU A 172 23.17 -4.77 -26.91
C LEU A 172 23.74 -3.43 -26.43
N SER A 173 23.32 -2.34 -27.07
CA SER A 173 23.92 -1.04 -26.81
C SER A 173 23.62 -0.55 -25.40
N ALA A 174 22.59 -1.11 -24.77
CA ALA A 174 22.30 -0.79 -23.37
C ALA A 174 23.40 -1.27 -22.42
N LEU A 175 24.30 -2.11 -22.90
CA LEU A 175 25.44 -2.61 -22.14
C LEU A 175 26.75 -1.91 -22.53
N LEU A 176 26.68 -0.90 -23.39
CA LEU A 176 27.86 -0.18 -23.87
C LEU A 176 27.85 1.21 -23.25
N TYR A 177 28.87 1.51 -22.46
CA TYR A 177 28.94 2.74 -21.68
C TYR A 177 30.06 3.61 -22.19
N VAL A 178 30.04 4.90 -21.81
CA VAL A 178 31.05 5.86 -22.23
C VAL A 178 31.62 6.57 -21.00
N SER A 179 32.90 6.92 -21.09
CA SER A 179 33.59 7.53 -19.95
C SER A 179 34.66 8.49 -20.43
N CYS A 180 34.80 9.62 -19.74
CA CYS A 180 35.94 10.50 -19.97
C CYS A 180 36.13 11.42 -18.77
N HIS A 181 37.31 11.99 -18.64
CA HIS A 181 37.49 13.17 -17.81
C HIS A 181 36.90 14.38 -18.52
N SER A 182 36.37 15.33 -17.75
CA SER A 182 35.72 16.48 -18.37
C SER A 182 35.65 17.64 -17.38
N GLU A 183 35.77 18.85 -17.93
CA GLU A 183 35.42 20.06 -17.18
C GLU A 183 33.99 19.97 -16.65
N PHE A 184 33.77 20.56 -15.48
CA PHE A 184 32.43 20.78 -14.96
C PHE A 184 32.10 22.25 -15.16
N ILE A 185 30.95 22.52 -15.80
CA ILE A 185 30.51 23.88 -16.10
C ILE A 185 29.80 24.49 -14.90
N ASN A 186 28.93 23.71 -14.24
CA ASN A 186 28.17 24.13 -13.09
C ASN A 186 28.01 22.91 -12.19
N ASN A 187 27.14 22.99 -11.19
CA ASN A 187 27.00 21.86 -10.27
C ASN A 187 26.26 20.67 -10.86
N GLY A 188 25.75 20.80 -12.09
CA GLY A 188 25.12 19.66 -12.73
C GLY A 188 23.76 19.26 -12.17
N SER A 189 23.07 20.16 -11.48
CA SER A 189 21.71 19.87 -11.03
C SER A 189 20.82 19.52 -12.22
N ARG A 190 19.73 18.82 -11.90
CA ARG A 190 18.72 18.46 -12.90
C ARG A 190 18.31 19.66 -13.75
N VAL A 191 18.21 20.84 -13.14
CA VAL A 191 17.67 22.02 -13.83
C VAL A 191 18.77 23.01 -14.21
N ASN A 192 20.04 22.57 -14.23
CA ASN A 192 21.11 23.53 -14.51
C ASN A 192 20.94 24.20 -15.87
N GLY A 193 20.42 23.49 -16.87
CA GLY A 193 20.18 24.09 -18.17
C GLY A 193 21.36 24.75 -18.83
N GLY A 194 22.59 24.37 -18.48
CA GLY A 194 23.76 24.97 -19.09
C GLY A 194 24.20 26.30 -18.51
N GLU A 195 23.64 26.73 -17.38
CA GLU A 195 24.01 28.02 -16.81
C GLU A 195 25.52 28.09 -16.55
N VAL A 196 26.07 29.30 -16.71
CA VAL A 196 27.47 29.57 -16.39
C VAL A 196 27.53 30.28 -15.04
N LEU A 197 28.55 29.97 -14.25
CA LEU A 197 28.73 30.54 -12.93
C LEU A 197 29.73 31.70 -12.97
N GLN A 198 29.62 32.61 -11.99
CA GLN A 198 30.58 33.70 -11.90
C GLN A 198 31.97 33.17 -11.61
N ASN A 199 32.06 32.15 -10.75
CA ASN A 199 33.30 31.46 -10.46
C ASN A 199 32.96 30.05 -9.98
N LYS A 200 33.96 29.17 -9.97
CA LYS A 200 33.71 27.78 -9.65
C LYS A 200 34.06 27.44 -8.19
N ASP A 201 33.93 28.43 -7.29
CA ASP A 201 34.24 28.20 -5.87
C ASP A 201 33.36 27.14 -5.23
N THR A 202 32.14 26.93 -5.75
CA THR A 202 31.20 26.00 -5.13
C THR A 202 31.22 24.61 -5.75
N ILE A 203 32.00 24.37 -6.80
CA ILE A 203 31.94 23.12 -7.54
C ILE A 203 33.34 22.55 -7.72
N GLU A 204 33.40 21.24 -7.99
CA GLU A 204 34.62 20.66 -8.54
C GLU A 204 34.83 21.17 -9.95
N ARG A 205 36.09 21.42 -10.32
CA ARG A 205 36.39 21.99 -11.61
C ARG A 205 36.33 20.97 -12.74
N GLU A 206 36.46 19.68 -12.41
CA GLU A 206 36.46 18.62 -13.41
C GLU A 206 36.33 17.27 -12.72
N GLY A 207 36.13 16.24 -13.52
CA GLY A 207 36.07 14.89 -13.00
C GLY A 207 35.75 13.92 -14.11
N VAL A 208 35.56 12.66 -13.71
CA VAL A 208 35.16 11.60 -14.62
C VAL A 208 33.64 11.59 -14.73
N VAL A 209 33.13 11.46 -15.95
CA VAL A 209 31.71 11.43 -16.22
C VAL A 209 31.44 10.13 -16.96
N ILE A 210 30.47 9.35 -16.47
CA ILE A 210 30.20 8.03 -17.03
C ILE A 210 28.75 7.93 -17.39
N GLY A 211 28.47 7.66 -18.67
CA GLY A 211 27.13 7.38 -19.14
C GLY A 211 26.75 5.92 -19.03
N LEU A 212 25.88 5.61 -18.08
CA LEU A 212 25.37 4.27 -17.85
C LEU A 212 23.92 4.21 -18.30
N ILE A 213 23.41 3.02 -18.52
CA ILE A 213 22.10 2.84 -19.12
C ILE A 213 21.34 1.80 -18.32
N GLY A 214 20.17 2.18 -17.82
CA GLY A 214 19.33 1.27 -17.10
C GLY A 214 18.48 0.42 -18.02
N ALA A 215 17.66 -0.42 -17.41
CA ALA A 215 16.80 -1.32 -18.16
C ALA A 215 15.57 -0.56 -18.65
N ARG A 216 15.12 -0.87 -19.86
CA ARG A 216 13.98 -0.17 -20.44
C ARG A 216 12.84 -1.15 -20.67
N PHE A 217 11.67 -0.85 -20.08
CA PHE A 217 10.47 -1.66 -20.20
C PHE A 217 9.31 -0.91 -20.82
N GLU A 218 9.51 0.36 -21.21
CA GLU A 218 8.46 1.20 -21.81
C GLU A 218 7.81 0.54 -23.01
N ARG A 219 8.59 -0.22 -23.75
CA ARG A 219 8.27 -0.63 -25.11
C ARG A 219 8.15 -2.14 -25.07
N PRO A 220 6.95 -2.69 -25.28
CA PRO A 220 6.78 -4.14 -25.09
C PRO A 220 7.67 -4.93 -26.03
N ASP A 221 8.07 -6.12 -25.56
CA ASP A 221 8.68 -7.19 -26.34
C ASP A 221 10.07 -6.85 -26.90
N VAL A 222 10.70 -5.78 -26.44
CA VAL A 222 12.05 -5.41 -26.86
C VAL A 222 12.88 -5.06 -25.62
N MET A 223 14.18 -4.91 -25.82
CA MET A 223 15.10 -4.50 -24.75
C MET A 223 14.98 -5.46 -23.56
N GLU A 224 15.25 -4.97 -22.35
CA GLU A 224 15.32 -5.81 -21.14
C GLU A 224 13.97 -6.44 -20.79
N TYR A 225 12.89 -5.88 -21.33
CA TYR A 225 11.57 -6.49 -21.24
C TYR A 225 11.60 -7.94 -21.68
N GLN A 226 12.42 -8.27 -22.71
CA GLN A 226 12.47 -9.65 -23.21
C GLN A 226 12.98 -10.63 -22.16
N ASP A 227 13.85 -10.17 -21.26
CA ASP A 227 14.55 -11.03 -20.30
C ASP A 227 13.94 -11.03 -18.92
N ILE A 228 13.32 -9.92 -18.54
CA ILE A 228 13.01 -9.63 -17.15
C ILE A 228 11.49 -9.58 -16.99
N MET A 229 10.78 -9.16 -18.03
CA MET A 229 9.32 -9.09 -17.99
C MET A 229 8.74 -10.39 -18.55
N ILE A 230 7.73 -10.92 -17.87
CA ILE A 230 7.05 -12.14 -18.27
C ILE A 230 5.59 -11.77 -18.50
N THR A 231 5.12 -11.93 -19.74
CA THR A 231 3.77 -11.49 -20.08
C THR A 231 3.10 -12.60 -20.86
N LYS A 232 1.78 -12.47 -21.01
CA LYS A 232 0.98 -13.51 -21.65
C LYS A 232 1.22 -13.58 -23.16
N THR A 233 1.49 -12.46 -23.80
CA THR A 233 1.67 -12.41 -25.25
C THR A 233 3.12 -12.56 -25.67
N GLN A 234 4.06 -12.16 -24.82
CA GLN A 234 5.46 -12.32 -25.18
C GLN A 234 5.94 -13.73 -24.85
N ASN A 235 5.64 -14.22 -23.65
CA ASN A 235 6.32 -15.42 -23.16
C ASN A 235 5.53 -16.65 -23.61
N THR A 236 5.71 -17.00 -24.89
CA THR A 236 5.04 -18.13 -25.50
C THR A 236 6.09 -19.00 -26.19
N GLU A 237 5.73 -20.27 -26.40
CA GLU A 237 6.62 -21.18 -27.12
C GLU A 237 6.92 -20.65 -28.53
N ALA A 238 5.94 -20.01 -29.17
CA ALA A 238 6.13 -19.47 -30.52
C ALA A 238 7.21 -18.40 -30.56
N ASN A 239 7.43 -17.69 -29.45
CA ASN A 239 8.44 -16.65 -29.40
C ASN A 239 9.76 -17.12 -28.79
N GLY A 240 9.93 -18.42 -28.59
CA GLY A 240 11.23 -18.98 -28.19
C GLY A 240 11.46 -19.17 -26.70
N TYR A 241 10.43 -19.12 -25.87
CA TYR A 241 10.57 -19.21 -24.43
C TYR A 241 10.29 -20.62 -23.93
N GLY A 242 10.79 -20.91 -22.72
CA GLY A 242 10.53 -22.15 -22.03
C GLY A 242 11.26 -23.38 -22.53
N PHE A 243 12.10 -23.27 -23.55
CA PHE A 243 12.76 -24.44 -24.12
C PHE A 243 13.66 -25.08 -23.06
N SER A 250 14.01 -31.88 -29.35
CA SER A 250 12.98 -32.39 -30.25
C SER A 250 12.15 -31.26 -30.86
N GLU A 251 12.72 -30.05 -30.91
CA GLU A 251 12.11 -28.90 -31.55
C GLU A 251 13.14 -28.26 -32.46
N THR A 252 12.76 -28.02 -33.71
CA THR A 252 13.64 -27.31 -34.62
C THR A 252 13.93 -25.92 -34.07
N VAL A 253 15.18 -25.50 -34.20
CA VAL A 253 15.58 -24.20 -33.68
C VAL A 253 15.11 -23.13 -34.64
N THR A 254 14.59 -22.04 -34.09
CA THR A 254 14.16 -20.85 -34.82
C THR A 254 15.07 -19.67 -34.49
N PRO A 255 15.05 -18.60 -35.31
CA PRO A 255 15.82 -17.40 -34.95
C PRO A 255 15.48 -16.84 -33.59
N ALA A 256 14.20 -16.74 -33.26
CA ALA A 256 13.78 -16.18 -31.98
C ALA A 256 14.27 -17.04 -30.81
N SER A 257 14.15 -18.37 -30.94
CA SER A 257 14.58 -19.22 -29.83
C SER A 257 16.10 -19.22 -29.69
N ASP A 258 16.84 -19.15 -30.79
CA ASP A 258 18.28 -19.06 -30.66
C ASP A 258 18.72 -17.74 -30.02
N LEU A 259 18.06 -16.64 -30.36
CA LEU A 259 18.39 -15.37 -29.72
C LEU A 259 18.04 -15.39 -28.23
N ARG A 260 16.93 -16.04 -27.83
CA ARG A 260 16.69 -16.21 -26.39
C ARG A 260 17.84 -16.95 -25.73
N ARG A 261 18.35 -18.00 -26.38
CA ARG A 261 19.40 -18.81 -25.77
C ARG A 261 20.67 -17.99 -25.54
N ILE A 262 21.08 -17.14 -26.48
CA ILE A 262 22.33 -16.43 -26.24
C ILE A 262 22.16 -15.41 -25.12
N TRP A 263 20.97 -14.81 -24.95
CA TRP A 263 20.78 -13.91 -23.81
C TRP A 263 20.68 -14.68 -22.50
N ARG A 264 20.04 -15.86 -22.51
CA ARG A 264 20.02 -16.70 -21.31
C ARG A 264 21.43 -17.14 -20.93
N GLU A 265 22.26 -17.46 -21.91
CA GLU A 265 23.61 -17.88 -21.57
C GLU A 265 24.45 -16.71 -21.08
N PHE A 266 24.20 -15.50 -21.60
CA PHE A 266 24.82 -14.30 -21.06
C PHE A 266 24.52 -14.14 -19.57
N TYR A 267 23.26 -14.28 -19.20
CA TYR A 267 22.85 -14.17 -17.80
C TYR A 267 23.09 -15.46 -17.01
N GLU A 268 23.55 -16.53 -17.67
CA GLU A 268 23.71 -17.83 -17.04
C GLU A 268 22.46 -18.21 -16.26
N GLU A 269 21.31 -18.12 -16.94
CA GLU A 269 20.01 -18.60 -16.48
C GLU A 269 19.72 -19.94 -17.12
N PRO A 270 19.30 -20.97 -16.38
CA PRO A 270 19.09 -22.28 -17.01
C PRO A 270 17.78 -22.37 -17.78
N ARG A 271 16.84 -21.44 -17.56
CA ARG A 271 15.58 -21.45 -18.27
C ARG A 271 15.06 -20.02 -18.39
N ASP A 272 14.19 -19.80 -19.36
CA ASP A 272 13.26 -18.68 -19.29
C ASP A 272 11.86 -19.28 -19.32
N PHE A 273 10.83 -18.44 -19.30
CA PHE A 273 9.54 -18.89 -18.83
C PHE A 273 8.46 -18.68 -19.87
N ILE A 274 7.59 -19.69 -20.01
CA ILE A 274 6.23 -19.50 -20.50
C ILE A 274 5.39 -18.92 -19.36
N TYR A 275 4.56 -17.92 -19.70
CA TYR A 275 3.77 -17.18 -18.72
C TYR A 275 3.08 -18.12 -17.72
N ALA A 276 2.28 -19.07 -18.21
CA ALA A 276 1.52 -19.94 -17.33
C ALA A 276 2.39 -20.88 -16.50
N ASP A 277 3.69 -20.97 -16.80
CA ASP A 277 4.63 -21.89 -16.14
C ASP A 277 5.45 -21.20 -15.05
N THR A 278 5.26 -19.91 -14.86
CA THR A 278 6.07 -19.15 -13.91
C THR A 278 5.77 -19.61 -12.49
N PRO A 279 6.79 -19.87 -11.66
CA PRO A 279 6.54 -20.25 -10.26
C PRO A 279 5.82 -19.15 -9.49
N TYR A 280 5.10 -19.58 -8.44
CA TYR A 280 4.45 -18.65 -7.51
C TYR A 280 5.46 -18.36 -6.41
N ASP A 281 6.17 -17.22 -6.52
CA ASP A 281 7.32 -16.98 -5.65
C ASP A 281 7.60 -15.48 -5.63
N THR A 282 7.15 -14.81 -4.57
CA THR A 282 7.27 -13.36 -4.49
C THR A 282 8.65 -12.89 -4.04
N THR A 283 9.53 -13.79 -3.59
CA THR A 283 10.89 -13.33 -3.35
C THR A 283 11.60 -13.03 -4.66
N ARG A 284 11.19 -13.66 -5.76
CA ARG A 284 11.77 -13.44 -7.06
C ARG A 284 10.87 -12.66 -8.01
N PHE A 285 9.57 -12.94 -8.03
CA PHE A 285 8.67 -12.38 -9.01
C PHE A 285 7.73 -11.36 -8.38
N GLU A 286 7.53 -10.24 -9.07
CA GLU A 286 6.64 -9.18 -8.64
C GLU A 286 5.57 -8.99 -9.70
N GLU A 287 4.31 -8.97 -9.29
CA GLU A 287 3.23 -8.71 -10.23
C GLU A 287 3.20 -7.22 -10.57
N VAL A 288 3.16 -6.91 -11.86
CA VAL A 288 3.11 -5.54 -12.34
C VAL A 288 2.03 -5.47 -13.41
N SER A 289 1.81 -4.28 -13.95
CA SER A 289 0.67 -4.12 -14.85
C SER A 289 0.86 -4.95 -16.12
N GLN A 290 2.10 -5.09 -16.61
CA GLN A 290 2.36 -5.84 -17.84
C GLN A 290 2.32 -7.35 -17.65
N GLY A 291 2.46 -7.82 -16.42
CA GLY A 291 2.58 -9.23 -16.16
C GLY A 291 3.44 -9.51 -14.94
N ILE A 292 4.57 -10.18 -15.11
CA ILE A 292 5.44 -10.56 -13.99
C ILE A 292 6.83 -9.97 -14.22
N PHE A 293 7.42 -9.43 -13.15
CA PHE A 293 8.76 -8.81 -13.18
C PHE A 293 9.72 -9.72 -12.44
N ASP A 294 10.80 -10.15 -13.11
CA ASP A 294 11.76 -11.10 -12.55
C ASP A 294 12.92 -10.34 -11.92
N HIS A 295 12.89 -10.20 -10.58
CA HIS A 295 13.94 -9.43 -9.91
C HIS A 295 15.28 -10.16 -9.87
N GLN A 296 15.31 -11.48 -10.11
CA GLN A 296 16.59 -12.17 -10.15
C GLN A 296 17.39 -11.75 -11.38
N VAL A 297 16.76 -11.76 -12.57
CA VAL A 297 17.46 -11.34 -13.78
C VAL A 297 17.70 -9.83 -13.76
N MET A 298 16.79 -9.05 -13.17
CA MET A 298 17.05 -7.61 -13.01
C MET A 298 18.32 -7.35 -12.22
N ARG A 299 18.53 -8.11 -11.14
CA ARG A 299 19.72 -7.96 -10.32
C ARG A 299 20.98 -8.23 -11.15
N LYS A 300 20.93 -9.26 -12.00
CA LYS A 300 22.07 -9.61 -12.83
C LYS A 300 22.35 -8.52 -13.88
N ARG A 301 21.29 -7.96 -14.48
CA ARG A 301 21.45 -6.89 -15.46
C ARG A 301 22.07 -5.66 -14.82
N TYR A 302 21.60 -5.28 -13.62
CA TYR A 302 22.27 -4.24 -12.83
C TYR A 302 23.72 -4.58 -12.54
N ALA A 303 24.01 -5.85 -12.24
CA ALA A 303 25.36 -6.20 -11.82
C ALA A 303 26.37 -5.97 -12.95
N ILE A 304 25.96 -6.20 -14.19
CA ILE A 304 26.83 -5.89 -15.33
C ILE A 304 27.18 -4.41 -15.34
N SER A 305 26.16 -3.55 -15.21
CA SER A 305 26.43 -2.10 -15.23
C SER A 305 27.30 -1.68 -14.06
N PHE A 306 27.06 -2.26 -12.89
CA PHE A 306 27.76 -1.84 -11.68
C PHE A 306 29.20 -2.33 -11.66
N ASP A 307 29.46 -3.56 -12.14
CA ASP A 307 30.84 -4.02 -12.34
C ASP A 307 31.60 -3.09 -13.25
N THR A 308 30.99 -2.69 -14.39
CA THR A 308 31.69 -1.80 -15.31
C THR A 308 31.99 -0.48 -14.64
N LEU A 309 31.00 0.06 -13.94
CA LEU A 309 31.18 1.33 -13.24
C LEU A 309 32.29 1.23 -12.19
N LEU A 310 32.27 0.18 -11.37
CA LEU A 310 33.20 0.14 -10.24
C LEU A 310 34.62 -0.13 -10.69
N LEU A 311 34.80 -1.04 -11.66
CA LEU A 311 36.14 -1.30 -12.18
C LEU A 311 36.68 -0.08 -12.95
N GLU A 312 35.80 0.61 -13.66
CA GLU A 312 36.19 1.85 -14.34
C GLU A 312 36.61 2.92 -13.32
N ALA A 313 35.77 3.15 -12.31
CA ALA A 313 36.10 4.15 -11.30
C ALA A 313 37.40 3.82 -10.60
N GLN A 314 37.61 2.54 -10.29
CA GLN A 314 38.86 2.10 -9.65
C GLN A 314 40.07 2.43 -10.51
N ASP A 315 39.99 2.14 -11.81
CA ASP A 315 41.12 2.41 -12.69
C ASP A 315 41.39 3.91 -12.82
N ARG A 316 40.34 4.71 -13.02
CA ARG A 316 40.52 6.17 -13.09
C ARG A 316 41.13 6.72 -11.81
N ALA A 317 40.63 6.26 -10.66
CA ALA A 317 41.12 6.76 -9.38
C ALA A 317 42.57 6.36 -9.14
N PHE A 318 42.93 5.12 -9.48
CA PHE A 318 44.32 4.70 -9.32
C PHE A 318 45.26 5.57 -10.17
N LYS A 319 44.88 5.87 -11.41
CA LYS A 319 45.74 6.72 -12.24
C LYS A 319 45.72 8.18 -11.79
N ALA A 320 44.63 8.63 -11.17
CA ALA A 320 44.59 9.99 -10.63
C ALA A 320 45.32 10.13 -9.30
N GLY A 321 45.64 9.02 -8.64
CA GLY A 321 46.41 9.08 -7.41
C GLY A 321 45.62 9.46 -6.18
N LYS A 322 44.30 9.37 -6.25
CA LYS A 322 43.43 9.73 -5.13
C LYS A 322 42.21 8.82 -5.18
N PRO A 323 41.48 8.68 -4.08
CA PRO A 323 40.30 7.81 -4.08
C PRO A 323 39.15 8.42 -4.86
N ALA A 324 38.27 7.54 -5.35
CA ALA A 324 37.13 7.98 -6.15
C ALA A 324 35.96 8.29 -5.23
N TYR A 325 35.21 9.34 -5.61
CA TYR A 325 33.96 9.73 -4.97
C TYR A 325 32.87 9.51 -6.03
N ILE A 326 32.12 8.43 -5.92
CA ILE A 326 31.19 8.05 -6.98
C ILE A 326 29.81 8.64 -6.70
N HIS A 327 29.34 9.52 -7.59
CA HIS A 327 27.97 10.01 -7.57
C HIS A 327 27.11 9.01 -8.37
N VAL A 328 26.35 8.17 -7.67
CA VAL A 328 25.56 7.13 -8.29
C VAL A 328 24.12 7.60 -8.44
N VAL A 329 23.58 7.49 -9.65
CA VAL A 329 22.20 7.84 -9.91
C VAL A 329 21.43 6.56 -10.15
N GLY A 330 20.11 6.63 -9.92
CA GLY A 330 19.22 5.50 -10.13
C GLY A 330 18.89 5.24 -11.59
N ILE A 331 19.86 4.73 -12.35
CA ILE A 331 19.62 4.44 -13.76
C ILE A 331 18.45 3.49 -13.86
N GLY A 332 17.51 3.83 -14.73
CA GLY A 332 16.34 3.01 -14.91
C GLY A 332 15.23 3.22 -13.89
N LEU A 333 15.47 4.02 -12.84
CA LEU A 333 14.49 4.24 -11.78
C LEU A 333 13.72 5.56 -11.93
N GLY A 334 13.95 6.30 -13.02
CA GLY A 334 13.24 7.54 -13.22
C GLY A 334 12.08 7.35 -14.17
N VAL A 335 12.15 7.98 -15.35
CA VAL A 335 11.13 7.75 -16.36
C VAL A 335 11.05 6.28 -16.78
N TRP A 336 12.09 5.47 -16.53
CA TRP A 336 11.99 4.05 -16.88
C TRP A 336 11.57 3.13 -15.73
N LYS A 337 11.25 3.68 -14.55
CA LYS A 337 10.90 2.80 -13.43
C LYS A 337 9.74 1.90 -13.82
N ALA A 338 9.89 0.61 -13.52
CA ALA A 338 8.95 -0.41 -13.97
C ALA A 338 8.41 -1.33 -12.88
N ALA A 339 8.96 -1.31 -11.66
CA ALA A 339 8.45 -2.17 -10.61
C ALA A 339 8.69 -1.51 -9.26
N ARG A 340 7.79 -1.77 -8.31
CA ARG A 340 7.86 -1.10 -7.02
C ARG A 340 9.07 -1.54 -6.21
N GLN A 341 9.50 -2.80 -6.33
CA GLN A 341 10.70 -3.26 -5.62
C GLN A 341 11.98 -3.04 -6.43
N GLN A 342 11.93 -2.29 -7.53
CA GLN A 342 13.10 -2.22 -8.41
C GLN A 342 14.27 -1.49 -7.75
N GLU A 343 14.01 -0.38 -7.05
CA GLU A 343 15.07 0.32 -6.35
C GLU A 343 15.74 -0.56 -5.30
N ARG A 344 14.97 -1.42 -4.63
CA ARG A 344 15.59 -2.34 -3.68
C ARG A 344 16.49 -3.35 -4.40
N THR A 345 16.06 -3.88 -5.55
CA THR A 345 16.91 -4.77 -6.34
C THR A 345 18.19 -4.06 -6.78
N PHE A 346 18.05 -2.80 -7.20
CA PHE A 346 19.20 -1.96 -7.55
C PHE A 346 20.24 -1.96 -6.42
N LEU A 347 19.80 -1.64 -5.20
CA LEU A 347 20.75 -1.51 -4.10
C LEU A 347 21.27 -2.87 -3.64
N GLU A 348 20.43 -3.91 -3.67
CA GLU A 348 20.91 -5.27 -3.41
C GLU A 348 22.02 -5.65 -4.37
N SER A 349 21.82 -5.37 -5.66
CA SER A 349 22.81 -5.71 -6.66
C SER A 349 24.11 -4.94 -6.42
N PHE A 350 24.00 -3.66 -6.14
CA PHE A 350 25.19 -2.79 -5.95
C PHE A 350 25.99 -3.26 -4.72
N GLU A 351 25.33 -3.52 -3.61
CA GLU A 351 26.08 -4.06 -2.48
C GLU A 351 26.78 -5.36 -2.87
N GLY A 352 26.09 -6.21 -3.60
CA GLY A 352 26.68 -7.49 -3.96
C GLY A 352 27.98 -7.34 -4.75
N ARG A 353 28.01 -6.38 -5.66
CA ARG A 353 29.20 -6.22 -6.51
C ARG A 353 30.33 -5.52 -5.75
N LEU A 354 29.99 -4.59 -4.84
CA LEU A 354 31.01 -4.02 -3.96
C LEU A 354 31.71 -5.12 -3.17
N ARG A 355 30.95 -6.07 -2.65
CA ARG A 355 31.55 -7.12 -1.83
C ARG A 355 32.28 -8.14 -2.70
N ALA A 356 31.69 -8.51 -3.84
CA ALA A 356 32.34 -9.50 -4.71
C ALA A 356 33.66 -8.97 -5.26
N LEU A 357 33.69 -7.70 -5.68
CA LEU A 357 34.93 -7.19 -6.24
C LEU A 357 35.99 -7.00 -5.17
N GLY A 358 35.58 -6.71 -3.93
CA GLY A 358 36.48 -6.92 -2.80
C GLY A 358 37.74 -6.08 -2.88
N GLU A 359 38.88 -6.74 -2.70
CA GLU A 359 40.18 -6.07 -2.62
C GLU A 359 40.51 -5.29 -3.88
N ARG A 360 39.84 -5.56 -4.99
CA ARG A 360 40.12 -4.82 -6.22
C ARG A 360 39.79 -3.34 -6.08
N LEU A 361 38.87 -2.97 -5.19
CA LEU A 361 38.37 -1.60 -5.07
C LEU A 361 39.15 -0.79 -4.05
N SER A 362 40.48 -0.94 -4.06
CA SER A 362 41.35 -0.22 -3.13
C SER A 362 41.26 1.29 -3.28
N HIS A 363 40.89 1.79 -4.45
CA HIS A 363 40.91 3.23 -4.68
C HIS A 363 39.52 3.82 -4.82
N ILE A 364 38.51 3.16 -4.26
CA ILE A 364 37.16 3.70 -4.15
C ILE A 364 37.00 4.27 -2.75
N GLY A 365 36.66 5.56 -2.64
CA GLY A 365 36.61 6.20 -1.34
C GLY A 365 35.20 6.31 -0.78
N VAL A 366 34.29 6.84 -1.59
CA VAL A 366 32.91 7.05 -1.21
C VAL A 366 32.02 6.61 -2.37
N VAL A 367 30.97 5.87 -2.06
CA VAL A 367 29.87 5.61 -2.99
C VAL A 367 28.67 6.38 -2.47
N HIS A 368 28.22 7.37 -3.24
CA HIS A 368 27.17 8.29 -2.81
C HIS A 368 25.92 8.09 -3.68
N PHE A 369 24.92 7.44 -3.11
CA PHE A 369 23.64 7.23 -3.78
C PHE A 369 22.81 8.51 -3.65
N SER A 370 22.57 9.17 -4.79
CA SER A 370 21.92 10.47 -4.82
C SER A 370 20.54 10.35 -5.48
N TRP A 371 19.49 10.74 -4.72
CA TRP A 371 18.09 10.71 -5.13
C TRP A 371 17.57 9.28 -5.17
N PHE A 372 17.57 8.62 -4.01
CA PHE A 372 16.97 7.32 -3.81
C PHE A 372 15.90 7.41 -2.74
N HIS A 373 14.85 6.62 -2.89
CA HIS A 373 13.74 6.70 -1.96
C HIS A 373 14.01 5.84 -0.72
N LEU A 374 14.63 4.68 -0.89
CA LEU A 374 14.96 3.85 0.26
C LEU A 374 16.19 4.41 0.97
N ALA A 375 16.08 4.61 2.30
CA ALA A 375 17.23 5.02 3.06
C ALA A 375 18.20 3.86 3.32
N CYS A 376 17.70 2.62 3.38
CA CYS A 376 18.55 1.52 3.83
C CYS A 376 18.17 0.25 3.10
N VAL A 377 19.15 -0.39 2.46
CA VAL A 377 18.96 -1.73 1.91
C VAL A 377 20.20 -2.53 2.27
N GLY A 378 20.00 -3.73 2.83
CA GLY A 378 21.11 -4.52 3.30
C GLY A 378 22.00 -3.72 4.23
N SER A 379 23.28 -3.62 3.89
CA SER A 379 24.24 -2.79 4.61
C SER A 379 24.38 -1.38 4.02
N LEU A 380 23.65 -1.05 2.95
CA LEU A 380 23.82 0.25 2.31
C LEU A 380 22.86 1.23 2.98
N HIS A 381 23.40 2.10 3.82
CA HIS A 381 22.67 3.22 4.41
C HIS A 381 23.67 4.32 4.68
N ASP A 382 23.18 5.55 4.87
CA ASP A 382 24.07 6.68 4.97
C ASP A 382 25.03 6.55 6.15
N GLY A 383 26.31 6.79 5.90
CA GLY A 383 27.35 6.63 6.91
C GLY A 383 27.94 5.24 7.07
N ALA A 384 27.33 4.21 6.48
CA ALA A 384 27.88 2.87 6.58
C ALA A 384 29.26 2.80 5.90
N ILE A 385 30.04 1.78 6.29
CA ILE A 385 31.34 1.51 5.68
C ILE A 385 31.38 0.04 5.31
N ILE A 386 31.63 -0.26 4.04
CA ILE A 386 31.81 -1.63 3.58
C ILE A 386 33.29 -1.95 3.67
N PRO A 387 33.70 -2.91 4.51
CA PRO A 387 35.14 -3.17 4.67
C PRO A 387 35.73 -3.79 3.41
N VAL A 388 36.94 -3.34 3.06
CA VAL A 388 37.66 -3.86 1.90
C VAL A 388 39.02 -4.34 2.37
N ASP A 389 39.32 -5.62 2.11
CA ASP A 389 40.64 -6.18 2.42
C ASP A 389 41.75 -5.31 1.86
N LYS A 390 42.70 -4.95 2.71
CA LYS A 390 43.89 -4.18 2.38
C LYS A 390 43.57 -2.82 1.77
N HIS A 391 42.36 -2.32 1.97
CA HIS A 391 42.02 -0.96 1.52
C HIS A 391 42.84 0.06 2.32
N PRO A 392 43.49 1.03 1.67
CA PRO A 392 44.29 2.00 2.42
C PRO A 392 43.50 2.83 3.44
N GLN A 393 42.17 2.91 3.33
CA GLN A 393 41.37 3.59 4.34
C GLN A 393 40.41 2.64 5.04
N GLY A 394 40.63 1.33 4.92
CA GLY A 394 39.86 0.34 5.64
C GLY A 394 38.59 -0.13 4.95
N GLY A 395 38.01 0.69 4.07
CA GLY A 395 36.76 0.31 3.44
C GLY A 395 36.16 1.46 2.66
N ILE A 396 34.99 1.17 2.07
CA ILE A 396 34.29 2.12 1.21
C ILE A 396 33.18 2.79 2.01
N ARG A 397 33.21 4.12 2.08
CA ARG A 397 32.15 4.88 2.76
C ARG A 397 30.90 4.99 1.89
N ILE A 398 29.74 4.74 2.49
CA ILE A 398 28.45 4.82 1.82
C ILE A 398 27.72 6.08 2.28
N ARG A 399 27.18 6.85 1.32
CA ARG A 399 26.26 7.96 1.58
C ARG A 399 24.98 7.77 0.79
N ASN A 400 23.90 8.32 1.33
CA ASN A 400 22.57 8.22 0.71
C ASN A 400 21.85 9.54 1.02
N SER A 401 21.91 10.47 0.08
CA SER A 401 21.28 11.78 0.17
C SER A 401 21.45 12.50 -1.16
N VAL A 402 20.49 13.38 -1.46
CA VAL A 402 20.52 14.17 -2.70
C VAL A 402 21.72 15.11 -2.68
N ARG A 403 22.45 15.13 -3.78
CA ARG A 403 23.53 16.08 -3.98
C ARG A 403 23.54 16.46 -5.44
N ASN A 404 24.19 17.57 -5.76
CA ASN A 404 24.45 17.88 -7.16
C ASN A 404 25.78 17.26 -7.57
N PRO A 405 25.84 16.62 -8.74
CA PRO A 405 27.03 15.80 -9.05
C PRO A 405 28.32 16.58 -9.05
N GLY A 406 28.28 17.84 -9.44
CA GLY A 406 29.46 18.69 -9.48
C GLY A 406 29.75 19.46 -8.21
N ASP A 407 29.05 19.21 -7.10
CA ASP A 407 29.29 19.95 -5.86
C ASP A 407 30.74 19.80 -5.41
N LYS A 408 31.29 20.86 -4.83
CA LYS A 408 32.66 20.81 -4.32
C LYS A 408 32.78 19.72 -3.27
N LEU A 409 33.89 18.97 -3.33
CA LEU A 409 34.15 17.88 -2.40
C LEU A 409 35.01 18.39 -1.25
N THR A 410 34.66 17.97 -0.04
CA THR A 410 35.47 18.31 1.13
C THR A 410 36.70 17.40 1.25
N GLU A 411 36.62 16.19 0.73
CA GLU A 411 37.75 15.28 0.67
C GLU A 411 38.54 15.52 -0.62
N ASP A 412 39.83 15.19 -0.59
CA ASP A 412 40.63 15.21 -1.83
C ASP A 412 40.40 13.87 -2.52
N MET A 413 39.41 13.86 -3.41
CA MET A 413 38.99 12.64 -4.10
C MET A 413 38.69 12.97 -5.55
N LEU A 414 38.65 11.93 -6.37
CA LEU A 414 38.31 12.07 -7.78
C LEU A 414 36.81 11.93 -7.95
N PRO A 415 36.08 12.98 -8.31
CA PRO A 415 34.63 12.80 -8.54
C PRO A 415 34.42 11.92 -9.76
N VAL A 416 33.57 10.91 -9.60
CA VAL A 416 33.16 10.01 -10.67
C VAL A 416 31.65 10.13 -10.78
N VAL A 417 31.19 10.86 -11.78
CA VAL A 417 29.79 11.23 -11.91
C VAL A 417 29.14 10.30 -12.92
N THR A 418 28.10 9.58 -12.50
CA THR A 418 27.29 8.80 -13.43
C THR A 418 26.10 9.62 -13.90
N TYR A 419 25.67 9.36 -15.14
CA TYR A 419 24.38 9.91 -15.57
C TYR A 419 23.61 8.81 -16.32
N ALA A 420 22.29 8.96 -16.32
CA ALA A 420 21.39 7.96 -16.89
C ALA A 420 21.26 8.19 -18.40
N TRP A 421 21.83 7.31 -19.20
CA TRP A 421 21.93 7.51 -20.64
C TRP A 421 20.90 6.59 -21.35
N ASP A 422 21.13 6.32 -22.64
CA ASP A 422 20.15 5.68 -23.53
C ASP A 422 20.91 4.94 -24.62
N GLY A 423 20.53 3.70 -24.90
CA GLY A 423 21.31 2.91 -25.85
C GLY A 423 21.18 3.34 -27.31
N ASN A 424 20.26 4.26 -27.64
CA ASN A 424 20.06 4.65 -29.03
C ASN A 424 20.11 6.16 -29.21
N ALA A 425 20.91 6.85 -28.40
CA ALA A 425 20.96 8.31 -28.45
C ALA A 425 22.37 8.79 -28.14
N LEU A 426 22.74 9.93 -28.72
CA LEU A 426 23.98 10.57 -28.35
C LEU A 426 23.88 11.04 -26.89
N PRO A 427 25.02 11.18 -26.22
CA PRO A 427 25.01 11.72 -24.85
C PRO A 427 24.22 13.02 -24.77
N GLY A 428 23.33 13.09 -23.77
CA GLY A 428 22.39 14.19 -23.64
C GLY A 428 21.01 13.90 -24.18
N ASN A 429 20.91 12.98 -25.15
CA ASN A 429 19.64 12.59 -25.78
C ASN A 429 18.78 13.80 -26.16
N GLU A 430 17.67 14.04 -25.43
CA GLU A 430 16.76 15.12 -25.80
C GLU A 430 17.43 16.49 -25.73
N PHE A 431 18.62 16.57 -25.14
CA PHE A 431 19.46 17.75 -25.27
C PHE A 431 19.55 18.21 -26.72
N TRP A 432 19.69 17.25 -27.64
CA TRP A 432 19.82 17.57 -29.05
C TRP A 432 18.49 18.00 -29.68
N ALA A 433 17.37 17.77 -29.00
CA ALA A 433 16.10 18.35 -29.38
C ALA A 433 15.85 19.69 -28.70
N ASN A 434 16.89 20.28 -28.10
CA ASN A 434 16.84 21.56 -27.40
C ASN A 434 15.98 21.50 -26.13
N MET A 435 15.74 20.30 -25.59
CA MET A 435 15.12 20.16 -24.29
C MET A 435 16.23 20.05 -23.26
N LEU A 436 16.68 21.21 -22.79
CA LEU A 436 17.87 21.30 -21.95
C LEU A 436 17.58 20.93 -20.51
N ILE A 437 16.32 21.00 -20.08
CA ILE A 437 15.93 20.62 -18.73
C ILE A 437 14.85 19.58 -18.88
N SER A 438 15.14 18.35 -18.49
CA SER A 438 14.21 17.25 -18.65
C SER A 438 14.57 16.11 -17.71
N THR A 439 15.49 15.25 -18.14
CA THR A 439 15.95 14.11 -17.36
C THR A 439 17.42 14.31 -17.00
N GLY A 440 18.00 13.31 -16.34
CA GLY A 440 19.41 13.37 -16.04
C GLY A 440 20.30 13.53 -17.26
N ASP A 441 19.87 12.98 -18.41
CA ASP A 441 20.72 12.96 -19.61
C ASP A 441 21.04 14.36 -20.13
N PRO A 442 20.06 15.22 -20.45
CA PRO A 442 20.43 16.59 -20.87
C PRO A 442 21.12 17.38 -19.77
N ALA A 443 20.77 17.14 -18.50
CA ALA A 443 21.46 17.83 -17.41
C ALA A 443 22.96 17.51 -17.44
N ALA A 444 23.32 16.25 -17.73
CA ALA A 444 24.74 15.91 -17.80
C ALA A 444 25.41 16.58 -18.99
N ALA A 445 24.74 16.56 -20.15
CA ALA A 445 25.32 17.21 -21.31
C ALA A 445 25.49 18.71 -21.07
N CYS A 446 24.53 19.32 -20.38
CA CYS A 446 24.57 20.79 -20.22
C CYS A 446 25.64 21.25 -19.23
N SER A 447 26.07 20.39 -18.32
CA SER A 447 26.95 20.79 -17.23
C SER A 447 28.38 20.27 -17.39
N THR A 448 28.69 19.61 -18.50
CA THR A 448 30.02 19.08 -18.76
C THR A 448 30.35 19.34 -20.23
N LEU A 449 31.38 18.65 -20.74
CA LEU A 449 31.79 18.70 -22.14
C LEU A 449 31.40 17.44 -22.92
N ILE A 450 30.58 16.57 -22.33
CA ILE A 450 30.41 15.24 -22.95
C ILE A 450 29.69 15.32 -24.30
N SER A 451 28.95 16.40 -24.57
CA SER A 451 28.23 16.47 -25.84
C SER A 451 29.20 16.50 -27.03
N GLU A 452 30.46 16.86 -26.79
CA GLU A 452 31.55 16.66 -27.73
C GLU A 452 32.48 15.54 -27.31
N LEU A 453 32.88 15.48 -26.03
CA LEU A 453 33.96 14.58 -25.65
C LEU A 453 33.54 13.11 -25.70
N GLN A 454 32.25 12.83 -25.53
CA GLN A 454 31.73 11.47 -25.60
C GLN A 454 30.99 11.22 -26.91
N ASN A 455 31.10 12.15 -27.86
CA ASN A 455 30.37 12.10 -29.13
C ASN A 455 31.23 11.40 -30.17
N PRO A 456 30.81 10.25 -30.70
CA PRO A 456 31.64 9.55 -31.68
C PRO A 456 31.77 10.28 -33.01
N HIS A 457 30.96 11.32 -33.26
CA HIS A 457 31.05 12.11 -34.47
C HIS A 457 31.84 13.39 -34.25
N ILE A 458 32.29 13.65 -33.01
CA ILE A 458 33.09 14.83 -32.73
C ILE A 458 34.44 14.40 -32.17
N ASN A 459 34.45 13.60 -31.08
CA ASN A 459 35.70 13.03 -30.58
C ASN A 459 36.01 11.75 -31.36
N VAL A 460 36.33 11.93 -32.65
CA VAL A 460 36.43 10.79 -33.55
C VAL A 460 37.71 9.98 -33.33
N HIS A 461 38.75 10.55 -32.75
CA HIS A 461 39.96 9.77 -32.55
C HIS A 461 39.96 8.95 -31.26
N TYR A 462 39.04 9.21 -30.32
CA TYR A 462 39.04 8.51 -29.03
C TYR A 462 37.71 7.84 -28.67
N MET A 463 36.58 8.41 -29.08
CA MET A 463 35.28 7.80 -28.86
C MET A 463 34.95 6.94 -30.09
N ASN A 464 35.59 5.79 -30.17
CA ASN A 464 35.43 4.92 -31.32
C ASN A 464 35.68 3.50 -30.87
N GLY A 465 35.23 2.55 -31.71
CA GLY A 465 35.39 1.14 -31.38
C GLY A 465 36.83 0.70 -31.20
N ALA A 466 37.76 1.28 -31.95
CA ALA A 466 39.16 0.90 -31.85
C ALA A 466 39.77 1.27 -30.50
N ASN A 467 39.15 2.18 -29.76
CA ASN A 467 39.57 2.52 -28.41
C ASN A 467 38.72 1.82 -27.34
N LEU A 468 38.04 0.73 -27.69
CA LEU A 468 37.17 0.05 -26.73
C LEU A 468 37.99 -0.42 -25.53
N HIS A 469 37.47 -0.18 -24.34
CA HIS A 469 38.06 -0.74 -23.13
C HIS A 469 37.13 -1.79 -22.54
N ILE A 470 37.73 -2.69 -21.74
CA ILE A 470 37.04 -3.83 -21.17
C ILE A 470 37.20 -3.78 -19.65
N ALA A 471 36.10 -3.99 -18.94
CA ALA A 471 36.11 -4.10 -17.48
C ALA A 471 36.08 -5.60 -17.14
N SER A 472 37.19 -6.11 -16.58
CA SER A 472 37.35 -7.52 -16.27
C SER A 472 37.53 -7.70 -14.78
N VAL A 473 36.76 -8.61 -14.19
CA VAL A 473 36.91 -8.91 -12.77
C VAL A 473 38.36 -9.28 -12.46
N GLU A 474 38.93 -10.17 -13.28
CA GLU A 474 40.27 -10.67 -13.00
C GLU A 474 41.35 -9.71 -13.46
N HIS A 475 41.18 -9.06 -14.62
CA HIS A 475 42.25 -8.29 -15.25
C HIS A 475 42.07 -6.78 -15.15
N GLY A 476 41.03 -6.30 -14.47
CA GLY A 476 40.90 -4.88 -14.29
C GLY A 476 40.42 -4.20 -15.57
N LEU A 477 40.82 -2.95 -15.73
CA LEU A 477 40.27 -2.20 -16.84
C LEU A 477 41.39 -2.00 -17.85
N LEU A 478 41.16 -2.51 -19.06
CA LEU A 478 42.17 -2.61 -20.09
C LEU A 478 41.59 -2.24 -21.44
N HIS A 479 42.41 -1.63 -22.29
CA HIS A 479 42.10 -1.55 -23.70
C HIS A 479 41.89 -2.96 -24.24
N VAL A 480 40.98 -3.09 -25.20
CA VAL A 480 40.53 -4.42 -25.68
C VAL A 480 41.70 -5.24 -26.23
N GLY A 481 42.70 -4.57 -26.81
CA GLY A 481 43.87 -5.28 -27.32
C GLY A 481 44.64 -5.95 -26.20
N ASP A 482 44.97 -5.20 -25.15
CA ASP A 482 45.64 -5.79 -23.99
C ASP A 482 44.79 -6.87 -23.35
N TYR A 483 43.47 -6.66 -23.28
CA TYR A 483 42.61 -7.67 -22.66
C TYR A 483 42.63 -8.98 -23.44
N ALA A 484 42.42 -8.91 -24.76
CA ALA A 484 42.39 -10.13 -25.56
C ALA A 484 43.72 -10.87 -25.52
N ARG A 485 44.85 -10.14 -25.55
CA ARG A 485 46.14 -10.80 -25.45
C ARG A 485 46.33 -11.53 -24.14
N ARG A 486 45.70 -11.07 -23.05
CA ARG A 486 45.83 -11.78 -21.79
C ARG A 486 45.00 -13.05 -21.73
N LEU A 487 43.97 -13.16 -22.56
CA LEU A 487 43.27 -14.44 -22.71
C LEU A 487 44.14 -15.44 -23.47
N TRP B 6 -21.74 21.42 -5.35
CA TRP B 6 -21.02 22.66 -5.71
C TRP B 6 -20.55 22.59 -7.16
N PRO B 7 -20.83 23.63 -7.94
CA PRO B 7 -21.44 24.91 -7.52
C PRO B 7 -22.95 24.86 -7.36
N GLY B 8 -23.48 25.85 -6.66
CA GLY B 8 -24.92 26.00 -6.57
C GLY B 8 -25.52 26.46 -7.88
N LYS B 9 -26.85 26.37 -7.95
CA LYS B 9 -27.55 26.75 -9.16
C LYS B 9 -27.60 28.27 -9.32
N ARG B 10 -27.78 28.98 -8.22
CA ARG B 10 -27.89 30.43 -8.26
C ARG B 10 -26.51 31.08 -8.14
N THR B 11 -26.24 32.04 -9.02
CA THR B 11 -25.04 32.87 -8.98
C THR B 11 -25.44 34.30 -8.60
N ASN B 12 -24.72 34.89 -7.64
CA ASN B 12 -25.01 36.25 -7.18
C ASN B 12 -24.27 37.26 -8.04
N LEU B 13 -25.03 38.17 -8.66
CA LEU B 13 -24.48 39.29 -9.43
C LEU B 13 -23.77 40.31 -8.53
N PRO B 14 -22.46 40.47 -8.64
CA PRO B 14 -21.80 41.55 -7.91
C PRO B 14 -22.30 42.90 -8.39
N GLU B 15 -22.53 43.80 -7.44
CA GLU B 15 -23.18 45.06 -7.73
C GLU B 15 -22.19 46.19 -8.03
N ASN B 16 -20.90 45.95 -7.85
CA ASN B 16 -19.93 47.01 -8.03
C ASN B 16 -19.89 47.46 -9.49
N ALA B 17 -19.45 48.71 -9.68
CA ALA B 17 -19.55 49.36 -11.00
C ALA B 17 -18.68 48.67 -12.05
N PHE B 18 -17.50 48.17 -11.67
CA PHE B 18 -16.61 47.59 -12.66
C PHE B 18 -17.20 46.31 -13.26
N THR B 19 -17.84 45.49 -12.42
CA THR B 19 -18.49 44.27 -12.90
C THR B 19 -19.71 44.60 -13.75
N GLN B 20 -20.52 45.54 -13.30
CA GLN B 20 -21.67 45.97 -14.10
C GLN B 20 -21.24 46.47 -15.46
N ARG B 21 -20.21 47.32 -15.52
CA ARG B 21 -19.70 47.78 -16.81
C ARG B 21 -19.20 46.63 -17.68
N MET B 22 -18.47 45.68 -17.08
CA MET B 22 -17.98 44.54 -17.87
C MET B 22 -19.13 43.74 -18.45
N LEU B 23 -20.17 43.50 -17.65
CA LEU B 23 -21.32 42.73 -18.13
C LEU B 23 -22.10 43.51 -19.19
N GLN B 24 -22.21 44.83 -19.02
CA GLN B 24 -22.90 45.63 -20.03
C GLN B 24 -22.19 45.55 -21.38
N GLU B 25 -20.85 45.59 -21.36
CA GLU B 25 -20.08 45.44 -22.59
C GLU B 25 -20.36 44.09 -23.24
N CYS B 26 -20.32 43.01 -22.45
CA CYS B 26 -20.62 41.69 -22.98
C CYS B 26 -21.97 41.67 -23.65
N GLY B 27 -22.94 42.37 -23.07
CA GLY B 27 -24.28 42.43 -23.62
C GLY B 27 -24.39 43.21 -24.92
N GLN B 28 -23.31 43.85 -25.35
CA GLN B 28 -23.28 44.52 -26.65
C GLN B 28 -22.76 43.63 -27.78
N MET B 29 -22.25 42.44 -27.46
CA MET B 29 -21.72 41.50 -28.45
C MET B 29 -22.84 40.72 -29.14
N ALA B 30 -22.66 40.44 -30.43
CA ALA B 30 -23.57 39.62 -31.22
C ALA B 30 -22.79 38.42 -31.74
N LYS B 31 -23.47 37.34 -32.05
CA LYS B 31 -22.74 36.15 -32.52
C LYS B 31 -22.06 36.45 -33.86
N PRO B 32 -20.82 35.99 -34.11
CA PRO B 32 -20.28 36.12 -35.48
C PRO B 32 -21.10 35.29 -36.44
N ASP B 33 -21.14 35.73 -37.71
CA ASP B 33 -21.91 34.98 -38.70
C ASP B 33 -21.36 35.12 -40.11
N ALA B 34 -20.06 35.37 -40.24
CA ALA B 34 -19.45 35.55 -41.56
C ALA B 34 -19.43 34.22 -42.30
N SER B 35 -19.90 34.24 -43.54
CA SER B 35 -19.96 33.00 -44.33
C SER B 35 -18.57 32.41 -44.48
N VAL B 36 -18.47 31.10 -44.30
CA VAL B 36 -17.17 30.45 -44.37
C VAL B 36 -16.73 30.34 -45.83
N ASP B 37 -15.56 30.88 -46.13
CA ASP B 37 -14.94 30.75 -47.44
C ASP B 37 -13.81 29.74 -47.29
N LEU B 38 -14.01 28.55 -47.84
CA LEU B 38 -13.11 27.45 -47.52
C LEU B 38 -11.75 27.67 -48.18
N ASP B 39 -11.74 28.34 -49.33
CA ASP B 39 -10.49 28.71 -49.99
C ASP B 39 -9.70 29.73 -49.18
N ASN B 40 -10.39 30.73 -48.60
CA ASN B 40 -9.69 31.65 -47.71
C ASN B 40 -9.16 30.93 -46.46
N PHE B 41 -9.97 30.04 -45.89
CA PHE B 41 -9.53 29.31 -44.70
C PHE B 41 -8.25 28.53 -44.97
N LYS B 42 -8.21 27.78 -46.07
CA LYS B 42 -7.04 26.97 -46.39
C LYS B 42 -5.80 27.83 -46.60
N ALA B 43 -5.97 29.04 -47.14
CA ALA B 43 -4.82 29.92 -47.36
C ALA B 43 -4.31 30.49 -46.05
N ILE B 44 -5.21 30.99 -45.20
CA ILE B 44 -4.85 31.42 -43.84
C ILE B 44 -4.02 30.34 -43.17
N SER B 45 -4.46 29.08 -43.29
CA SER B 45 -3.76 27.98 -42.66
C SER B 45 -2.36 27.78 -43.26
N GLU B 46 -2.19 28.02 -44.56
CA GLU B 46 -0.86 27.96 -45.16
C GLU B 46 0.05 29.08 -44.67
N GLN B 47 -0.51 30.21 -44.21
CA GLN B 47 0.27 31.27 -43.61
C GLN B 47 0.38 31.15 -42.10
N SER B 48 0.12 29.96 -41.55
CA SER B 48 0.22 29.73 -40.12
C SER B 48 1.65 29.92 -39.63
N PRO B 49 1.86 30.64 -38.52
CA PRO B 49 3.23 30.79 -37.99
C PRO B 49 3.90 29.47 -37.69
N ALA B 50 3.19 28.52 -37.09
CA ALA B 50 3.78 27.28 -36.63
C ALA B 50 3.57 26.18 -37.67
N GLU B 51 4.57 25.32 -37.83
CA GLU B 51 4.59 24.33 -38.89
C GLU B 51 3.82 23.07 -38.48
N PHE B 52 3.11 22.48 -39.45
CA PHE B 52 2.43 21.21 -39.25
C PHE B 52 3.39 20.06 -39.57
N GLY B 53 3.35 19.01 -38.75
CA GLY B 53 4.15 17.82 -39.01
C GLY B 53 3.50 16.87 -40.00
N ILE B 54 2.17 16.78 -39.97
CA ILE B 54 1.41 16.02 -40.94
C ILE B 54 0.32 16.92 -41.50
N ASP B 55 -0.12 16.60 -42.72
CA ASP B 55 -1.21 17.31 -43.36
C ASP B 55 -2.52 16.53 -43.37
N SER B 56 -2.50 15.26 -42.97
CA SER B 56 -3.68 14.41 -43.11
C SER B 56 -4.84 14.92 -42.27
N CYS B 57 -4.53 15.63 -41.17
CA CYS B 57 -5.49 16.13 -40.21
C CYS B 57 -5.87 17.58 -40.48
N ARG B 58 -5.67 18.05 -41.71
CA ARG B 58 -5.98 19.42 -42.12
C ARG B 58 -7.08 19.43 -43.15
N VAL B 59 -7.71 20.60 -43.29
CA VAL B 59 -8.84 20.74 -44.19
C VAL B 59 -8.46 20.42 -45.64
N LYS B 60 -7.28 20.87 -46.09
CA LYS B 60 -6.90 20.66 -47.49
C LYS B 60 -6.73 19.19 -47.86
N ALA B 61 -6.51 18.31 -46.89
CA ALA B 61 -6.32 16.91 -47.19
C ALA B 61 -7.61 16.12 -47.14
N GLN B 62 -8.80 16.81 -47.05
CA GLN B 62 -10.10 16.17 -46.95
C GLN B 62 -10.75 16.09 -48.32
N PRO B 63 -11.61 15.08 -48.55
CA PRO B 63 -12.22 14.93 -49.88
C PRO B 63 -13.11 16.12 -50.22
N GLU B 64 -13.24 16.38 -51.52
CA GLU B 64 -14.01 17.54 -51.96
C GLU B 64 -15.47 17.42 -51.58
N ASP B 65 -15.99 16.20 -51.44
CA ASP B 65 -17.42 16.06 -51.16
C ASP B 65 -17.74 16.20 -49.69
N ARG B 66 -16.75 16.49 -48.84
CA ARG B 66 -17.00 16.84 -47.46
C ARG B 66 -16.96 18.35 -47.23
N SER B 67 -16.77 19.13 -48.30
CA SER B 67 -16.56 20.57 -48.17
C SER B 67 -17.72 21.27 -47.50
N ASP B 68 -18.95 20.93 -47.89
CA ASP B 68 -20.13 21.59 -47.31
C ASP B 68 -20.17 21.42 -45.80
N ARG B 69 -19.96 20.19 -45.33
CA ARG B 69 -20.06 19.95 -43.90
C ARG B 69 -18.88 20.56 -43.15
N ILE B 70 -17.69 20.57 -43.76
CA ILE B 70 -16.53 21.18 -43.12
C ILE B 70 -16.73 22.68 -42.95
N ARG B 71 -17.39 23.33 -43.92
CA ARG B 71 -17.78 24.73 -43.73
C ARG B 71 -18.65 24.89 -42.48
N GLU B 72 -19.57 23.95 -42.25
CA GLU B 72 -20.37 24.02 -41.04
C GLU B 72 -19.51 23.85 -39.81
N GLN B 73 -18.57 22.90 -39.86
CA GLN B 73 -17.71 22.62 -38.71
C GLN B 73 -16.91 23.84 -38.30
N ILE B 74 -16.27 24.51 -39.27
CA ILE B 74 -15.50 25.72 -38.99
C ILE B 74 -16.36 26.74 -38.25
N ALA B 75 -17.60 26.96 -38.71
CA ALA B 75 -18.48 27.94 -38.09
C ALA B 75 -19.08 27.44 -36.77
N SER B 76 -18.91 26.17 -36.45
CA SER B 76 -19.44 25.59 -35.24
C SER B 76 -18.52 25.76 -34.03
N ALA B 77 -17.29 26.27 -34.25
CA ALA B 77 -16.25 26.32 -33.21
C ALA B 77 -16.45 27.51 -32.28
N TYR B 78 -16.12 27.32 -31.00
CA TYR B 78 -16.09 28.45 -30.09
C TYR B 78 -15.30 28.11 -28.84
N PRO B 79 -14.76 29.11 -28.16
CA PRO B 79 -14.30 28.92 -26.78
C PRO B 79 -15.49 28.99 -25.83
N VAL B 80 -15.36 28.30 -24.69
CA VAL B 80 -16.46 28.20 -23.73
C VAL B 80 -15.89 28.17 -22.31
N ILE B 81 -16.53 28.91 -21.39
CA ILE B 81 -16.23 28.90 -19.97
C ILE B 81 -17.51 28.79 -19.17
N HIS B 82 -17.36 28.33 -17.93
CA HIS B 82 -18.44 28.32 -16.95
C HIS B 82 -18.84 29.74 -16.60
N GLU B 83 -20.13 29.91 -16.25
CA GLU B 83 -20.59 31.21 -15.80
C GLU B 83 -19.79 31.70 -14.59
N ARG B 84 -19.37 30.79 -13.71
CA ARG B 84 -18.56 31.22 -12.57
C ARG B 84 -17.16 31.62 -12.99
N THR B 85 -16.63 30.99 -14.02
CA THR B 85 -15.35 31.39 -14.58
C THR B 85 -15.42 32.80 -15.15
N LEU B 86 -16.52 33.16 -15.81
CA LEU B 86 -16.66 34.50 -16.37
C LEU B 86 -16.53 35.54 -15.28
N LEU B 87 -17.21 35.35 -14.16
CA LEU B 87 -17.13 36.29 -13.06
C LEU B 87 -15.72 36.31 -12.44
N LEU B 88 -15.06 35.15 -12.39
CA LEU B 88 -13.67 35.13 -11.94
C LEU B 88 -12.78 35.98 -12.86
N PHE B 89 -12.95 35.82 -14.19
CA PHE B 89 -12.13 36.59 -15.13
C PHE B 89 -12.29 38.09 -14.89
N ILE B 90 -13.52 38.52 -14.61
CA ILE B 90 -13.77 39.93 -14.33
C ILE B 90 -13.06 40.36 -13.06
N SER B 91 -13.15 39.53 -12.01
CA SER B 91 -12.51 39.91 -10.75
C SER B 91 -10.99 39.88 -10.87
N PHE B 92 -10.45 39.03 -11.75
CA PHE B 92 -9.00 39.02 -11.98
C PHE B 92 -8.53 40.36 -12.58
N LEU B 93 -9.26 40.84 -13.59
CA LEU B 93 -8.92 42.13 -14.20
C LEU B 93 -8.96 43.25 -13.16
N GLU B 94 -10.00 43.28 -12.33
CA GLU B 94 -10.06 44.31 -11.30
C GLU B 94 -8.90 44.17 -10.32
N HIS B 95 -8.58 42.92 -9.94
CA HIS B 95 -7.43 42.70 -9.07
C HIS B 95 -6.14 43.26 -9.68
N LYS B 96 -5.90 42.97 -10.96
CA LYS B 96 -4.62 43.36 -11.53
C LYS B 96 -4.53 44.85 -11.77
N LEU B 97 -5.65 45.50 -12.09
CA LEU B 97 -5.64 46.96 -12.22
C LEU B 97 -5.37 47.65 -10.89
N THR B 98 -5.63 46.97 -9.78
CA THR B 98 -5.44 47.53 -8.45
C THR B 98 -4.10 47.14 -7.84
N PHE B 99 -3.66 45.90 -8.08
CA PHE B 99 -2.48 45.38 -7.41
C PHE B 99 -1.38 44.94 -8.38
N GLY B 100 -1.62 44.99 -9.68
CA GLY B 100 -0.66 44.48 -10.62
C GLY B 100 0.57 45.37 -10.76
N SER B 101 1.52 44.89 -11.52
CA SER B 101 2.70 45.68 -11.85
C SER B 101 2.35 46.73 -12.91
N GLU B 102 3.30 47.65 -13.10
CA GLU B 102 3.22 48.60 -14.21
C GLU B 102 3.01 47.87 -15.52
N GLN B 103 3.75 46.78 -15.74
CA GLN B 103 3.57 45.98 -16.96
C GLN B 103 2.13 45.49 -17.08
N GLU B 104 1.59 44.92 -16.00
CA GLU B 104 0.25 44.35 -16.04
C GLU B 104 -0.81 45.43 -16.15
N LYS B 105 -0.70 46.49 -15.33
CA LYS B 105 -1.66 47.59 -15.40
C LYS B 105 -1.73 48.16 -16.81
N ALA B 106 -0.58 48.27 -17.48
CA ALA B 106 -0.54 48.84 -18.82
C ALA B 106 -1.36 48.01 -19.79
N ILE B 107 -1.24 46.69 -19.71
CA ILE B 107 -1.86 45.86 -20.73
C ILE B 107 -3.33 45.56 -20.42
N TYR B 108 -3.76 45.64 -19.15
CA TYR B 108 -5.16 45.42 -18.81
C TYR B 108 -6.00 46.70 -18.80
N LYS B 109 -5.38 47.88 -18.95
CA LYS B 109 -6.08 49.14 -18.74
C LYS B 109 -7.44 49.22 -19.44
N ASP B 110 -7.49 48.94 -20.74
CA ASP B 110 -8.77 49.08 -21.44
C ASP B 110 -9.35 47.74 -21.89
N MET B 111 -8.91 46.66 -21.25
CA MET B 111 -9.27 45.31 -21.65
C MET B 111 -10.66 44.93 -21.15
N THR B 112 -11.55 44.59 -22.07
CA THR B 112 -12.83 43.97 -21.73
C THR B 112 -12.63 42.48 -21.41
N VAL B 113 -13.68 41.87 -20.83
CA VAL B 113 -13.65 40.43 -20.57
C VAL B 113 -13.36 39.67 -21.86
N VAL B 114 -14.02 40.08 -22.95
CA VAL B 114 -13.86 39.41 -24.24
C VAL B 114 -12.43 39.57 -24.73
N ASP B 115 -11.85 40.76 -24.60
CA ASP B 115 -10.45 40.98 -24.97
C ASP B 115 -9.52 40.08 -24.16
N LEU B 116 -9.86 39.84 -22.88
CA LEU B 116 -9.01 38.97 -22.07
C LEU B 116 -9.03 37.54 -22.63
N VAL B 117 -10.22 37.03 -22.92
CA VAL B 117 -10.35 35.69 -23.51
C VAL B 117 -9.57 35.61 -24.83
N GLN B 118 -9.71 36.63 -25.67
CA GLN B 118 -8.93 36.63 -26.91
C GLN B 118 -7.43 36.56 -26.62
N ARG B 119 -6.97 37.29 -25.59
CA ARG B 119 -5.55 37.24 -25.24
C ARG B 119 -5.13 35.84 -24.76
N LEU B 120 -5.98 35.18 -23.95
CA LEU B 120 -5.64 33.83 -23.51
C LEU B 120 -5.59 32.87 -24.71
N LEU B 121 -6.41 33.10 -25.74
CA LEU B 121 -6.35 32.27 -26.94
C LEU B 121 -5.13 32.60 -27.79
N ALA B 122 -4.90 33.89 -28.04
CA ALA B 122 -3.94 34.29 -29.07
C ALA B 122 -2.51 34.43 -28.57
N LYS B 123 -2.30 34.63 -27.28
CA LYS B 123 -0.95 34.82 -26.75
C LYS B 123 -0.41 33.59 -26.03
N ARG B 124 -1.19 32.53 -26.00
CA ARG B 124 -0.66 31.27 -25.47
C ARG B 124 0.51 30.83 -26.36
N CYS B 125 1.33 29.95 -25.85
CA CYS B 125 2.44 29.43 -26.65
C CYS B 125 1.93 28.43 -27.68
N VAL B 126 2.76 28.16 -28.68
CA VAL B 126 2.45 27.13 -29.64
C VAL B 126 2.49 25.76 -28.96
N TRP B 127 3.61 25.43 -28.33
CA TRP B 127 3.66 24.30 -27.42
C TRP B 127 4.22 24.77 -26.08
N PHE B 128 4.02 23.93 -25.07
CA PHE B 128 4.35 24.25 -23.68
C PHE B 128 4.13 22.99 -22.87
N PHE B 129 5.19 22.24 -22.57
CA PHE B 129 4.98 20.96 -21.90
C PHE B 129 6.18 20.56 -21.06
N GLY B 130 5.92 19.73 -20.05
CA GLY B 130 6.92 19.24 -19.13
C GLY B 130 6.96 20.04 -17.84
N ALA B 131 7.45 19.39 -16.78
CA ALA B 131 7.59 20.07 -15.50
C ALA B 131 8.51 21.28 -15.58
N ASN B 132 9.39 21.35 -16.60
CA ASN B 132 10.32 22.46 -16.73
C ASN B 132 10.05 23.27 -18.00
N ASP B 133 8.80 23.32 -18.43
CA ASP B 133 8.30 24.39 -19.31
C ASP B 133 9.14 24.52 -20.58
N TYR B 134 9.18 23.45 -21.37
CA TYR B 134 9.71 23.51 -22.73
C TYR B 134 8.68 24.19 -23.61
N TYR B 135 9.05 25.29 -24.27
CA TYR B 135 8.06 26.12 -24.97
C TYR B 135 8.53 26.54 -26.36
N ARG B 136 7.55 26.86 -27.20
CA ARG B 136 7.75 27.70 -28.38
C ARG B 136 6.72 28.81 -28.36
N THR B 137 7.18 30.08 -28.38
CA THR B 137 6.23 31.18 -28.37
C THR B 137 5.62 31.38 -29.75
N MET B 138 4.59 32.24 -29.82
CA MET B 138 4.02 32.62 -31.12
C MET B 138 5.03 33.33 -32.01
N GLN B 139 6.08 33.95 -31.45
CA GLN B 139 7.10 34.59 -32.26
C GLN B 139 8.23 33.63 -32.64
N GLY B 140 8.10 32.35 -32.30
CA GLY B 140 9.06 31.34 -32.71
C GLY B 140 10.17 31.06 -31.72
N ASN B 141 10.25 31.78 -30.61
CA ASN B 141 11.33 31.55 -29.66
C ASN B 141 11.09 30.27 -28.87
N ILE B 142 12.17 29.48 -28.71
CA ILE B 142 12.14 28.18 -28.04
C ILE B 142 13.08 28.20 -26.84
N GLY B 143 12.65 27.55 -25.76
CA GLY B 143 13.46 27.52 -24.56
C GLY B 143 12.80 26.69 -23.48
N ASN B 144 13.38 26.77 -22.28
CA ASN B 144 12.90 26.11 -21.08
C ASN B 144 12.77 27.15 -19.98
N GLU B 145 11.61 27.19 -19.31
CA GLU B 145 11.35 28.00 -18.14
C GLU B 145 11.42 29.50 -18.45
N GLY B 146 11.37 30.33 -17.40
CA GLY B 146 11.30 31.77 -17.54
C GLY B 146 9.91 32.38 -17.35
N PHE B 147 8.86 31.57 -17.14
CA PHE B 147 7.53 32.15 -17.16
C PHE B 147 7.12 32.76 -15.82
N GLU B 148 7.79 32.40 -14.72
CA GLU B 148 7.46 33.01 -13.44
C GLU B 148 7.72 34.52 -13.45
N ALA B 149 8.69 34.98 -14.25
CA ALA B 149 8.98 36.40 -14.27
C ALA B 149 8.04 37.21 -15.14
N VAL B 150 7.23 36.55 -15.98
CA VAL B 150 6.38 37.27 -16.95
C VAL B 150 5.41 38.19 -16.23
N GLY B 151 5.33 39.44 -16.68
CA GLY B 151 4.41 40.40 -16.12
C GLY B 151 4.89 41.06 -14.84
N THR B 152 6.15 40.87 -14.49
CA THR B 152 6.77 41.48 -13.33
C THR B 152 7.86 42.42 -13.83
N PRO B 153 8.35 43.32 -12.99
CA PRO B 153 9.42 44.23 -13.45
C PRO B 153 10.67 43.50 -13.90
N ALA B 154 10.84 42.23 -13.54
CA ALA B 154 12.00 41.46 -13.97
C ALA B 154 11.75 40.68 -15.25
N GLU B 155 10.60 40.86 -15.91
CA GLU B 155 10.38 40.17 -17.18
C GLU B 155 11.42 40.60 -18.20
N LYS B 156 11.73 39.70 -19.13
CA LYS B 156 12.67 40.03 -20.18
C LYS B 156 12.33 39.26 -21.45
N GLU B 157 12.75 39.82 -22.58
CA GLU B 157 12.56 39.17 -23.86
C GLU B 157 13.18 37.78 -23.84
N PRO B 158 12.56 36.81 -24.54
CA PRO B 158 11.36 37.00 -25.34
C PRO B 158 10.06 36.69 -24.58
N LEU B 159 10.12 36.68 -23.24
CA LEU B 159 8.97 36.29 -22.44
C LEU B 159 8.43 37.50 -21.70
N THR B 160 7.98 38.51 -22.42
CA THR B 160 7.34 39.66 -21.81
C THR B 160 5.84 39.56 -22.02
N LEU B 161 5.11 40.34 -21.24
CA LEU B 161 3.67 40.17 -21.17
C LEU B 161 3.00 40.46 -22.50
N THR B 162 3.61 41.32 -23.34
CA THR B 162 2.96 41.62 -24.61
C THR B 162 3.05 40.46 -25.58
N SER B 163 3.98 39.54 -25.36
CA SER B 163 4.18 38.39 -26.25
C SER B 163 3.58 37.09 -25.71
N VAL B 164 3.63 36.86 -24.39
CA VAL B 164 3.24 35.60 -23.78
C VAL B 164 2.38 35.84 -22.53
N LEU B 165 1.76 34.76 -22.06
CA LEU B 165 0.93 34.80 -20.87
C LEU B 165 1.77 34.70 -19.59
N SER B 166 1.30 35.38 -18.56
CA SER B 166 1.86 35.23 -17.21
C SER B 166 1.33 33.91 -16.62
N TYR B 167 1.98 33.41 -15.58
CA TYR B 167 1.49 32.17 -14.91
C TYR B 167 0.14 32.45 -14.24
N ASP B 168 -0.07 33.68 -13.78
CA ASP B 168 -1.39 34.05 -13.19
C ASP B 168 -2.47 33.89 -14.28
N GLU B 169 -2.13 34.24 -15.50
CA GLU B 169 -3.06 34.13 -16.64
C GLU B 169 -3.23 32.66 -17.08
N ILE B 170 -2.14 31.91 -17.07
CA ILE B 170 -2.25 30.51 -17.53
C ILE B 170 -3.17 29.74 -16.59
N LYS B 171 -3.18 30.10 -15.30
CA LYS B 171 -4.11 29.51 -14.33
C LYS B 171 -5.56 29.83 -14.69
N LEU B 172 -5.82 31.06 -15.12
CA LEU B 172 -7.14 31.37 -15.66
C LEU B 172 -7.44 30.51 -16.87
N SER B 173 -6.45 30.35 -17.75
CA SER B 173 -6.66 29.70 -19.03
C SER B 173 -6.97 28.22 -18.86
N ALA B 174 -6.63 27.63 -17.72
CA ALA B 174 -6.97 26.24 -17.45
C ALA B 174 -8.47 26.03 -17.31
N LEU B 175 -9.24 27.10 -17.16
CA LEU B 175 -10.70 27.07 -17.10
C LEU B 175 -11.34 27.47 -18.44
N LEU B 176 -10.54 27.68 -19.48
CA LEU B 176 -11.04 28.10 -20.79
C LEU B 176 -10.91 26.94 -21.76
N TYR B 177 -12.05 26.46 -22.26
CA TYR B 177 -12.12 25.26 -23.08
C TYR B 177 -12.53 25.61 -24.51
N VAL B 178 -12.30 24.68 -25.43
CA VAL B 178 -12.61 24.90 -26.85
C VAL B 178 -13.46 23.75 -27.35
N SER B 179 -14.35 24.06 -28.31
CA SER B 179 -15.26 23.05 -28.82
C SER B 179 -15.65 23.35 -30.27
N CYS B 180 -15.81 22.30 -31.07
CA CYS B 180 -16.32 22.43 -32.42
C CYS B 180 -16.78 21.06 -32.89
N HIS B 181 -17.61 21.04 -33.94
CA HIS B 181 -17.79 19.80 -34.69
C HIS B 181 -16.57 19.58 -35.57
N SER B 182 -16.29 18.32 -35.90
CA SER B 182 -15.07 18.06 -36.66
C SER B 182 -15.15 16.70 -37.33
N GLU B 183 -14.56 16.62 -38.54
CA GLU B 183 -14.30 15.33 -39.15
C GLU B 183 -13.39 14.49 -38.25
N PHE B 184 -13.60 13.18 -38.27
CA PHE B 184 -12.69 12.23 -37.65
C PHE B 184 -11.87 11.58 -38.75
N ILE B 185 -10.54 11.61 -38.61
CA ILE B 185 -9.62 11.06 -39.60
C ILE B 185 -9.49 9.55 -39.45
N ASN B 186 -9.33 9.08 -38.21
CA ASN B 186 -9.20 7.68 -37.85
C ASN B 186 -9.86 7.52 -36.47
N ASN B 187 -9.61 6.37 -35.81
CA ASN B 187 -10.31 6.13 -34.53
C ASN B 187 -9.75 6.95 -33.39
N GLY B 188 -8.68 7.72 -33.59
CA GLY B 188 -8.23 8.60 -32.53
C GLY B 188 -7.54 7.92 -31.36
N SER B 189 -7.04 6.70 -31.54
CA SER B 189 -6.29 6.06 -30.48
C SER B 189 -5.04 6.87 -30.13
N ARG B 190 -4.49 6.61 -28.95
CA ARG B 190 -3.29 7.30 -28.48
C ARG B 190 -2.17 7.23 -29.51
N VAL B 191 -2.05 6.13 -30.24
CA VAL B 191 -0.93 5.93 -31.16
C VAL B 191 -1.31 6.16 -32.60
N ASN B 192 -2.47 6.76 -32.87
CA ASN B 192 -2.94 6.89 -34.25
C ASN B 192 -1.93 7.66 -35.10
N GLY B 193 -1.28 8.67 -34.55
CA GLY B 193 -0.22 9.39 -35.26
C GLY B 193 -0.61 9.98 -36.59
N GLY B 194 -1.89 10.18 -36.85
CA GLY B 194 -2.30 10.75 -38.13
C GLY B 194 -2.61 9.77 -39.24
N GLU B 195 -2.63 8.45 -38.97
CA GLU B 195 -2.86 7.46 -40.00
C GLU B 195 -4.16 7.69 -40.76
N VAL B 196 -4.11 7.53 -42.09
CA VAL B 196 -5.29 7.58 -42.92
C VAL B 196 -5.82 6.16 -43.12
N LEU B 197 -7.14 6.02 -43.13
CA LEU B 197 -7.79 4.72 -43.25
C LEU B 197 -8.21 4.44 -44.68
N GLN B 198 -8.21 3.15 -45.04
CA GLN B 198 -8.69 2.72 -46.34
C GLN B 198 -10.13 3.19 -46.57
N ASN B 199 -10.97 3.05 -45.55
CA ASN B 199 -12.32 3.56 -45.56
C ASN B 199 -12.79 3.70 -44.11
N LYS B 200 -13.86 4.46 -43.91
CA LYS B 200 -14.28 4.82 -42.56
C LYS B 200 -15.32 3.87 -41.98
N ASP B 201 -15.23 2.56 -42.32
CA ASP B 201 -16.25 1.60 -41.89
C ASP B 201 -16.25 1.37 -40.39
N THR B 202 -15.09 1.51 -39.73
CA THR B 202 -14.96 1.20 -38.31
C THR B 202 -15.13 2.41 -37.40
N ILE B 203 -15.33 3.62 -37.95
CA ILE B 203 -15.36 4.83 -37.13
C ILE B 203 -16.56 5.71 -37.47
N GLU B 204 -16.88 6.60 -36.52
CA GLU B 204 -17.78 7.72 -36.80
C GLU B 204 -17.11 8.70 -37.74
N ARG B 205 -17.89 9.28 -38.64
CA ARG B 205 -17.29 10.15 -39.63
C ARG B 205 -16.94 11.51 -39.05
N GLU B 206 -17.61 11.89 -37.96
CA GLU B 206 -17.46 13.22 -37.40
C GLU B 206 -18.09 13.22 -36.02
N GLY B 207 -17.90 14.34 -35.32
CA GLY B 207 -18.46 14.52 -34.00
C GLY B 207 -17.97 15.82 -33.41
N VAL B 208 -18.41 16.06 -32.19
CA VAL B 208 -17.95 17.18 -31.37
C VAL B 208 -16.65 16.79 -30.67
N VAL B 209 -15.69 17.72 -30.65
CA VAL B 209 -14.41 17.53 -29.98
C VAL B 209 -14.23 18.69 -29.01
N ILE B 210 -13.96 18.37 -27.75
CA ILE B 210 -13.87 19.38 -26.71
C ILE B 210 -12.52 19.22 -26.02
N GLY B 211 -11.71 20.28 -26.05
CA GLY B 211 -10.49 20.36 -25.27
C GLY B 211 -10.72 20.83 -23.85
N LEU B 212 -10.59 19.92 -22.89
CA LEU B 212 -10.68 20.22 -21.46
C LEU B 212 -9.28 20.18 -20.87
N ILE B 213 -9.11 20.78 -19.69
CA ILE B 213 -7.79 20.93 -19.09
C ILE B 213 -7.84 20.53 -17.62
N GLY B 214 -7.04 19.54 -17.23
CA GLY B 214 -6.98 19.16 -15.84
C GLY B 214 -6.09 20.07 -15.01
N ALA B 215 -5.98 19.74 -13.71
CA ALA B 215 -5.16 20.51 -12.80
C ALA B 215 -3.69 20.13 -12.95
N ARG B 216 -2.81 21.13 -12.83
CA ARG B 216 -1.38 20.91 -13.03
C ARG B 216 -0.63 21.19 -11.74
N PHE B 217 0.13 20.21 -11.26
CA PHE B 217 0.91 20.34 -10.03
C PHE B 217 2.39 20.17 -10.24
N GLU B 218 2.85 19.97 -11.50
CA GLU B 218 4.27 19.73 -11.78
C GLU B 218 5.15 20.86 -11.33
N ARG B 219 4.62 22.06 -11.26
CA ARG B 219 5.39 23.29 -11.14
C ARG B 219 4.98 23.95 -9.85
N PRO B 220 5.87 24.07 -8.87
CA PRO B 220 5.44 24.54 -7.55
C PRO B 220 4.94 25.97 -7.61
N ASP B 221 3.99 26.28 -6.71
CA ASP B 221 3.58 27.63 -6.41
C ASP B 221 2.88 28.35 -7.56
N VAL B 222 2.44 27.61 -8.59
CA VAL B 222 1.68 28.18 -9.70
C VAL B 222 0.54 27.22 -10.03
N MET B 223 -0.39 27.70 -10.84
CA MET B 223 -1.49 26.86 -11.34
C MET B 223 -2.32 26.33 -10.15
N GLU B 224 -2.95 25.17 -10.30
CA GLU B 224 -3.87 24.63 -9.28
C GLU B 224 -3.14 24.23 -8.00
N TYR B 225 -1.83 24.05 -8.07
CA TYR B 225 -0.99 23.88 -6.90
C TYR B 225 -1.26 24.95 -5.84
N GLN B 226 -1.54 26.18 -6.29
CA GLN B 226 -1.79 27.27 -5.35
C GLN B 226 -3.00 27.01 -4.47
N ASP B 227 -4.02 26.35 -5.00
CA ASP B 227 -5.29 26.22 -4.30
C ASP B 227 -5.50 24.85 -3.66
N ILE B 228 -4.85 23.82 -4.20
CA ILE B 228 -5.13 22.43 -3.87
C ILE B 228 -3.96 21.76 -3.16
N MET B 229 -2.73 22.22 -3.39
CA MET B 229 -1.55 21.74 -2.69
C MET B 229 -1.24 22.65 -1.51
N ILE B 230 -0.93 22.05 -0.36
CA ILE B 230 -0.52 22.75 0.83
C ILE B 230 0.88 22.28 1.19
N THR B 231 1.84 23.20 1.19
CA THR B 231 3.24 22.86 1.40
C THR B 231 3.85 23.84 2.38
N LYS B 232 4.99 23.42 2.95
CA LYS B 232 5.63 24.21 3.98
C LYS B 232 6.12 25.56 3.46
N THR B 233 6.60 25.60 2.23
CA THR B 233 7.14 26.85 1.71
C THR B 233 6.10 27.69 0.99
N GLN B 234 5.05 27.07 0.45
CA GLN B 234 4.05 27.88 -0.25
C GLN B 234 3.06 28.47 0.74
N ASN B 235 2.56 27.66 1.67
CA ASN B 235 1.43 28.06 2.49
C ASN B 235 1.94 28.77 3.75
N THR B 236 2.30 30.04 3.54
CA THR B 236 2.83 30.93 4.57
C THR B 236 2.02 32.21 4.59
N GLU B 237 2.08 32.91 5.73
CA GLU B 237 1.40 34.19 5.83
C GLU B 237 1.95 35.18 4.79
N ALA B 238 3.27 35.12 4.56
CA ALA B 238 3.92 36.04 3.62
C ALA B 238 3.44 35.84 2.18
N ASN B 239 3.06 34.61 1.83
CA ASN B 239 2.53 34.32 0.51
C ASN B 239 1.02 34.52 0.42
N GLY B 240 0.41 35.06 1.48
CA GLY B 240 -1.00 35.45 1.47
C GLY B 240 -2.00 34.41 1.93
N TYR B 241 -1.56 33.35 2.61
CA TYR B 241 -2.44 32.26 3.01
C TYR B 241 -2.93 32.44 4.44
N GLY B 242 -4.04 31.76 4.75
CA GLY B 242 -4.56 31.65 6.09
C GLY B 242 -5.34 32.84 6.61
N PHE B 243 -5.51 33.89 5.82
CA PHE B 243 -6.17 35.10 6.30
C PHE B 243 -7.61 34.81 6.71
N GLU B 251 -4.60 42.93 8.95
CA GLU B 251 -3.40 42.93 8.11
C GLU B 251 -3.63 43.73 6.83
N THR B 252 -2.66 44.59 6.48
CA THR B 252 -2.76 45.34 5.24
C THR B 252 -2.72 44.38 4.05
N VAL B 253 -3.50 44.69 3.02
CA VAL B 253 -3.63 43.79 1.88
C VAL B 253 -2.36 43.86 1.04
N THR B 254 -1.91 42.72 0.56
CA THR B 254 -0.82 42.65 -0.41
C THR B 254 -1.36 42.10 -1.73
N PRO B 255 -0.62 42.31 -2.83
CA PRO B 255 -1.05 41.69 -4.10
C PRO B 255 -1.28 40.20 -3.99
N ALA B 256 -0.38 39.47 -3.34
CA ALA B 256 -0.53 38.04 -3.23
C ALA B 256 -1.74 37.66 -2.39
N SER B 257 -2.01 38.40 -1.30
CA SER B 257 -3.16 38.04 -0.48
C SER B 257 -4.48 38.38 -1.17
N ASP B 258 -4.53 39.47 -1.94
CA ASP B 258 -5.76 39.76 -2.69
C ASP B 258 -6.00 38.73 -3.79
N LEU B 259 -4.94 38.26 -4.45
CA LEU B 259 -5.09 37.21 -5.45
C LEU B 259 -5.55 35.89 -4.80
N ARG B 260 -5.02 35.53 -3.62
CA ARG B 260 -5.60 34.38 -2.91
C ARG B 260 -7.09 34.56 -2.67
N ARG B 261 -7.52 35.77 -2.31
CA ARG B 261 -8.91 36.00 -1.95
C ARG B 261 -9.83 35.77 -3.15
N ILE B 262 -9.48 36.27 -4.33
CA ILE B 262 -10.40 36.10 -5.45
C ILE B 262 -10.47 34.64 -5.87
N TRP B 263 -9.39 33.87 -5.71
CA TRP B 263 -9.49 32.45 -6.01
C TRP B 263 -10.30 31.72 -4.94
N ARG B 264 -10.17 32.11 -3.67
CA ARG B 264 -11.02 31.52 -2.63
C ARG B 264 -12.48 31.82 -2.89
N GLU B 265 -12.77 33.04 -3.32
CA GLU B 265 -14.15 33.41 -3.52
C GLU B 265 -14.73 32.72 -4.75
N PHE B 266 -13.89 32.47 -5.76
CA PHE B 266 -14.29 31.62 -6.89
C PHE B 266 -14.72 30.24 -6.42
N TYR B 267 -13.92 29.61 -5.56
CA TYR B 267 -14.25 28.29 -5.02
C TYR B 267 -15.21 28.36 -3.84
N GLU B 268 -15.59 29.55 -3.41
CA GLU B 268 -16.45 29.76 -2.24
C GLU B 268 -15.90 28.96 -1.05
N GLU B 269 -14.59 29.09 -0.82
CA GLU B 269 -13.96 28.47 0.32
C GLU B 269 -13.83 29.49 1.42
N PRO B 270 -14.20 29.18 2.66
CA PRO B 270 -14.12 30.19 3.71
C PRO B 270 -12.69 30.51 4.14
N ARG B 271 -11.71 29.65 3.86
CA ARG B 271 -10.37 29.91 4.37
C ARG B 271 -9.32 29.24 3.50
N ASP B 272 -8.11 29.81 3.56
CA ASP B 272 -6.86 29.22 3.13
C ASP B 272 -6.19 28.52 4.30
N PHE B 273 -5.11 27.81 4.02
CA PHE B 273 -4.39 27.08 5.07
C PHE B 273 -2.92 27.48 5.09
N ILE B 274 -2.45 27.96 6.25
CA ILE B 274 -1.04 27.87 6.59
C ILE B 274 -0.73 26.40 6.87
N TYR B 275 0.41 25.93 6.36
CA TYR B 275 0.75 24.51 6.45
C TYR B 275 0.49 23.94 7.84
N ALA B 276 1.05 24.58 8.88
CA ALA B 276 0.94 24.03 10.23
C ALA B 276 -0.48 24.03 10.77
N ASP B 277 -1.40 24.80 10.15
CA ASP B 277 -2.78 24.90 10.58
C ASP B 277 -3.71 23.90 9.92
N THR B 278 -3.21 23.07 9.01
CA THR B 278 -4.08 22.16 8.27
C THR B 278 -4.68 21.13 9.22
N PRO B 279 -5.99 20.87 9.16
CA PRO B 279 -6.59 19.83 10.01
C PRO B 279 -6.07 18.43 9.67
N TYR B 280 -6.02 17.60 10.71
CA TYR B 280 -5.75 16.17 10.55
C TYR B 280 -7.05 15.51 10.12
N ASP B 281 -7.22 15.33 8.81
CA ASP B 281 -8.51 14.84 8.31
C ASP B 281 -8.22 14.15 6.97
N THR B 282 -8.03 12.82 7.04
CA THR B 282 -7.70 12.07 5.83
C THR B 282 -8.88 11.88 4.89
N THR B 283 -10.09 12.20 5.32
CA THR B 283 -11.19 12.15 4.37
C THR B 283 -11.16 13.33 3.40
N ARG B 284 -10.39 14.37 3.70
CA ARG B 284 -10.25 15.55 2.84
C ARG B 284 -8.84 15.75 2.33
N PHE B 285 -7.83 15.50 3.18
CA PHE B 285 -6.44 15.78 2.86
C PHE B 285 -5.68 14.48 2.67
N GLU B 286 -4.85 14.43 1.64
CA GLU B 286 -4.02 13.28 1.36
C GLU B 286 -2.56 13.73 1.39
N GLU B 287 -1.73 13.00 2.13
CA GLU B 287 -0.30 13.28 2.15
C GLU B 287 0.33 12.81 0.84
N VAL B 288 1.09 13.72 0.22
CA VAL B 288 1.79 13.45 -1.04
C VAL B 288 3.21 13.99 -0.88
N SER B 289 4.05 13.71 -1.87
CA SER B 289 5.47 14.05 -1.72
C SER B 289 5.68 15.53 -1.46
N GLN B 290 4.87 16.40 -2.08
CA GLN B 290 5.05 17.85 -1.94
C GLN B 290 4.51 18.41 -0.63
N GLY B 291 3.62 17.70 0.04
CA GLY B 291 2.96 18.23 1.21
C GLY B 291 1.60 17.60 1.36
N ILE B 292 0.54 18.39 1.34
CA ILE B 292 -0.83 17.92 1.55
C ILE B 292 -1.69 18.29 0.35
N PHE B 293 -2.50 17.32 -0.12
CA PHE B 293 -3.38 17.48 -1.27
C PHE B 293 -4.83 17.59 -0.80
N ASP B 294 -5.49 18.70 -1.12
CA ASP B 294 -6.85 19.02 -0.66
C ASP B 294 -7.88 18.52 -1.66
N HIS B 295 -8.44 17.34 -1.40
CA HIS B 295 -9.42 16.76 -2.29
C HIS B 295 -10.75 17.52 -2.31
N GLN B 296 -11.05 18.33 -1.30
CA GLN B 296 -12.27 19.11 -1.35
C GLN B 296 -12.20 20.14 -2.47
N VAL B 297 -11.12 20.93 -2.53
CA VAL B 297 -10.98 21.94 -3.58
C VAL B 297 -10.73 21.27 -4.95
N MET B 298 -9.99 20.15 -4.97
CA MET B 298 -9.87 19.38 -6.23
C MET B 298 -11.24 19.02 -6.80
N ARG B 299 -12.16 18.54 -5.96
CA ARG B 299 -13.49 18.19 -6.45
C ARG B 299 -14.18 19.39 -7.09
N LYS B 300 -14.02 20.57 -6.49
CA LYS B 300 -14.64 21.79 -7.00
C LYS B 300 -14.02 22.20 -8.33
N ARG B 301 -12.68 22.16 -8.42
CA ARG B 301 -12.01 22.47 -9.67
C ARG B 301 -12.46 21.53 -10.78
N TYR B 302 -12.56 20.22 -10.51
CA TYR B 302 -13.17 19.29 -11.46
C TYR B 302 -14.61 19.67 -11.79
N ALA B 303 -15.38 20.11 -10.80
CA ALA B 303 -16.80 20.38 -11.03
C ALA B 303 -16.98 21.48 -12.07
N ILE B 304 -16.11 22.51 -12.08
CA ILE B 304 -16.21 23.56 -13.09
C ILE B 304 -16.02 22.98 -14.49
N SER B 305 -15.00 22.14 -14.66
CA SER B 305 -14.75 21.51 -15.96
C SER B 305 -15.91 20.61 -16.38
N PHE B 306 -16.47 19.86 -15.44
CA PHE B 306 -17.50 18.89 -15.79
C PHE B 306 -18.83 19.57 -16.08
N ASP B 307 -19.19 20.63 -15.35
CA ASP B 307 -20.36 21.44 -15.70
C ASP B 307 -20.24 21.98 -17.12
N THR B 308 -19.08 22.55 -17.45
CA THR B 308 -18.91 23.12 -18.79
C THR B 308 -19.08 22.03 -19.83
N LEU B 309 -18.44 20.87 -19.60
CA LEU B 309 -18.55 19.77 -20.54
C LEU B 309 -19.98 19.30 -20.68
N LEU B 310 -20.67 19.09 -19.56
CA LEU B 310 -22.01 18.51 -19.62
C LEU B 310 -23.02 19.49 -20.21
N LEU B 311 -22.93 20.77 -19.85
CA LEU B 311 -23.86 21.73 -20.43
C LEU B 311 -23.56 21.93 -21.92
N GLU B 312 -22.29 21.85 -22.32
CA GLU B 312 -21.93 21.94 -23.73
C GLU B 312 -22.48 20.76 -24.52
N ALA B 313 -22.22 19.53 -24.05
CA ALA B 313 -22.71 18.33 -24.74
C ALA B 313 -24.23 18.36 -24.88
N GLN B 314 -24.93 18.79 -23.84
CA GLN B 314 -26.39 18.88 -23.90
C GLN B 314 -26.85 19.80 -25.03
N ASP B 315 -26.21 20.96 -25.17
CA ASP B 315 -26.61 21.91 -26.21
C ASP B 315 -26.30 21.38 -27.59
N ARG B 316 -25.10 20.81 -27.79
CA ARG B 316 -24.74 20.24 -29.09
C ARG B 316 -25.70 19.12 -29.49
N ALA B 317 -26.01 18.23 -28.53
CA ALA B 317 -26.89 17.10 -28.79
C ALA B 317 -28.32 17.57 -29.06
N PHE B 318 -28.79 18.57 -28.31
CA PHE B 318 -30.13 19.08 -28.58
C PHE B 318 -30.20 19.66 -29.98
N LYS B 319 -29.18 20.42 -30.40
CA LYS B 319 -29.18 20.97 -31.75
C LYS B 319 -29.03 19.89 -32.82
N ALA B 320 -28.32 18.81 -32.54
CA ALA B 320 -28.16 17.75 -33.53
C ALA B 320 -29.34 16.76 -33.55
N GLY B 321 -30.30 16.88 -32.62
CA GLY B 321 -31.48 16.07 -32.69
C GLY B 321 -31.34 14.66 -32.15
N LYS B 322 -30.30 14.39 -31.37
CA LYS B 322 -30.00 13.03 -30.94
C LYS B 322 -29.23 13.13 -29.62
N PRO B 323 -29.20 12.05 -28.84
CA PRO B 323 -28.48 12.09 -27.56
C PRO B 323 -26.98 12.07 -27.76
N ALA B 324 -26.27 12.58 -26.76
CA ALA B 324 -24.81 12.66 -26.80
C ALA B 324 -24.21 11.39 -26.28
N TYR B 325 -23.15 10.94 -26.93
CA TYR B 325 -22.30 9.85 -26.43
C TYR B 325 -20.96 10.45 -26.02
N ILE B 326 -20.73 10.64 -24.72
CA ILE B 326 -19.58 11.40 -24.27
C ILE B 326 -18.44 10.46 -23.96
N HIS B 327 -17.34 10.63 -24.71
CA HIS B 327 -16.10 9.94 -24.43
C HIS B 327 -15.30 10.77 -23.45
N VAL B 328 -15.24 10.33 -22.19
CA VAL B 328 -14.64 11.10 -21.11
C VAL B 328 -13.25 10.54 -20.85
N VAL B 329 -12.24 11.42 -20.90
CA VAL B 329 -10.87 11.03 -20.55
C VAL B 329 -10.52 11.60 -19.20
N GLY B 330 -9.52 10.95 -18.55
CA GLY B 330 -9.05 11.40 -17.24
C GLY B 330 -8.14 12.62 -17.26
N ILE B 331 -8.70 13.81 -17.48
CA ILE B 331 -7.88 15.02 -17.53
C ILE B 331 -7.16 15.18 -16.20
N GLY B 332 -5.87 15.49 -16.28
CA GLY B 332 -5.06 15.62 -15.09
C GLY B 332 -4.61 14.31 -14.47
N LEU B 333 -5.09 13.16 -14.95
CA LEU B 333 -4.75 11.87 -14.36
C LEU B 333 -3.67 11.12 -15.12
N GLY B 334 -3.09 11.73 -16.16
CA GLY B 334 -2.01 11.07 -16.86
C GLY B 334 -0.66 11.61 -16.42
N VAL B 335 0.02 12.34 -17.30
CA VAL B 335 1.30 12.94 -16.90
C VAL B 335 1.13 13.95 -15.78
N TRP B 336 -0.08 14.47 -15.55
CA TRP B 336 -0.28 15.43 -14.46
C TRP B 336 -0.80 14.81 -13.17
N LYS B 337 -0.96 13.49 -13.10
CA LYS B 337 -1.48 12.87 -11.88
C LYS B 337 -0.63 13.24 -10.68
N ALA B 338 -1.28 13.66 -9.59
CA ALA B 338 -0.58 14.16 -8.43
C ALA B 338 -0.97 13.54 -7.09
N ALA B 339 -2.00 12.70 -7.04
CA ALA B 339 -2.42 12.10 -5.78
C ALA B 339 -3.06 10.75 -6.06
N ARG B 340 -2.90 9.82 -5.11
CA ARG B 340 -3.38 8.46 -5.33
C ARG B 340 -4.90 8.38 -5.36
N GLN B 341 -5.61 9.19 -4.56
CA GLN B 341 -7.07 9.21 -4.60
C GLN B 341 -7.64 10.21 -5.62
N GLN B 342 -6.80 10.77 -6.49
CA GLN B 342 -7.28 11.84 -7.38
C GLN B 342 -8.33 11.33 -8.37
N GLU B 343 -8.12 10.14 -8.94
CA GLU B 343 -9.11 9.57 -9.84
C GLU B 343 -10.44 9.32 -9.13
N ARG B 344 -10.40 8.89 -7.86
CA ARG B 344 -11.64 8.75 -7.10
C ARG B 344 -12.35 10.09 -6.96
N THR B 345 -11.60 11.15 -6.63
CA THR B 345 -12.18 12.49 -6.54
C THR B 345 -12.77 12.94 -7.87
N PHE B 346 -12.07 12.64 -8.97
CA PHE B 346 -12.59 12.90 -10.31
C PHE B 346 -13.97 12.29 -10.48
N LEU B 347 -14.10 10.98 -10.22
CA LEU B 347 -15.38 10.31 -10.43
C LEU B 347 -16.44 10.77 -9.43
N GLU B 348 -16.06 11.06 -8.18
CA GLU B 348 -17.01 11.64 -7.23
C GLU B 348 -17.54 12.97 -7.75
N SER B 349 -16.65 13.84 -8.22
CA SER B 349 -17.09 15.14 -8.72
C SER B 349 -18.01 14.98 -9.90
N PHE B 350 -17.71 14.07 -10.81
CA PHE B 350 -18.50 13.88 -12.06
C PHE B 350 -19.90 13.35 -11.72
N GLU B 351 -19.97 12.35 -10.83
CA GLU B 351 -21.31 11.94 -10.42
C GLU B 351 -22.07 13.08 -9.79
N GLY B 352 -21.40 13.87 -8.94
CA GLY B 352 -22.09 14.98 -8.30
C GLY B 352 -22.69 15.96 -9.30
N ARG B 353 -21.98 16.24 -10.39
CA ARG B 353 -22.50 17.21 -11.35
C ARG B 353 -23.58 16.60 -12.25
N LEU B 354 -23.47 15.31 -12.59
CA LEU B 354 -24.57 14.65 -13.31
C LEU B 354 -25.88 14.78 -12.53
N ARG B 355 -25.84 14.50 -11.23
CA ARG B 355 -27.06 14.55 -10.43
C ARG B 355 -27.53 15.98 -10.19
N ALA B 356 -26.58 16.92 -10.01
CA ALA B 356 -26.98 18.30 -9.77
C ALA B 356 -27.64 18.90 -11.00
N LEU B 357 -27.08 18.65 -12.18
CA LEU B 357 -27.65 19.23 -13.39
C LEU B 357 -28.99 18.60 -13.71
N GLY B 358 -29.16 17.31 -13.38
CA GLY B 358 -30.49 16.72 -13.36
C GLY B 358 -31.22 16.79 -14.70
N GLU B 359 -32.46 17.29 -14.65
CA GLU B 359 -33.33 17.31 -15.82
C GLU B 359 -32.77 18.15 -16.96
N ARG B 360 -31.78 19.00 -16.71
CA ARG B 360 -31.17 19.76 -17.78
C ARG B 360 -30.50 18.87 -18.82
N LEU B 361 -30.16 17.64 -18.45
CA LEU B 361 -29.38 16.73 -19.30
C LEU B 361 -30.29 15.76 -20.05
N SER B 362 -31.41 16.25 -20.58
CA SER B 362 -32.34 15.41 -21.31
C SER B 362 -31.70 14.76 -22.55
N HIS B 363 -30.67 15.38 -23.12
CA HIS B 363 -30.09 14.87 -24.36
C HIS B 363 -28.70 14.27 -24.16
N ILE B 364 -28.37 13.85 -22.95
CA ILE B 364 -27.13 13.10 -22.70
C ILE B 364 -27.46 11.61 -22.73
N GLY B 365 -26.91 10.88 -23.69
CA GLY B 365 -27.30 9.49 -23.87
C GLY B 365 -26.42 8.55 -23.05
N VAL B 366 -25.12 8.63 -23.28
CA VAL B 366 -24.14 7.76 -22.63
C VAL B 366 -22.96 8.61 -22.17
N VAL B 367 -22.47 8.32 -20.96
CA VAL B 367 -21.21 8.86 -20.48
C VAL B 367 -20.24 7.69 -20.36
N HIS B 368 -19.22 7.68 -21.21
CA HIS B 368 -18.30 6.57 -21.34
C HIS B 368 -16.94 7.01 -20.79
N PHE B 369 -16.62 6.54 -19.58
CA PHE B 369 -15.31 6.78 -19.00
C PHE B 369 -14.34 5.77 -19.63
N SER B 370 -13.35 6.28 -20.37
CA SER B 370 -12.37 5.45 -21.07
C SER B 370 -10.99 5.63 -20.45
N TRP B 371 -10.36 4.50 -20.10
CA TRP B 371 -9.03 4.46 -19.50
C TRP B 371 -9.05 5.03 -18.07
N PHE B 372 -9.84 4.40 -17.22
CA PHE B 372 -9.88 4.66 -15.80
C PHE B 372 -9.49 3.40 -15.04
N HIS B 373 -8.71 3.57 -13.97
CA HIS B 373 -8.27 2.42 -13.19
C HIS B 373 -9.39 1.87 -12.31
N LEU B 374 -10.13 2.76 -11.65
CA LEU B 374 -11.23 2.33 -10.79
C LEU B 374 -12.44 1.92 -11.62
N ALA B 375 -12.96 0.71 -11.34
CA ALA B 375 -14.14 0.22 -12.06
C ALA B 375 -15.44 0.85 -11.55
N CYS B 376 -15.47 1.30 -10.30
CA CYS B 376 -16.73 1.73 -9.72
C CYS B 376 -16.48 2.77 -8.63
N VAL B 377 -17.10 3.93 -8.75
CA VAL B 377 -17.06 4.95 -7.71
C VAL B 377 -18.47 5.49 -7.55
N GLY B 378 -18.97 5.49 -6.32
CA GLY B 378 -20.35 5.88 -6.09
C GLY B 378 -21.29 4.98 -6.87
N SER B 379 -22.14 5.60 -7.68
CA SER B 379 -23.02 4.89 -8.60
C SER B 379 -22.41 4.72 -9.99
N LEU B 380 -21.18 5.17 -10.22
CA LEU B 380 -20.60 5.13 -11.56
C LEU B 380 -19.88 3.80 -11.73
N HIS B 381 -20.46 2.91 -12.54
CA HIS B 381 -19.80 1.67 -12.91
C HIS B 381 -20.42 1.22 -14.22
N ASP B 382 -19.74 0.30 -14.92
CA ASP B 382 -20.15 -0.02 -16.28
C ASP B 382 -21.54 -0.66 -16.28
N GLY B 383 -22.41 -0.13 -17.14
CA GLY B 383 -23.79 -0.55 -17.25
C GLY B 383 -24.77 0.21 -16.39
N ALA B 384 -24.31 1.05 -15.47
CA ALA B 384 -25.25 1.74 -14.62
C ALA B 384 -26.07 2.76 -15.40
N ILE B 385 -27.17 3.19 -14.79
CA ILE B 385 -28.03 4.21 -15.37
C ILE B 385 -28.30 5.23 -14.26
N ILE B 386 -28.00 6.50 -14.54
CA ILE B 386 -28.31 7.58 -13.62
C ILE B 386 -29.68 8.14 -13.99
N PRO B 387 -30.70 7.99 -13.15
CA PRO B 387 -32.04 8.48 -13.51
C PRO B 387 -32.03 9.99 -13.67
N VAL B 388 -32.74 10.46 -14.70
CA VAL B 388 -32.90 11.89 -14.96
C VAL B 388 -34.38 12.16 -15.11
N ASP B 389 -34.90 13.11 -14.33
CA ASP B 389 -36.30 13.50 -14.45
C ASP B 389 -36.61 13.92 -15.88
N LYS B 390 -37.69 13.36 -16.43
CA LYS B 390 -38.24 13.71 -17.74
C LYS B 390 -37.28 13.39 -18.87
N HIS B 391 -36.33 12.49 -18.65
CA HIS B 391 -35.37 12.12 -19.71
C HIS B 391 -36.06 11.20 -20.71
N PRO B 392 -35.91 11.47 -22.01
CA PRO B 392 -36.60 10.64 -23.01
C PRO B 392 -36.31 9.15 -22.92
N GLN B 393 -35.13 8.78 -22.44
CA GLN B 393 -34.76 7.37 -22.32
C GLN B 393 -34.61 6.94 -20.87
N GLY B 394 -35.17 7.72 -19.94
CA GLY B 394 -35.22 7.37 -18.54
C GLY B 394 -34.03 7.79 -17.71
N GLY B 395 -32.89 8.08 -18.33
CA GLY B 395 -31.67 8.32 -17.58
C GLY B 395 -30.45 8.17 -18.47
N ILE B 396 -29.30 8.42 -17.87
CA ILE B 396 -28.03 8.46 -18.59
C ILE B 396 -27.28 7.14 -18.36
N ARG B 397 -26.91 6.47 -19.44
CA ARG B 397 -26.19 5.21 -19.33
C ARG B 397 -24.71 5.47 -19.06
N ILE B 398 -24.12 4.72 -18.14
CA ILE B 398 -22.71 4.83 -17.77
C ILE B 398 -21.92 3.64 -18.33
N ARG B 399 -20.79 3.91 -19.02
CA ARG B 399 -19.80 2.89 -19.38
C ARG B 399 -18.45 3.23 -18.79
N ASN B 400 -17.68 2.19 -18.56
CA ASN B 400 -16.34 2.27 -17.98
C ASN B 400 -15.54 1.13 -18.60
N SER B 401 -14.81 1.45 -19.66
CA SER B 401 -13.94 0.53 -20.38
C SER B 401 -13.18 1.38 -21.39
N VAL B 402 -12.04 0.85 -21.80
CA VAL B 402 -11.19 1.53 -22.78
C VAL B 402 -11.84 1.46 -24.14
N ARG B 403 -11.88 2.61 -24.82
CA ARG B 403 -12.36 2.69 -26.19
C ARG B 403 -11.55 3.73 -26.93
N ASN B 404 -11.54 3.62 -28.27
CA ASN B 404 -10.97 4.70 -29.07
C ASN B 404 -12.04 5.75 -29.32
N PRO B 405 -11.72 7.03 -29.13
CA PRO B 405 -12.77 8.06 -29.14
C PRO B 405 -13.58 8.08 -30.42
N GLY B 406 -12.97 7.77 -31.56
CA GLY B 406 -13.65 7.77 -32.84
C GLY B 406 -14.32 6.46 -33.27
N ASP B 407 -14.38 5.46 -32.39
CA ASP B 407 -14.94 4.16 -32.74
C ASP B 407 -16.39 4.31 -33.17
N LYS B 408 -16.82 3.53 -34.18
CA LYS B 408 -18.21 3.58 -34.62
C LYS B 408 -19.16 3.26 -33.47
N LEU B 409 -20.24 4.05 -33.37
CA LEU B 409 -21.29 3.86 -32.37
C LEU B 409 -22.36 2.92 -32.89
N THR B 410 -22.84 2.03 -32.02
CA THR B 410 -23.93 1.15 -32.41
C THR B 410 -25.28 1.84 -32.27
N GLU B 411 -25.39 2.83 -31.38
CA GLU B 411 -26.58 3.65 -31.26
C GLU B 411 -26.42 4.92 -32.10
N ASP B 412 -27.54 5.49 -32.52
CA ASP B 412 -27.49 6.69 -33.35
C ASP B 412 -27.35 7.90 -32.44
N MET B 413 -26.10 8.24 -32.14
CA MET B 413 -25.82 9.24 -31.12
C MET B 413 -24.75 10.21 -31.61
N LEU B 414 -24.72 11.39 -30.98
CA LEU B 414 -23.72 12.40 -31.30
C LEU B 414 -22.46 12.12 -30.50
N PRO B 415 -21.37 11.68 -31.12
CA PRO B 415 -20.13 11.52 -30.37
C PRO B 415 -19.69 12.88 -29.84
N VAL B 416 -19.33 12.92 -28.57
CA VAL B 416 -18.76 14.12 -27.94
C VAL B 416 -17.46 13.64 -27.31
N VAL B 417 -16.34 13.99 -27.94
CA VAL B 417 -15.04 13.44 -27.58
C VAL B 417 -14.29 14.50 -26.81
N THR B 418 -13.86 14.18 -25.59
CA THR B 418 -13.01 15.09 -24.83
C THR B 418 -11.54 14.72 -25.06
N TYR B 419 -10.64 15.70 -24.93
CA TYR B 419 -9.21 15.39 -24.88
C TYR B 419 -8.55 16.27 -23.84
N ALA B 420 -7.41 15.79 -23.34
CA ALA B 420 -6.70 16.46 -22.25
C ALA B 420 -5.80 17.53 -22.87
N TRP B 421 -6.13 18.80 -22.62
CA TRP B 421 -5.43 19.92 -23.25
C TRP B 421 -4.52 20.62 -22.22
N ASP B 422 -4.20 21.88 -22.46
CA ASP B 422 -3.14 22.60 -21.74
C ASP B 422 -3.45 24.09 -21.84
N GLY B 423 -3.39 24.80 -20.72
CA GLY B 423 -3.81 26.19 -20.70
C GLY B 423 -2.86 27.14 -21.41
N ASN B 424 -1.67 26.68 -21.83
CA ASN B 424 -0.71 27.58 -22.47
C ASN B 424 -0.21 27.00 -23.79
N ALA B 425 -1.00 26.16 -24.45
CA ALA B 425 -0.57 25.59 -25.72
C ALA B 425 -1.72 25.54 -26.71
N LEU B 426 -1.38 25.53 -28.01
CA LEU B 426 -2.37 25.34 -29.05
C LEU B 426 -2.89 23.91 -28.99
N PRO B 427 -4.09 23.65 -29.51
CA PRO B 427 -4.60 22.27 -29.53
C PRO B 427 -3.59 21.34 -30.18
N GLY B 428 -3.29 20.24 -29.48
CA GLY B 428 -2.28 19.28 -29.90
C GLY B 428 -0.98 19.41 -29.13
N ASN B 429 -0.69 20.60 -28.61
CA ASN B 429 0.51 20.91 -27.83
C ASN B 429 1.77 20.36 -28.51
N GLU B 430 2.36 19.29 -27.97
CA GLU B 430 3.63 18.78 -28.52
C GLU B 430 3.48 18.28 -29.96
N PHE B 431 2.24 18.13 -30.44
CA PHE B 431 1.97 17.90 -31.86
C PHE B 431 2.76 18.88 -32.72
N TRP B 432 2.83 20.14 -32.28
CA TRP B 432 3.49 21.20 -33.03
C TRP B 432 5.01 21.12 -32.92
N ALA B 433 5.53 20.34 -31.97
CA ALA B 433 6.94 19.94 -31.93
C ALA B 433 7.20 18.66 -32.71
N ASN B 434 6.20 18.19 -33.47
CA ASN B 434 6.26 16.97 -34.28
C ASN B 434 6.36 15.72 -33.41
N MET B 435 5.86 15.80 -32.17
CA MET B 435 5.72 14.63 -31.29
C MET B 435 4.29 14.14 -31.47
N LEU B 436 4.09 13.39 -32.55
CA LEU B 436 2.73 13.03 -32.97
C LEU B 436 2.12 11.94 -32.11
N ILE B 437 2.95 11.16 -31.41
CA ILE B 437 2.48 10.16 -30.47
C ILE B 437 3.15 10.45 -29.15
N SER B 438 2.39 10.93 -28.16
CA SER B 438 2.91 10.85 -26.80
C SER B 438 1.81 10.95 -25.77
N THR B 439 1.02 12.03 -25.74
CA THR B 439 -0.12 12.11 -24.82
C THR B 439 -1.42 12.23 -25.62
N GLY B 440 -2.54 12.38 -24.88
CA GLY B 440 -3.83 12.51 -25.56
C GLY B 440 -3.94 13.76 -26.42
N ASP B 441 -3.20 14.80 -26.08
CA ASP B 441 -3.30 16.07 -26.81
C ASP B 441 -2.89 15.91 -28.28
N PRO B 442 -1.67 15.44 -28.62
CA PRO B 442 -1.36 15.22 -30.04
C PRO B 442 -2.20 14.14 -30.71
N ALA B 443 -2.64 13.10 -29.99
CA ALA B 443 -3.52 12.12 -30.61
C ALA B 443 -4.82 12.76 -31.08
N ALA B 444 -5.34 13.73 -30.32
CA ALA B 444 -6.56 14.39 -30.74
C ALA B 444 -6.33 15.26 -31.97
N ALA B 445 -5.25 16.04 -31.98
CA ALA B 445 -4.95 16.86 -33.15
C ALA B 445 -4.76 15.99 -34.40
N CYS B 446 -4.07 14.85 -34.25
CA CYS B 446 -3.72 14.03 -35.40
C CYS B 446 -4.92 13.33 -36.02
N SER B 447 -5.98 13.14 -35.24
CA SER B 447 -7.11 12.31 -35.65
C SER B 447 -8.38 13.11 -35.92
N THR B 448 -8.30 14.44 -35.90
CA THR B 448 -9.45 15.32 -36.17
C THR B 448 -8.94 16.51 -36.97
N LEU B 449 -9.75 17.58 -37.04
CA LEU B 449 -9.35 18.83 -37.71
C LEU B 449 -9.04 19.96 -36.73
N ILE B 450 -8.99 19.70 -35.42
CA ILE B 450 -8.88 20.78 -34.44
C ILE B 450 -7.57 21.58 -34.56
N SER B 451 -6.52 21.02 -35.16
CA SER B 451 -5.29 21.80 -35.26
C SER B 451 -5.48 23.07 -36.08
N GLU B 452 -6.52 23.13 -36.90
CA GLU B 452 -6.97 24.35 -37.56
C GLU B 452 -8.29 24.86 -37.01
N LEU B 453 -9.26 23.96 -36.79
CA LEU B 453 -10.61 24.37 -36.44
C LEU B 453 -10.67 25.01 -35.05
N GLN B 454 -9.80 24.61 -34.12
CA GLN B 454 -9.76 25.20 -32.79
C GLN B 454 -8.56 26.11 -32.62
N ASN B 455 -7.93 26.51 -33.73
CA ASN B 455 -6.73 27.32 -33.72
C ASN B 455 -7.11 28.79 -33.87
N PRO B 456 -6.89 29.63 -32.85
CA PRO B 456 -7.28 31.04 -32.95
C PRO B 456 -6.52 31.82 -34.02
N HIS B 457 -5.42 31.29 -34.55
CA HIS B 457 -4.69 31.94 -35.63
C HIS B 457 -5.07 31.39 -37.01
N ILE B 458 -5.94 30.37 -37.08
CA ILE B 458 -6.39 29.88 -38.37
C ILE B 458 -7.90 30.06 -38.48
N ASN B 459 -8.67 29.52 -37.52
CA ASN B 459 -10.11 29.72 -37.50
C ASN B 459 -10.41 31.06 -36.83
N VAL B 460 -10.01 32.14 -37.51
CA VAL B 460 -9.97 33.47 -36.89
C VAL B 460 -11.36 34.06 -36.71
N HIS B 461 -12.34 33.66 -37.51
CA HIS B 461 -13.67 34.25 -37.42
C HIS B 461 -14.55 33.58 -36.36
N TYR B 462 -14.16 32.41 -35.83
CA TYR B 462 -15.02 31.68 -34.91
C TYR B 462 -14.31 31.27 -33.62
N MET B 463 -13.00 31.05 -33.66
CA MET B 463 -12.23 30.72 -32.46
C MET B 463 -11.61 32.03 -31.95
N ASN B 464 -12.46 32.86 -31.35
CA ASN B 464 -12.03 34.17 -30.89
C ASN B 464 -12.86 34.56 -29.69
N GLY B 465 -12.38 35.58 -28.97
CA GLY B 465 -13.10 36.05 -27.79
C GLY B 465 -14.51 36.53 -28.10
N ALA B 466 -14.70 37.17 -29.25
CA ALA B 466 -16.03 37.70 -29.59
C ALA B 466 -17.07 36.59 -29.74
N ASN B 467 -16.64 35.35 -29.98
CA ASN B 467 -17.54 34.22 -30.09
C ASN B 467 -17.59 33.40 -28.79
N LEU B 468 -17.18 33.99 -27.67
CA LEU B 468 -17.18 33.27 -26.40
C LEU B 468 -18.57 32.78 -26.06
N HIS B 469 -18.64 31.54 -25.60
CA HIS B 469 -19.88 30.99 -25.08
C HIS B 469 -19.73 30.73 -23.59
N ILE B 470 -20.87 30.66 -22.92
CA ILE B 470 -20.96 30.52 -21.46
C ILE B 470 -21.83 29.32 -21.13
N ALA B 471 -21.34 28.45 -20.23
CA ALA B 471 -22.11 27.33 -19.70
C ALA B 471 -22.70 27.75 -18.35
N SER B 472 -24.03 27.92 -18.31
CA SER B 472 -24.72 28.44 -17.14
C SER B 472 -25.68 27.37 -16.63
N VAL B 473 -25.62 27.12 -15.32
CA VAL B 473 -26.55 26.14 -14.74
C VAL B 473 -28.00 26.54 -15.00
N GLU B 474 -28.33 27.83 -14.82
CA GLU B 474 -29.72 28.26 -15.01
C GLU B 474 -30.06 28.50 -16.46
N HIS B 475 -29.12 29.02 -17.26
CA HIS B 475 -29.43 29.58 -18.55
C HIS B 475 -28.97 28.74 -19.73
N GLY B 476 -28.32 27.60 -19.47
CA GLY B 476 -27.94 26.71 -20.53
C GLY B 476 -26.64 27.17 -21.17
N LEU B 477 -26.50 26.88 -22.45
CA LEU B 477 -25.28 27.19 -23.16
C LEU B 477 -25.61 28.29 -24.17
N LEU B 478 -25.00 29.47 -23.98
CA LEU B 478 -25.34 30.67 -24.72
C LEU B 478 -24.07 31.40 -25.15
N HIS B 479 -24.17 32.10 -26.28
CA HIS B 479 -23.19 33.12 -26.59
C HIS B 479 -23.19 34.17 -25.48
N VAL B 480 -22.01 34.72 -25.19
CA VAL B 480 -21.83 35.59 -24.03
C VAL B 480 -22.74 36.82 -24.11
N GLY B 481 -23.02 37.31 -25.30
CA GLY B 481 -23.93 38.45 -25.42
C GLY B 481 -25.32 38.12 -24.95
N ASP B 482 -25.82 36.95 -25.36
CA ASP B 482 -27.14 36.51 -24.89
C ASP B 482 -27.14 36.25 -23.39
N TYR B 483 -26.07 35.62 -22.90
CA TYR B 483 -25.97 35.33 -21.46
C TYR B 483 -26.02 36.62 -20.65
N ALA B 484 -25.21 37.61 -21.01
CA ALA B 484 -25.13 38.84 -20.23
C ALA B 484 -26.42 39.64 -20.31
N ARG B 485 -27.13 39.59 -21.44
CA ARG B 485 -28.43 40.27 -21.49
C ARG B 485 -29.44 39.56 -20.60
N ARG B 486 -29.38 38.22 -20.54
CA ARG B 486 -30.29 37.50 -19.66
C ARG B 486 -30.07 37.86 -18.19
N LEU B 487 -28.92 38.43 -17.83
CA LEU B 487 -28.67 38.83 -16.46
C LEU B 487 -29.31 40.17 -16.12
N ILE B 488 -29.76 40.93 -17.12
CA ILE B 488 -30.20 42.30 -16.92
C ILE B 488 -31.72 42.42 -16.71
N SER C 5 19.68 12.37 22.85
CA SER C 5 18.55 11.47 23.05
C SER C 5 17.99 11.59 24.46
N TRP C 6 16.67 11.58 24.59
CA TRP C 6 16.10 11.75 25.92
C TRP C 6 15.98 10.39 26.61
N PRO C 7 16.22 10.29 27.93
CA PRO C 7 16.66 11.29 28.91
C PRO C 7 18.11 11.74 28.72
N GLY C 8 18.38 13.01 29.00
CA GLY C 8 19.73 13.52 29.07
C GLY C 8 20.32 13.33 30.44
N LYS C 9 21.44 14.00 30.67
CA LYS C 9 22.10 13.91 31.98
C LYS C 9 21.22 14.52 33.06
N ARG C 10 21.09 13.81 34.18
CA ARG C 10 20.35 14.34 35.32
C ARG C 10 21.15 15.43 36.03
N PRO C 14 18.93 18.85 44.00
CA PRO C 14 17.85 18.37 44.90
C PRO C 14 16.46 18.98 44.73
N GLU C 15 15.45 18.20 45.15
CA GLU C 15 14.04 18.49 45.00
C GLU C 15 13.41 18.81 46.37
N ASN C 16 12.09 18.70 46.46
CA ASN C 16 11.37 19.30 47.58
C ASN C 16 11.44 18.43 48.83
N ALA C 17 11.00 19.03 49.95
CA ALA C 17 11.02 18.34 51.24
C ALA C 17 10.27 17.02 51.17
N PHE C 18 9.13 16.99 50.46
CA PHE C 18 8.40 15.74 50.32
C PHE C 18 9.28 14.67 49.68
N THR C 19 9.95 15.02 48.57
CA THR C 19 10.79 14.06 47.87
C THR C 19 12.02 13.69 48.68
N GLN C 20 12.70 14.69 49.26
CA GLN C 20 13.85 14.43 50.12
C GLN C 20 13.56 13.37 51.17
N ARG C 21 12.36 13.40 51.76
CA ARG C 21 12.07 12.46 52.83
C ARG C 21 11.82 11.05 52.32
N MET C 22 11.01 10.92 51.26
CA MET C 22 10.87 9.65 50.58
C MET C 22 12.24 9.04 50.27
N LEU C 23 13.17 9.87 49.76
CA LEU C 23 14.49 9.38 49.40
C LEU C 23 15.26 8.90 50.63
N GLN C 24 15.24 9.67 51.71
CA GLN C 24 15.96 9.24 52.90
C GLN C 24 15.41 7.92 53.42
N GLU C 25 14.08 7.72 53.31
CA GLU C 25 13.47 6.44 53.68
C GLU C 25 14.03 5.31 52.83
N CYS C 26 14.26 5.57 51.54
CA CYS C 26 14.83 4.54 50.69
C CYS C 26 16.25 4.21 51.09
N GLY C 27 17.01 5.20 51.57
CA GLY C 27 18.38 4.94 51.99
C GLY C 27 18.49 4.00 53.18
N GLN C 28 17.42 3.84 53.96
CA GLN C 28 17.44 3.01 55.16
C GLN C 28 17.23 1.53 54.87
N MET C 29 17.43 1.05 53.63
CA MET C 29 17.13 -0.34 53.31
C MET C 29 18.38 -1.10 52.88
N ALA C 30 18.30 -2.42 53.01
CA ALA C 30 19.38 -3.31 52.60
C ALA C 30 18.80 -4.46 51.78
N LYS C 31 19.59 -5.06 50.92
CA LYS C 31 19.14 -6.23 50.13
C LYS C 31 18.67 -7.36 51.07
N PRO C 32 17.86 -8.34 50.60
CA PRO C 32 17.46 -9.48 51.42
C PRO C 32 18.43 -10.66 51.34
N ASP C 33 18.25 -11.64 52.23
CA ASP C 33 19.11 -12.84 52.19
C ASP C 33 18.95 -13.58 50.87
N ALA C 34 19.71 -14.63 50.62
CA ALA C 34 19.91 -15.36 49.36
C ALA C 34 19.37 -16.79 49.52
N SER C 35 19.90 -17.55 50.48
CA SER C 35 19.44 -18.94 50.73
C SER C 35 17.92 -19.02 50.60
N VAL C 36 17.42 -20.03 49.88
CA VAL C 36 15.94 -20.16 49.67
C VAL C 36 15.49 -21.55 50.12
N ASP C 37 14.95 -21.67 51.34
CA ASP C 37 14.38 -22.99 51.75
C ASP C 37 13.47 -23.43 50.60
N LEU C 38 13.91 -24.41 49.81
CA LEU C 38 13.13 -24.75 48.62
C LEU C 38 11.78 -25.33 48.99
N ASP C 39 11.76 -26.30 49.91
CA ASP C 39 10.52 -27.02 50.21
C ASP C 39 9.39 -26.08 50.57
N ASN C 40 9.68 -25.07 51.39
CA ASN C 40 8.66 -24.09 51.75
C ASN C 40 8.16 -23.33 50.52
N PHE C 41 9.06 -23.05 49.55
CA PHE C 41 8.65 -22.37 48.33
C PHE C 41 7.58 -23.15 47.60
N LYS C 42 7.84 -24.43 47.34
CA LYS C 42 6.83 -25.31 46.74
C LYS C 42 5.52 -25.33 47.51
N ALA C 43 5.58 -25.30 48.84
CA ALA C 43 4.37 -25.30 49.63
C ALA C 43 3.61 -23.97 49.53
N ILE C 44 4.34 -22.85 49.57
CA ILE C 44 3.71 -21.54 49.36
C ILE C 44 3.03 -21.50 47.99
N SER C 45 3.73 -21.99 46.96
CA SER C 45 3.14 -22.03 45.62
C SER C 45 1.91 -22.90 45.54
N GLU C 46 1.89 -24.00 46.29
CA GLU C 46 0.79 -24.93 46.14
C GLU C 46 -0.50 -24.33 46.68
N GLN C 47 -0.36 -23.34 47.58
CA GLN C 47 -1.47 -22.60 48.19
C GLN C 47 -1.81 -21.33 47.43
N SER C 48 -1.32 -21.17 46.20
CA SER C 48 -1.67 -20.01 45.40
C SER C 48 -3.18 -19.93 45.23
N PRO C 49 -3.83 -18.82 45.60
CA PRO C 49 -5.27 -18.67 45.32
C PRO C 49 -5.61 -18.92 43.85
N ALA C 50 -4.74 -18.50 42.94
CA ALA C 50 -5.00 -18.64 41.50
C ALA C 50 -4.50 -19.98 40.98
N GLU C 51 -5.24 -20.53 40.01
CA GLU C 51 -4.95 -21.84 39.46
C GLU C 51 -3.95 -21.74 38.31
N PHE C 52 -2.96 -22.64 38.31
CA PHE C 52 -1.93 -22.65 37.28
C PHE C 52 -2.48 -23.27 36.00
N GLY C 53 -2.25 -22.59 34.87
CA GLY C 53 -2.73 -23.11 33.59
C GLY C 53 -2.08 -24.43 33.22
N ILE C 54 -0.83 -24.66 33.67
CA ILE C 54 -0.14 -25.92 33.45
C ILE C 54 0.94 -26.03 34.53
N ASP C 55 1.47 -27.24 34.72
CA ASP C 55 2.38 -27.51 35.82
C ASP C 55 3.82 -27.72 35.41
N SER C 56 4.11 -27.93 34.13
CA SER C 56 5.46 -28.25 33.70
C SER C 56 6.42 -27.09 33.90
N CYS C 57 5.89 -25.87 34.05
CA CYS C 57 6.66 -24.65 34.20
C CYS C 57 6.79 -24.24 35.67
N ARG C 58 6.69 -25.21 36.59
CA ARG C 58 6.77 -24.94 38.00
C ARG C 58 7.98 -25.64 38.60
N VAL C 59 8.37 -25.18 39.80
CA VAL C 59 9.54 -25.70 40.47
C VAL C 59 9.36 -27.18 40.79
N LYS C 60 8.15 -27.57 41.21
CA LYS C 60 7.93 -28.97 41.61
C LYS C 60 8.16 -29.93 40.44
N ALA C 61 7.96 -29.46 39.21
CA ALA C 61 8.15 -30.28 38.01
C ALA C 61 9.58 -30.25 37.47
N GLN C 62 10.51 -29.74 38.24
CA GLN C 62 11.88 -29.67 37.73
C GLN C 62 12.74 -30.78 38.33
N PRO C 63 13.80 -31.20 37.64
CA PRO C 63 14.67 -32.28 38.17
C PRO C 63 15.25 -31.92 39.53
N GLU C 64 15.52 -32.95 40.34
CA GLU C 64 16.14 -32.71 41.63
C GLU C 64 17.56 -32.18 41.49
N ASP C 65 18.29 -32.59 40.45
CA ASP C 65 19.67 -32.14 40.31
C ASP C 65 19.77 -30.66 39.98
N ARG C 66 18.68 -30.04 39.49
CA ARG C 66 18.66 -28.61 39.24
C ARG C 66 18.20 -27.81 40.46
N SER C 67 18.01 -28.47 41.60
CA SER C 67 17.45 -27.79 42.77
C SER C 67 18.37 -26.70 43.30
N ASP C 68 19.68 -26.89 43.20
CA ASP C 68 20.60 -25.89 43.73
C ASP C 68 20.60 -24.65 42.86
N ARG C 69 20.55 -24.83 41.55
CA ARG C 69 20.50 -23.69 40.64
C ARG C 69 19.17 -22.95 40.76
N ILE C 70 18.07 -23.69 40.98
CA ILE C 70 16.75 -23.05 41.10
C ILE C 70 16.69 -22.21 42.38
N ARG C 71 17.36 -22.67 43.45
CA ARG C 71 17.43 -21.86 44.66
C ARG C 71 18.16 -20.54 44.38
N GLU C 72 19.16 -20.58 43.51
CA GLU C 72 19.84 -19.35 43.09
C GLU C 72 18.91 -18.51 42.24
N GLN C 73 18.20 -19.13 41.30
CA GLN C 73 17.29 -18.39 40.43
C GLN C 73 16.19 -17.70 41.24
N ILE C 74 15.66 -18.36 42.27
CA ILE C 74 14.63 -17.75 43.10
C ILE C 74 15.16 -16.49 43.76
N ALA C 75 16.36 -16.57 44.35
CA ALA C 75 16.93 -15.43 45.06
C ALA C 75 17.38 -14.33 44.12
N SER C 76 17.42 -14.59 42.81
CA SER C 76 17.89 -13.63 41.82
C SER C 76 16.78 -12.70 41.29
N ALA C 77 15.54 -12.91 41.71
CA ALA C 77 14.39 -12.16 41.20
C ALA C 77 14.25 -10.80 41.86
N TYR C 78 13.76 -9.80 41.12
CA TYR C 78 13.45 -8.51 41.71
C TYR C 78 12.59 -7.68 40.75
N PRO C 79 11.83 -6.73 41.27
CA PRO C 79 11.28 -5.66 40.43
C PRO C 79 12.34 -4.60 40.18
N VAL C 80 12.21 -3.88 39.07
CA VAL C 80 13.17 -2.85 38.70
C VAL C 80 12.44 -1.73 37.98
N ILE C 81 12.81 -0.49 38.30
CA ILE C 81 12.31 0.68 37.60
C ILE C 81 13.48 1.59 37.23
N HIS C 82 13.25 2.43 36.23
CA HIS C 82 14.16 3.53 35.89
C HIS C 82 14.25 4.53 37.05
N GLU C 83 15.44 5.16 37.21
CA GLU C 83 15.58 6.20 38.24
C GLU C 83 14.57 7.34 38.07
N ARG C 84 14.18 7.66 36.83
CA ARG C 84 13.18 8.71 36.67
C ARG C 84 11.80 8.20 37.05
N THR C 85 11.58 6.89 36.89
CA THR C 85 10.32 6.30 37.30
C THR C 85 10.17 6.34 38.82
N LEU C 86 11.26 6.08 39.56
CA LEU C 86 11.26 6.24 41.01
C LEU C 86 10.78 7.62 41.41
N LEU C 87 11.31 8.65 40.77
CA LEU C 87 10.91 10.02 41.11
C LEU C 87 9.44 10.26 40.75
N LEU C 88 8.99 9.74 39.61
CA LEU C 88 7.57 9.89 39.26
C LEU C 88 6.68 9.27 40.34
N PHE C 89 7.02 8.07 40.81
CA PHE C 89 6.21 7.40 41.82
C PHE C 89 6.10 8.26 43.08
N ILE C 90 7.18 8.96 43.43
CA ILE C 90 7.16 9.83 44.61
C ILE C 90 6.24 11.03 44.38
N SER C 91 6.36 11.67 43.21
CA SER C 91 5.49 12.80 42.90
C SER C 91 4.04 12.38 42.74
N PHE C 92 3.80 11.11 42.42
CA PHE C 92 2.43 10.58 42.39
C PHE C 92 1.83 10.55 43.80
N LEU C 93 2.60 10.08 44.78
CA LEU C 93 2.11 10.01 46.17
C LEU C 93 1.81 11.41 46.71
N GLU C 94 2.72 12.35 46.49
CA GLU C 94 2.47 13.73 46.87
C GLU C 94 1.22 14.29 46.17
N HIS C 95 1.06 14.02 44.87
CA HIS C 95 -0.12 14.54 44.18
C HIS C 95 -1.39 13.98 44.78
N LYS C 96 -1.47 12.66 44.95
CA LYS C 96 -2.68 12.03 45.46
C LYS C 96 -2.93 12.39 46.92
N LEU C 97 -1.87 12.67 47.70
CA LEU C 97 -2.10 13.02 49.10
C LEU C 97 -2.70 14.41 49.25
N THR C 98 -2.63 15.24 48.22
CA THR C 98 -3.24 16.57 48.21
C THR C 98 -4.53 16.61 47.39
N PHE C 99 -4.50 16.01 46.19
CA PHE C 99 -5.62 16.10 45.26
C PHE C 99 -6.46 14.84 45.20
N GLY C 100 -6.02 13.73 45.80
CA GLY C 100 -6.76 12.49 45.70
C GLY C 100 -8.15 12.58 46.32
N SER C 101 -8.93 11.54 46.06
CA SER C 101 -10.19 11.38 46.76
C SER C 101 -9.94 10.94 48.20
N GLU C 102 -11.00 10.94 49.00
CA GLU C 102 -10.85 10.45 50.36
C GLU C 102 -10.45 8.98 50.37
N GLN C 103 -10.99 8.19 49.43
CA GLN C 103 -10.55 6.81 49.27
C GLN C 103 -9.04 6.76 49.01
N GLU C 104 -8.55 7.57 48.08
CA GLU C 104 -7.13 7.56 47.75
C GLU C 104 -6.30 8.08 48.92
N LYS C 105 -6.70 9.21 49.52
CA LYS C 105 -5.97 9.77 50.64
C LYS C 105 -5.85 8.80 51.79
N ALA C 106 -6.87 7.97 52.01
CA ALA C 106 -6.85 7.08 53.17
C ALA C 106 -5.87 5.94 52.98
N ILE C 107 -5.64 5.51 51.74
CA ILE C 107 -4.79 4.34 51.52
C ILE C 107 -3.33 4.73 51.25
N TYR C 108 -3.07 5.97 50.84
CA TYR C 108 -1.71 6.48 50.63
C TYR C 108 -1.12 7.18 51.88
N LYS C 109 -1.91 7.34 52.96
CA LYS C 109 -1.52 8.24 54.05
C LYS C 109 -0.14 7.91 54.63
N ASP C 110 0.10 6.64 54.95
CA ASP C 110 1.39 6.28 55.55
C ASP C 110 2.25 5.43 54.63
N MET C 111 2.13 5.63 53.31
CA MET C 111 2.67 4.69 52.35
C MET C 111 4.00 5.21 51.79
N THR C 112 5.09 4.46 52.05
CA THR C 112 6.41 4.84 51.56
C THR C 112 6.54 4.51 50.07
N VAL C 113 7.64 4.99 49.48
CA VAL C 113 7.92 4.74 48.07
C VAL C 113 7.84 3.25 47.80
N VAL C 114 8.50 2.47 48.67
CA VAL C 114 8.61 1.03 48.52
C VAL C 114 7.26 0.35 48.74
N ASP C 115 6.46 0.87 49.69
CA ASP C 115 5.12 0.31 49.89
C ASP C 115 4.27 0.43 48.64
N LEU C 116 4.39 1.56 47.93
CA LEU C 116 3.63 1.72 46.69
C LEU C 116 4.04 0.68 45.66
N VAL C 117 5.34 0.44 45.52
CA VAL C 117 5.78 -0.60 44.60
C VAL C 117 5.25 -1.97 45.03
N GLN C 118 5.31 -2.28 46.33
CA GLN C 118 4.71 -3.52 46.82
C GLN C 118 3.23 -3.58 46.48
N ARG C 119 2.52 -2.46 46.66
CA ARG C 119 1.10 -2.43 46.30
C ARG C 119 0.88 -2.68 44.82
N LEU C 120 1.74 -2.13 43.95
CA LEU C 120 1.57 -2.36 42.51
C LEU C 120 1.83 -3.82 42.16
N LEU C 121 2.72 -4.49 42.90
CA LEU C 121 2.97 -5.90 42.66
C LEU C 121 1.82 -6.76 43.18
N ALA C 122 1.34 -6.48 44.39
CA ALA C 122 0.51 -7.41 45.14
C ALA C 122 -0.99 -7.21 44.92
N LYS C 123 -1.42 -5.99 44.56
CA LYS C 123 -2.83 -5.73 44.33
C LYS C 123 -3.21 -5.74 42.84
N ARG C 124 -2.24 -5.95 41.95
CA ARG C 124 -2.60 -6.18 40.56
C ARG C 124 -3.52 -7.40 40.47
N CYS C 125 -4.23 -7.50 39.35
CA CYS C 125 -5.14 -8.60 39.14
C CYS C 125 -4.39 -9.87 38.74
N VAL C 126 -5.01 -11.02 39.00
CA VAL C 126 -4.45 -12.28 38.53
C VAL C 126 -4.33 -12.27 37.01
N TRP C 127 -5.44 -12.10 36.30
CA TRP C 127 -5.34 -11.74 34.90
C TRP C 127 -6.08 -10.42 34.64
N PHE C 128 -5.84 -9.87 33.45
CA PHE C 128 -6.38 -8.57 33.03
C PHE C 128 -6.04 -8.34 31.57
N PHE C 129 -6.94 -8.71 30.66
CA PHE C 129 -6.67 -8.54 29.24
C PHE C 129 -7.95 -8.21 28.51
N GLY C 130 -7.79 -7.67 27.31
CA GLY C 130 -8.86 -7.26 26.39
C GLY C 130 -9.23 -5.80 26.55
N ALA C 131 -9.75 -5.23 25.45
CA ALA C 131 -10.25 -3.86 25.49
C ALA C 131 -11.42 -3.70 26.44
N ASN C 132 -12.10 -4.78 26.81
CA ASN C 132 -13.21 -4.75 27.75
C ASN C 132 -12.81 -5.27 29.12
N ASP C 133 -11.51 -5.28 29.43
CA ASP C 133 -11.01 -5.49 30.79
C ASP C 133 -11.62 -6.72 31.46
N TYR C 134 -11.40 -7.87 30.82
CA TYR C 134 -11.72 -9.14 31.47
C TYR C 134 -10.74 -9.38 32.62
N TYR C 135 -11.23 -9.71 33.82
CA TYR C 135 -10.36 -9.70 34.99
C TYR C 135 -10.69 -10.80 35.99
N ARG C 136 -9.64 -11.25 36.68
CA ARG C 136 -9.76 -11.97 37.93
C ARG C 136 -8.96 -11.24 39.00
N THR C 137 -9.64 -10.73 40.02
CA THR C 137 -8.93 -10.04 41.09
C THR C 137 -8.21 -11.07 41.96
N MET C 138 -7.36 -10.54 42.86
CA MET C 138 -6.66 -11.38 43.81
C MET C 138 -7.62 -12.06 44.78
N GLN C 139 -8.86 -11.57 44.90
CA GLN C 139 -9.87 -12.18 45.76
C GLN C 139 -10.76 -13.16 45.02
N GLY C 140 -10.43 -13.51 43.79
CA GLY C 140 -11.20 -14.47 43.02
C GLY C 140 -12.31 -13.89 42.17
N ASN C 141 -12.80 -12.68 42.50
CA ASN C 141 -13.87 -12.04 41.74
C ASN C 141 -13.50 -11.87 40.27
N ILE C 142 -14.36 -12.37 39.39
CA ILE C 142 -14.16 -12.33 37.95
C ILE C 142 -15.24 -11.45 37.33
N GLY C 143 -14.87 -10.69 36.29
CA GLY C 143 -15.83 -9.84 35.64
C GLY C 143 -15.23 -9.08 34.47
N ASN C 144 -15.87 -7.97 34.11
CA ASN C 144 -15.53 -7.19 32.93
C ASN C 144 -15.70 -5.71 33.25
N GLU C 145 -14.61 -4.94 33.07
CA GLU C 145 -14.63 -3.47 33.21
C GLU C 145 -14.94 -3.01 34.62
N GLY C 146 -15.19 -1.71 34.77
CA GLY C 146 -15.45 -1.10 36.06
C GLY C 146 -14.24 -0.49 36.73
N PHE C 147 -13.08 -0.50 36.08
CA PHE C 147 -11.86 -0.03 36.72
C PHE C 147 -11.75 1.49 36.72
N GLU C 148 -12.48 2.19 35.84
CA GLU C 148 -12.42 3.64 35.81
C GLU C 148 -12.92 4.26 37.11
N ALA C 149 -13.86 3.62 37.80
CA ALA C 149 -14.38 4.17 39.03
C ALA C 149 -13.49 3.89 40.24
N VAL C 150 -12.52 2.97 40.12
CA VAL C 150 -11.69 2.59 41.27
C VAL C 150 -11.00 3.81 41.85
N GLY C 151 -11.00 3.92 43.19
CA GLY C 151 -10.38 5.03 43.87
C GLY C 151 -11.13 6.34 43.78
N THR C 152 -12.40 6.30 43.37
CA THR C 152 -13.27 7.46 43.32
C THR C 152 -14.41 7.26 44.30
N PRO C 153 -15.12 8.32 44.68
CA PRO C 153 -16.27 8.14 45.58
C PRO C 153 -17.30 7.16 45.04
N ALA C 154 -17.40 7.01 43.72
CA ALA C 154 -18.34 6.10 43.11
C ALA C 154 -17.79 4.68 42.95
N GLU C 155 -16.71 4.32 43.64
CA GLU C 155 -16.20 2.96 43.53
C GLU C 155 -17.13 1.99 44.25
N LYS C 156 -17.06 0.72 43.87
CA LYS C 156 -17.98 -0.29 44.41
C LYS C 156 -17.34 -1.67 44.37
N GLU C 157 -17.71 -2.51 45.34
CA GLU C 157 -17.22 -3.88 45.41
C GLU C 157 -17.50 -4.62 44.10
N PRO C 158 -16.64 -5.56 43.69
CA PRO C 158 -15.37 -5.97 44.33
C PRO C 158 -14.16 -5.15 43.85
N LEU C 159 -14.43 -4.02 43.20
CA LEU C 159 -13.39 -3.19 42.62
C LEU C 159 -13.19 -1.92 43.44
N THR C 160 -12.81 -2.07 44.70
CA THR C 160 -12.44 -0.94 45.54
C THR C 160 -10.91 -0.84 45.64
N LEU C 161 -10.43 0.36 45.97
CA LEU C 161 -8.98 0.62 45.99
C LEU C 161 -8.24 -0.34 46.92
N THR C 162 -8.88 -0.79 48.01
CA THR C 162 -8.23 -1.71 48.92
C THR C 162 -8.01 -3.08 48.30
N SER C 163 -8.74 -3.42 47.25
CA SER C 163 -8.67 -4.72 46.60
C SER C 163 -7.85 -4.70 45.32
N VAL C 164 -8.00 -3.67 44.50
CA VAL C 164 -7.42 -3.63 43.15
C VAL C 164 -6.82 -2.25 42.92
N LEU C 165 -6.09 -2.13 41.82
CA LEU C 165 -5.45 -0.87 41.46
C LEU C 165 -6.41 0.00 40.65
N SER C 166 -6.30 1.31 40.85
CA SER C 166 -6.95 2.29 39.99
C SER C 166 -6.22 2.41 38.65
N TYR C 167 -6.92 2.94 37.62
CA TYR C 167 -6.21 3.20 36.36
C TYR C 167 -5.05 4.17 36.48
N ASP C 168 -5.14 5.16 37.37
CA ASP C 168 -3.97 6.03 37.58
C ASP C 168 -2.76 5.22 38.07
N GLU C 169 -2.99 4.15 38.85
CA GLU C 169 -1.90 3.31 39.36
C GLU C 169 -1.43 2.33 38.31
N ILE C 170 -2.34 1.78 37.51
CA ILE C 170 -1.94 0.83 36.47
C ILE C 170 -1.02 1.51 35.47
N LYS C 171 -1.28 2.79 35.19
CA LYS C 171 -0.39 3.59 34.36
C LYS C 171 1.02 3.65 34.95
N LEU C 172 1.13 3.86 36.26
CA LEU C 172 2.44 3.76 36.93
C LEU C 172 3.03 2.39 36.74
N SER C 173 2.21 1.35 36.94
CA SER C 173 2.66 -0.03 36.93
C SER C 173 3.24 -0.43 35.58
N ALA C 174 2.82 0.24 34.51
CA ALA C 174 3.36 -0.03 33.18
C ALA C 174 4.82 0.37 33.03
N LEU C 175 5.38 1.01 34.06
CA LEU C 175 6.81 1.32 34.11
C LEU C 175 7.54 0.46 35.14
N LEU C 176 6.86 -0.54 35.70
CA LEU C 176 7.39 -1.41 36.73
C LEU C 176 7.63 -2.78 36.10
N TYR C 177 8.92 -3.17 35.98
CA TYR C 177 9.32 -4.41 35.33
C TYR C 177 9.88 -5.41 36.33
N VAL C 178 10.00 -6.67 35.90
CA VAL C 178 10.40 -7.78 36.75
C VAL C 178 11.44 -8.60 36.00
N SER C 179 12.37 -9.20 36.75
CA SER C 179 13.52 -9.85 36.16
C SER C 179 14.02 -10.94 37.09
N CYS C 180 14.39 -12.09 36.52
CA CYS C 180 15.09 -13.12 37.28
C CYS C 180 15.85 -14.03 36.35
N HIS C 181 16.85 -14.73 36.91
CA HIS C 181 17.34 -15.91 36.22
C HIS C 181 16.28 -17.00 36.29
N SER C 182 16.15 -17.79 35.23
CA SER C 182 15.14 -18.83 35.25
C SER C 182 15.57 -20.00 34.38
N GLU C 183 15.19 -21.20 34.82
CA GLU C 183 15.21 -22.37 33.93
C GLU C 183 14.38 -22.10 32.69
N PHE C 184 14.85 -22.61 31.57
CA PHE C 184 14.12 -22.59 30.30
C PHE C 184 13.53 -23.98 30.09
N ILE C 185 12.19 -24.08 30.11
CA ILE C 185 11.51 -25.37 29.97
C ILE C 185 11.64 -25.88 28.54
N ASN C 186 11.54 -24.99 27.56
CA ASN C 186 11.64 -25.34 26.15
C ASN C 186 12.10 -24.08 25.43
N ASN C 187 12.01 -24.08 24.10
CA ASN C 187 12.55 -22.99 23.30
C ASN C 187 11.72 -21.70 23.35
N GLY C 188 10.57 -21.71 24.02
CA GLY C 188 9.85 -20.48 24.26
C GLY C 188 9.07 -19.92 23.11
N SER C 189 8.83 -20.70 22.06
N SER C 189 8.82 -20.72 22.07
CA SER C 189 8.01 -20.23 20.94
CA SER C 189 7.96 -20.32 20.96
C SER C 189 6.62 -19.82 21.44
C SER C 189 6.61 -19.81 21.44
N ARG C 190 5.92 -19.04 20.59
CA ARG C 190 4.57 -18.57 20.91
C ARG C 190 3.62 -19.73 21.22
N VAL C 191 3.83 -20.91 20.64
CA VAL C 191 2.90 -22.04 20.76
C VAL C 191 3.44 -23.13 21.69
N ASN C 192 4.52 -22.87 22.42
CA ASN C 192 5.13 -23.93 23.22
C ASN C 192 4.13 -24.56 24.20
N GLY C 193 3.22 -23.75 24.76
CA GLY C 193 2.18 -24.25 25.63
C GLY C 193 2.66 -25.06 26.81
N GLY C 194 3.92 -24.92 27.19
CA GLY C 194 4.47 -25.67 28.29
C GLY C 194 4.87 -27.09 27.95
N GLU C 195 5.15 -27.37 26.68
CA GLU C 195 5.53 -28.72 26.28
C GLU C 195 6.91 -29.07 26.84
N VAL C 196 7.03 -30.29 27.35
CA VAL C 196 8.28 -30.79 27.90
C VAL C 196 9.08 -31.45 26.78
N LEU C 197 10.36 -31.08 26.66
CA LEU C 197 11.25 -31.70 25.70
C LEU C 197 11.92 -32.92 26.32
N GLN C 198 12.12 -33.96 25.51
CA GLN C 198 12.87 -35.11 25.97
C GLN C 198 14.36 -34.86 25.98
N ASN C 199 14.79 -33.70 25.51
CA ASN C 199 16.17 -33.46 25.09
C ASN C 199 16.46 -31.96 24.95
N LYS C 200 17.27 -31.39 25.84
CA LYS C 200 17.51 -29.95 25.83
C LYS C 200 18.72 -29.55 24.99
N ASP C 201 19.06 -30.31 23.97
CA ASP C 201 20.22 -29.98 23.15
C ASP C 201 19.97 -28.83 22.19
N THR C 202 18.71 -28.48 21.95
CA THR C 202 18.38 -27.37 21.05
C THR C 202 18.15 -26.06 21.79
N ILE C 203 18.15 -26.06 23.11
CA ILE C 203 17.78 -24.86 23.84
C ILE C 203 18.85 -24.51 24.86
N GLU C 204 18.99 -23.22 25.11
CA GLU C 204 19.69 -22.77 26.30
C GLU C 204 18.98 -23.34 27.53
N ARG C 205 19.75 -23.79 28.49
CA ARG C 205 19.14 -24.45 29.65
C ARG C 205 18.55 -23.46 30.64
N GLU C 206 18.97 -22.20 30.58
CA GLU C 206 18.49 -21.18 31.49
C GLU C 206 18.98 -19.82 31.00
N GLY C 207 18.51 -18.77 31.66
CA GLY C 207 18.88 -17.42 31.30
C GLY C 207 18.05 -16.43 32.08
N VAL C 208 18.28 -15.16 31.77
CA VAL C 208 17.56 -14.07 32.41
C VAL C 208 16.24 -13.83 31.68
N VAL C 209 15.18 -13.60 32.44
CA VAL C 209 13.86 -13.32 31.87
C VAL C 209 13.36 -11.98 32.42
N ILE C 210 12.97 -11.07 31.53
CA ILE C 210 12.58 -9.72 31.92
C ILE C 210 11.18 -9.43 31.38
N GLY C 211 10.25 -9.11 32.27
CA GLY C 211 8.95 -8.66 31.80
C GLY C 211 8.92 -7.16 31.59
N LEU C 212 8.83 -6.72 30.35
CA LEU C 212 8.65 -5.32 29.97
C LEU C 212 7.21 -5.08 29.52
N ILE C 213 6.78 -3.82 29.54
CA ILE C 213 5.39 -3.46 29.25
C ILE C 213 5.37 -2.34 28.22
N GLY C 214 4.70 -2.59 27.09
CA GLY C 214 4.49 -1.57 26.08
C GLY C 214 3.36 -0.61 26.44
N ALA C 215 3.07 0.30 25.53
CA ALA C 215 2.03 1.31 25.74
C ALA C 215 0.66 0.74 25.33
N ARG C 216 -0.37 1.08 26.10
CA ARG C 216 -1.70 0.52 25.86
C ARG C 216 -2.66 1.64 25.46
N PHE C 217 -3.27 1.49 24.29
CA PHE C 217 -4.24 2.46 23.78
C PHE C 217 -5.63 1.88 23.59
N GLU C 218 -5.85 0.61 23.97
CA GLU C 218 -7.15 -0.05 23.85
C GLU C 218 -8.24 0.75 24.53
N ARG C 219 -7.91 1.42 25.63
CA ARG C 219 -8.88 1.99 26.53
C ARG C 219 -8.75 3.50 26.49
N PRO C 220 -9.80 4.23 26.10
CA PRO C 220 -9.65 5.69 25.93
C PRO C 220 -9.45 6.39 27.25
N ASP C 221 -8.62 7.43 27.21
CA ASP C 221 -8.44 8.39 28.29
C ASP C 221 -7.78 7.81 29.53
N VAL C 222 -7.16 6.64 29.43
CA VAL C 222 -6.36 6.08 30.52
C VAL C 222 -5.07 5.55 29.91
N MET C 223 -4.13 5.23 30.79
CA MET C 223 -2.86 4.59 30.38
C MET C 223 -2.09 5.57 29.49
N GLU C 224 -1.28 5.06 28.55
CA GLU C 224 -0.42 5.93 27.73
C GLU C 224 -1.21 6.78 26.76
N TYR C 225 -2.45 6.40 26.45
CA TYR C 225 -3.42 7.22 25.71
C TYR C 225 -3.40 8.66 26.23
N GLN C 226 -3.23 8.83 27.55
CA GLN C 226 -3.27 10.16 28.16
C GLN C 226 -2.13 11.05 27.69
N ASP C 227 -0.95 10.48 27.45
CA ASP C 227 0.25 11.28 27.17
C ASP C 227 0.62 11.30 25.69
N ILE C 228 0.16 10.33 24.90
CA ILE C 228 0.67 10.09 23.57
C ILE C 228 -0.43 10.29 22.53
N MET C 229 -1.67 9.94 22.87
CA MET C 229 -2.81 10.10 21.96
C MET C 229 -3.49 11.44 22.22
N ILE C 230 -3.79 12.17 21.14
CA ILE C 230 -4.41 13.50 21.21
C ILE C 230 -5.78 13.40 20.54
N THR C 231 -6.86 13.59 21.31
CA THR C 231 -8.20 13.41 20.78
C THR C 231 -9.09 14.61 21.12
N LYS C 232 -10.18 14.73 20.36
CA LYS C 232 -11.10 15.84 20.55
C LYS C 232 -11.70 15.85 21.95
N THR C 233 -12.19 14.70 22.42
CA THR C 233 -12.82 14.63 23.74
C THR C 233 -11.81 14.57 24.88
N GLN C 234 -10.61 14.04 24.67
CA GLN C 234 -9.70 13.98 25.81
C GLN C 234 -8.90 15.27 26.00
N ASN C 235 -8.37 15.85 24.92
CA ASN C 235 -7.37 16.91 25.06
C ASN C 235 -8.07 18.26 25.07
N THR C 236 -8.64 18.58 26.23
CA THR C 236 -9.41 19.79 26.47
C THR C 236 -8.93 20.42 27.76
N GLU C 237 -9.23 21.71 27.94
CA GLU C 237 -8.80 22.40 29.15
C GLU C 237 -9.36 21.72 30.39
N ALA C 238 -10.64 21.37 30.37
CA ALA C 238 -11.27 20.80 31.56
C ALA C 238 -10.67 19.46 31.96
N ASN C 239 -9.99 18.78 31.04
CA ASN C 239 -9.32 17.54 31.37
C ASN C 239 -7.87 17.78 31.79
N GLY C 240 -7.43 19.03 31.83
CA GLY C 240 -6.13 19.37 32.37
C GLY C 240 -5.08 19.68 31.34
N TYR C 241 -5.46 19.81 30.06
CA TYR C 241 -4.55 19.98 28.95
C TYR C 241 -4.41 21.46 28.59
N GLY C 242 -3.48 21.73 27.67
CA GLY C 242 -3.07 23.10 27.41
C GLY C 242 -2.64 23.83 28.66
N PHE C 243 -1.63 23.31 29.36
CA PHE C 243 -1.15 23.97 30.56
C PHE C 243 0.21 24.62 30.28
N GLU C 251 -2.94 29.33 34.72
CA GLU C 251 -3.93 28.25 34.80
C GLU C 251 -4.11 27.80 36.26
N THR C 252 -5.36 27.81 36.75
CA THR C 252 -5.63 27.41 38.12
C THR C 252 -5.54 25.89 38.27
N VAL C 253 -5.00 25.45 39.41
CA VAL C 253 -4.65 24.04 39.62
C VAL C 253 -5.90 23.24 39.94
N THR C 254 -6.10 22.15 39.21
CA THR C 254 -7.15 21.19 39.51
C THR C 254 -6.49 19.84 39.81
N PRO C 255 -7.23 18.85 40.30
CA PRO C 255 -6.66 17.49 40.35
C PRO C 255 -6.19 17.02 38.99
N ALA C 256 -6.96 17.31 37.93
CA ALA C 256 -6.60 16.80 36.60
C ALA C 256 -5.36 17.47 36.06
N SER C 257 -5.22 18.78 36.28
CA SER C 257 -4.05 19.48 35.78
C SER C 257 -2.82 19.15 36.62
N ASP C 258 -2.99 18.91 37.91
CA ASP C 258 -1.84 18.54 38.72
C ASP C 258 -1.30 17.20 38.28
N LEU C 259 -2.19 16.24 38.01
CA LEU C 259 -1.72 14.95 37.54
C LEU C 259 -1.13 15.07 36.13
N ARG C 260 -1.77 15.85 35.27
CA ARG C 260 -1.17 16.14 33.97
C ARG C 260 0.25 16.65 34.16
N ARG C 261 0.45 17.52 35.16
CA ARG C 261 1.76 18.11 35.36
C ARG C 261 2.81 17.06 35.69
N ILE C 262 2.52 16.14 36.65
CA ILE C 262 3.60 15.23 37.03
C ILE C 262 3.94 14.30 35.88
N TRP C 263 2.98 14.02 35.00
CA TRP C 263 3.33 13.19 33.84
C TRP C 263 4.12 13.97 32.81
N ARG C 264 3.71 15.23 32.56
CA ARG C 264 4.46 16.09 31.67
C ARG C 264 5.90 16.25 32.16
N GLU C 265 6.08 16.53 33.45
CA GLU C 265 7.42 16.76 33.98
C GLU C 265 8.26 15.48 33.99
N PHE C 266 7.63 14.32 34.19
CA PHE C 266 8.33 13.06 34.03
C PHE C 266 8.95 12.94 32.64
N TYR C 267 8.21 13.32 31.60
CA TYR C 267 8.70 13.24 30.21
C TYR C 267 9.50 14.46 29.80
N GLU C 268 9.56 15.49 30.64
CA GLU C 268 10.18 16.78 30.32
C GLU C 268 9.64 17.36 29.01
N GLU C 269 8.30 17.38 28.91
CA GLU C 269 7.60 18.00 27.78
C GLU C 269 7.25 19.44 28.11
N PRO C 270 7.52 20.39 27.21
CA PRO C 270 7.28 21.81 27.56
C PRO C 270 5.81 22.22 27.56
N ARG C 271 4.92 21.44 26.93
CA ARG C 271 3.52 21.83 26.83
C ARG C 271 2.60 20.62 26.78
N ASP C 272 1.35 20.90 27.12
CA ASP C 272 0.21 20.04 26.82
C ASP C 272 -0.38 20.44 25.48
N PHE C 273 -1.14 19.52 24.89
CA PHE C 273 -1.76 19.75 23.60
C PHE C 273 -3.27 19.69 23.76
N ILE C 274 -3.94 20.80 23.44
CA ILE C 274 -5.36 20.79 23.10
C ILE C 274 -5.48 20.33 21.66
N TYR C 275 -6.47 19.47 21.39
CA TYR C 275 -6.59 18.87 20.06
C TYR C 275 -6.52 19.92 18.95
N ALA C 276 -7.27 21.01 19.11
CA ALA C 276 -7.39 22.00 18.04
C ALA C 276 -6.10 22.78 17.82
N ASP C 277 -5.24 22.88 18.84
CA ASP C 277 -3.99 23.61 18.75
C ASP C 277 -2.80 22.70 18.42
N THR C 278 -3.04 21.48 17.97
CA THR C 278 -1.92 20.59 17.65
C THR C 278 -1.44 20.88 16.23
N PRO C 279 -0.18 21.26 16.03
CA PRO C 279 0.28 21.65 14.71
C PRO C 279 0.32 20.48 13.75
N TYR C 280 0.09 20.78 12.47
CA TYR C 280 0.26 19.75 11.45
C TYR C 280 1.74 19.53 11.23
N ASP C 281 2.22 18.33 11.55
CA ASP C 281 3.63 18.02 11.51
C ASP C 281 3.82 16.51 11.52
N THR C 282 4.02 15.92 10.35
CA THR C 282 4.12 14.47 10.26
C THR C 282 5.52 13.94 10.56
N THR C 283 6.49 14.81 10.89
CA THR C 283 7.72 14.33 11.50
C THR C 283 7.55 13.97 12.98
N ARG C 284 6.45 14.40 13.59
CA ARG C 284 6.15 14.09 14.99
C ARG C 284 4.83 13.35 15.17
N PHE C 285 3.78 13.75 14.46
CA PHE C 285 2.44 13.26 14.69
C PHE C 285 1.96 12.39 13.53
N GLU C 286 1.07 11.45 13.85
CA GLU C 286 0.47 10.59 12.84
C GLU C 286 -1.00 10.47 13.15
N GLU C 287 -1.85 10.73 12.15
CA GLU C 287 -3.28 10.57 12.38
C GLU C 287 -3.63 9.08 12.42
N VAL C 288 -4.42 8.70 13.42
CA VAL C 288 -4.90 7.34 13.59
C VAL C 288 -6.40 7.41 13.86
N SER C 289 -7.04 6.25 14.00
CA SER C 289 -8.50 6.22 14.11
C SER C 289 -8.99 7.05 15.29
N GLN C 290 -8.27 7.03 16.42
CA GLN C 290 -8.74 7.72 17.61
C GLN C 290 -8.48 9.22 17.57
N GLY C 291 -7.47 9.66 16.81
CA GLY C 291 -7.09 11.05 16.81
C GLY C 291 -5.69 11.23 16.28
N ILE C 292 -4.85 11.96 17.01
CA ILE C 292 -3.47 12.26 16.61
C ILE C 292 -2.52 11.51 17.55
N PHE C 293 -1.62 10.71 16.97
CA PHE C 293 -0.62 9.94 17.71
C PHE C 293 0.71 10.67 17.76
N ASP C 294 1.27 10.86 18.96
CA ASP C 294 2.50 11.65 19.16
C ASP C 294 3.72 10.73 19.27
N HIS C 295 4.52 10.67 18.20
CA HIS C 295 5.70 9.80 18.18
C HIS C 295 6.83 10.33 19.04
N GLN C 296 6.85 11.62 19.36
CA GLN C 296 7.92 12.14 20.20
C GLN C 296 7.79 11.61 21.64
N VAL C 297 6.60 11.67 22.21
CA VAL C 297 6.43 11.12 23.57
C VAL C 297 6.46 9.59 23.52
N MET C 298 5.93 8.96 22.46
CA MET C 298 6.10 7.51 22.32
C MET C 298 7.56 7.11 22.40
N ARG C 299 8.43 7.91 21.76
CA ARG C 299 9.86 7.64 21.81
C ARG C 299 10.41 7.71 23.22
N LYS C 300 9.95 8.70 24.00
CA LYS C 300 10.45 8.85 25.36
C LYS C 300 9.95 7.72 26.25
N ARG C 301 8.70 7.29 26.06
CA ARG C 301 8.11 6.22 26.85
C ARG C 301 8.82 4.90 26.59
N TYR C 302 9.08 4.59 25.32
CA TYR C 302 9.94 3.45 24.99
C TYR C 302 11.33 3.61 25.62
N ALA C 303 11.86 4.84 25.66
CA ALA C 303 13.23 4.99 26.11
C ALA C 303 13.38 4.63 27.59
N ILE C 304 12.36 4.93 28.40
CA ILE C 304 12.37 4.53 29.81
C ILE C 304 12.48 3.02 29.94
N SER C 305 11.67 2.28 29.18
CA SER C 305 11.70 0.83 29.19
C SER C 305 13.04 0.30 28.70
N PHE C 306 13.60 0.92 27.65
CA PHE C 306 14.84 0.42 27.05
C PHE C 306 16.05 0.71 27.92
N ASP C 307 16.09 1.88 28.56
CA ASP C 307 17.15 2.17 29.53
C ASP C 307 17.14 1.12 30.64
N THR C 308 15.95 0.85 31.20
CA THR C 308 15.85 -0.14 32.27
C THR C 308 16.33 -1.51 31.80
N LEU C 309 15.88 -1.94 30.63
CA LEU C 309 16.32 -3.19 30.04
C LEU C 309 17.85 -3.25 29.91
N LEU C 310 18.44 -2.22 29.28
CA LEU C 310 19.87 -2.28 28.96
C LEU C 310 20.75 -2.21 30.20
N LEU C 311 20.40 -1.35 31.15
CA LEU C 311 21.18 -1.29 32.39
C LEU C 311 21.03 -2.56 33.22
N GLU C 312 19.84 -3.16 33.19
CA GLU C 312 19.63 -4.43 33.86
C GLU C 312 20.45 -5.53 33.18
N ALA C 313 20.35 -5.63 31.85
CA ALA C 313 21.10 -6.64 31.13
C ALA C 313 22.60 -6.50 31.36
N GLN C 314 23.10 -5.26 31.42
CA GLN C 314 24.52 -5.03 31.70
C GLN C 314 24.92 -5.63 33.03
N ASP C 315 24.12 -5.39 34.07
CA ASP C 315 24.47 -5.86 35.41
C ASP C 315 24.42 -7.39 35.50
N ARG C 316 23.39 -8.00 34.91
CA ARG C 316 23.29 -9.45 34.95
C ARG C 316 24.47 -10.09 34.22
N ALA C 317 24.86 -9.54 33.06
CA ALA C 317 25.95 -10.11 32.29
C ALA C 317 27.29 -9.93 33.01
N PHE C 318 27.51 -8.77 33.62
CA PHE C 318 28.75 -8.58 34.37
C PHE C 318 28.90 -9.62 35.46
N LYS C 319 27.83 -9.85 36.21
CA LYS C 319 27.88 -10.83 37.28
C LYS C 319 27.96 -12.26 36.74
N ALA C 320 27.49 -12.50 35.52
CA ALA C 320 27.61 -13.82 34.91
C ALA C 320 28.97 -14.06 34.27
N GLY C 321 29.76 -13.01 34.05
CA GLY C 321 31.09 -13.18 33.50
C GLY C 321 31.14 -13.38 32.02
N LYS C 322 30.09 -12.99 31.29
CA LYS C 322 30.01 -13.19 29.85
C LYS C 322 29.04 -12.15 29.28
N PRO C 323 29.09 -11.87 27.98
CA PRO C 323 28.23 -10.83 27.42
C PRO C 323 26.77 -11.24 27.36
N ALA C 324 25.91 -10.23 27.35
CA ALA C 324 24.47 -10.46 27.25
C ALA C 324 24.07 -10.71 25.80
N TYR C 325 23.20 -11.69 25.59
CA TYR C 325 22.54 -11.88 24.29
C TYR C 325 21.07 -11.56 24.51
N ILE C 326 20.66 -10.35 24.12
CA ILE C 326 19.34 -9.83 24.44
C ILE C 326 18.37 -10.20 23.32
N HIS C 327 17.30 -10.88 23.71
CA HIS C 327 16.18 -11.23 22.83
C HIS C 327 15.10 -10.15 23.01
N VAL C 328 14.99 -9.23 22.04
CA VAL C 328 14.12 -8.06 22.15
C VAL C 328 12.83 -8.33 21.37
N VAL C 329 11.69 -8.18 22.02
CA VAL C 329 10.40 -8.31 21.37
C VAL C 329 9.72 -6.95 21.32
N GLY C 330 8.79 -6.83 20.37
CA GLY C 330 8.12 -5.56 20.12
C GLY C 330 7.06 -5.27 21.14
N ILE C 331 7.45 -4.87 22.36
CA ILE C 331 6.46 -4.54 23.37
C ILE C 331 5.54 -3.44 22.84
N GLY C 332 4.23 -3.63 23.00
CA GLY C 332 3.25 -2.70 22.50
C GLY C 332 2.96 -2.78 21.01
N LEU C 333 3.67 -3.63 20.25
CA LEU C 333 3.47 -3.74 18.81
C LEU C 333 2.67 -4.99 18.41
N GLY C 334 2.14 -5.74 19.36
CA GLY C 334 1.28 -6.86 19.03
C GLY C 334 -0.19 -6.52 19.14
N VAL C 335 -0.91 -7.15 20.08
CA VAL C 335 -2.31 -6.81 20.28
C VAL C 335 -2.49 -5.35 20.69
N TRP C 336 -1.44 -4.68 21.13
CA TRP C 336 -1.58 -3.30 21.55
C TRP C 336 -1.15 -2.28 20.49
N LYS C 337 -0.79 -2.72 19.28
CA LYS C 337 -0.26 -1.79 18.30
C LYS C 337 -1.33 -0.76 17.93
N ALA C 338 -0.88 0.49 17.77
CA ALA C 338 -1.79 1.62 17.69
C ALA C 338 -1.42 2.64 16.62
N ALA C 339 -0.23 2.57 16.01
CA ALA C 339 0.12 3.48 14.92
C ALA C 339 0.97 2.74 13.90
N ARG C 340 0.87 3.21 12.65
CA ARG C 340 1.59 2.56 11.55
C ARG C 340 3.10 2.75 11.67
N GLN C 341 3.53 3.93 12.13
CA GLN C 341 4.96 4.19 12.34
C GLN C 341 5.46 3.78 13.74
N GLN C 342 4.65 3.08 14.53
CA GLN C 342 5.07 2.81 15.91
C GLN C 342 6.34 1.94 15.96
N GLU C 343 6.40 0.89 15.13
CA GLU C 343 7.59 0.04 15.13
C GLU C 343 8.84 0.82 14.76
N ARG C 344 8.73 1.79 13.84
CA ARG C 344 9.92 2.58 13.51
C ARG C 344 10.33 3.48 14.66
N THR C 345 9.34 4.08 15.35
CA THR C 345 9.64 4.83 16.57
C THR C 345 10.31 3.95 17.61
N PHE C 346 9.80 2.73 17.81
CA PHE C 346 10.44 1.74 18.69
C PHE C 346 11.93 1.63 18.40
N LEU C 347 12.28 1.38 17.13
CA LEU C 347 13.68 1.12 16.80
C LEU C 347 14.51 2.40 16.87
N GLU C 348 13.96 3.53 16.45
CA GLU C 348 14.66 4.80 16.63
C GLU C 348 14.99 5.04 18.10
N SER C 349 14.01 4.77 18.98
CA SER C 349 14.22 5.02 20.41
C SER C 349 15.30 4.09 20.95
N PHE C 350 15.31 2.84 20.54
CA PHE C 350 16.30 1.85 21.00
C PHE C 350 17.70 2.24 20.50
N GLU C 351 17.84 2.57 19.21
CA GLU C 351 19.18 2.99 18.80
C GLU C 351 19.68 4.18 19.62
N GLY C 352 18.78 5.13 19.92
CA GLY C 352 19.22 6.30 20.63
C GLY C 352 19.69 6.00 22.05
N ARG C 353 19.06 5.03 22.71
CA ARG C 353 19.48 4.70 24.07
C ARG C 353 20.78 3.90 24.09
N LEU C 354 20.97 3.01 23.11
CA LEU C 354 22.27 2.33 22.98
C LEU C 354 23.40 3.33 22.88
N ARG C 355 23.26 4.33 22.03
CA ARG C 355 24.33 5.31 21.88
C ARG C 355 24.44 6.20 23.11
N ALA C 356 23.29 6.59 23.70
CA ALA C 356 23.36 7.47 24.87
C ALA C 356 24.06 6.78 26.03
N LEU C 357 23.73 5.51 26.28
CA LEU C 357 24.33 4.81 27.40
C LEU C 357 25.82 4.52 27.14
N GLY C 358 26.20 4.35 25.88
CA GLY C 358 27.59 4.39 25.48
C GLY C 358 28.45 3.36 26.19
N GLU C 359 29.58 3.82 26.74
CA GLU C 359 30.53 2.93 27.37
C GLU C 359 29.98 2.23 28.59
N ARG C 360 28.79 2.58 29.06
CA ARG C 360 28.21 1.79 30.14
C ARG C 360 27.86 0.37 29.71
N LEU C 361 27.72 0.11 28.40
CA LEU C 361 27.20 -1.16 27.90
C LEU C 361 28.30 -2.13 27.49
N SER C 362 29.37 -2.20 28.27
CA SER C 362 30.54 -3.01 27.94
C SER C 362 30.27 -4.51 27.98
N HIS C 363 29.22 -4.97 28.66
CA HIS C 363 28.96 -6.40 28.73
C HIS C 363 27.70 -6.80 27.97
N ILE C 364 27.28 -5.97 27.02
CA ILE C 364 26.23 -6.33 26.08
C ILE C 364 26.90 -6.88 24.84
N GLY C 365 26.64 -8.14 24.52
CA GLY C 365 27.26 -8.74 23.36
C GLY C 365 26.47 -8.49 22.10
N VAL C 366 25.20 -8.85 22.15
CA VAL C 366 24.30 -8.88 21.00
C VAL C 366 22.93 -8.34 21.43
N VAL C 367 22.31 -7.55 20.57
CA VAL C 367 20.90 -7.18 20.69
C VAL C 367 20.15 -7.77 19.49
N HIS C 368 19.24 -8.71 19.76
CA HIS C 368 18.56 -9.47 18.72
C HIS C 368 17.10 -9.06 18.70
N PHE C 369 16.73 -8.28 17.70
CA PHE C 369 15.33 -7.89 17.46
C PHE C 369 14.60 -9.04 16.78
N SER C 370 13.60 -9.60 17.44
CA SER C 370 12.92 -10.80 16.97
C SER C 370 11.46 -10.49 16.68
N TRP C 371 11.02 -10.84 15.47
CA TRP C 371 9.66 -10.59 14.96
C TRP C 371 9.42 -9.09 14.80
N PHE C 372 10.19 -8.48 13.92
CA PHE C 372 10.03 -7.09 13.54
C PHE C 372 9.76 -7.04 12.05
N HIS C 373 8.88 -6.12 11.63
CA HIS C 373 8.51 -5.99 10.23
C HIS C 373 9.57 -5.20 9.46
N LEU C 374 10.15 -4.18 10.07
CA LEU C 374 11.21 -3.41 9.43
C LEU C 374 12.55 -4.11 9.56
N ALA C 375 13.27 -4.22 8.45
CA ALA C 375 14.57 -4.86 8.48
C ALA C 375 15.66 -3.91 8.94
N CYS C 376 15.48 -2.62 8.73
CA CYS C 376 16.57 -1.66 8.99
C CYS C 376 15.99 -0.29 9.33
N VAL C 377 16.34 0.22 10.50
CA VAL C 377 16.01 1.59 10.89
C VAL C 377 17.29 2.23 11.39
N GLY C 378 17.71 3.32 10.74
CA GLY C 378 18.94 3.97 11.16
C GLY C 378 20.12 3.05 10.95
N SER C 379 20.96 2.91 11.97
CA SER C 379 22.05 1.94 11.96
C SER C 379 21.63 0.54 12.43
N LEU C 380 20.36 0.32 12.77
CA LEU C 380 19.94 -0.96 13.34
C LEU C 380 19.48 -1.89 12.22
N HIS C 381 20.39 -2.77 11.79
CA HIS C 381 20.04 -3.78 10.79
C HIS C 381 20.88 -5.01 11.10
N ASP C 382 20.38 -6.17 10.67
CA ASP C 382 21.06 -7.43 10.97
C ASP C 382 22.52 -7.38 10.56
N GLY C 383 23.41 -7.74 11.51
CA GLY C 383 24.84 -7.76 11.29
C GLY C 383 25.56 -6.47 11.62
N ALA C 384 24.84 -5.38 11.89
CA ALA C 384 25.51 -4.14 12.26
C ALA C 384 26.22 -4.29 13.60
N ILE C 385 27.18 -3.40 13.82
CA ILE C 385 27.89 -3.29 15.10
C ILE C 385 27.86 -1.83 15.51
N ILE C 386 27.28 -1.54 16.68
CA ILE C 386 27.30 -0.22 17.26
C ILE C 386 28.56 -0.08 18.07
N PRO C 387 29.53 0.75 17.68
CA PRO C 387 30.79 0.86 18.43
C PRO C 387 30.55 1.37 19.86
N VAL C 388 31.32 0.83 20.80
CA VAL C 388 31.19 1.18 22.21
C VAL C 388 32.61 1.38 22.75
N ASP C 389 32.85 2.56 23.34
CA ASP C 389 34.15 2.85 23.94
C ASP C 389 34.45 1.90 25.09
N LYS C 390 35.66 1.33 25.09
CA LYS C 390 36.19 0.44 26.12
C LYS C 390 35.46 -0.91 26.17
N HIS C 391 34.55 -1.16 25.24
CA HIS C 391 33.94 -2.48 25.11
C HIS C 391 35.01 -3.50 24.71
N PRO C 392 35.15 -4.59 25.45
CA PRO C 392 36.19 -5.60 25.09
C PRO C 392 36.00 -6.19 23.70
N GLN C 393 34.84 -6.04 23.07
CA GLN C 393 34.63 -6.53 21.72
C GLN C 393 34.50 -5.38 20.72
N GLY C 394 34.81 -4.15 21.13
CA GLY C 394 34.69 -3.00 20.27
C GLY C 394 33.30 -2.45 20.12
N GLY C 395 32.28 -3.24 20.42
CA GLY C 395 30.93 -2.73 20.32
C GLY C 395 29.92 -3.85 20.44
N ILE C 396 28.67 -3.50 20.12
CA ILE C 396 27.51 -4.36 20.31
C ILE C 396 27.02 -4.81 18.94
N ARG C 397 26.83 -6.12 18.78
CA ARG C 397 26.29 -6.68 17.54
C ARG C 397 24.76 -6.63 17.51
N ILE C 398 24.21 -6.27 16.36
CA ILE C 398 22.77 -6.17 16.15
C ILE C 398 22.31 -7.32 15.26
N ARG C 399 21.23 -7.97 15.65
CA ARG C 399 20.56 -8.94 14.79
C ARG C 399 19.09 -8.56 14.67
N ASN C 400 18.49 -8.93 13.54
CA ASN C 400 17.07 -8.70 13.28
C ASN C 400 16.56 -9.92 12.51
N SER C 401 15.92 -10.84 13.21
CA SER C 401 15.36 -12.06 12.65
C SER C 401 14.52 -12.73 13.71
N VAL C 402 13.54 -13.52 13.26
CA VAL C 402 12.72 -14.29 14.17
C VAL C 402 13.55 -15.41 14.77
N ARG C 403 13.40 -15.62 16.07
CA ARG C 403 14.06 -16.71 16.74
C ARG C 403 13.18 -17.10 17.91
N ASN C 404 13.32 -18.34 18.34
CA ASN C 404 12.75 -18.71 19.61
C ASN C 404 13.63 -18.16 20.73
N PRO C 405 13.03 -17.57 21.78
CA PRO C 405 13.87 -16.97 22.83
C PRO C 405 14.85 -17.96 23.48
N GLY C 406 14.41 -19.19 23.76
CA GLY C 406 15.27 -20.19 24.36
C GLY C 406 16.22 -20.91 23.42
N ASP C 407 16.27 -20.54 22.15
CA ASP C 407 17.10 -21.25 21.20
C ASP C 407 18.55 -21.30 21.69
N LYS C 408 19.20 -22.44 21.45
CA LYS C 408 20.60 -22.59 21.82
C LYS C 408 21.47 -21.54 21.12
N LEU C 409 22.31 -20.86 21.90
CA LEU C 409 23.24 -19.85 21.37
C LEU C 409 24.53 -20.48 20.90
N THR C 410 25.10 -19.93 19.84
CA THR C 410 26.37 -20.42 19.35
C THR C 410 27.56 -19.72 19.99
N GLU C 411 27.34 -18.65 20.78
CA GLU C 411 28.40 -17.96 21.50
C GLU C 411 28.19 -18.08 23.00
N ASP C 412 29.27 -18.02 23.78
CA ASP C 412 29.17 -18.17 25.24
C ASP C 412 28.70 -16.85 25.82
N MET C 413 27.37 -16.69 25.84
CA MET C 413 26.73 -15.46 26.25
C MET C 413 25.56 -15.80 27.16
N LEU C 414 25.16 -14.82 27.99
CA LEU C 414 23.99 -14.98 28.83
C LEU C 414 22.75 -14.62 28.02
N PRO C 415 21.80 -15.54 27.84
CA PRO C 415 20.53 -15.15 27.23
C PRO C 415 19.77 -14.22 28.16
N VAL C 416 19.38 -13.07 27.65
CA VAL C 416 18.53 -12.13 28.35
C VAL C 416 17.27 -11.99 27.51
N VAL C 417 16.19 -12.61 27.97
CA VAL C 417 14.96 -12.77 27.20
C VAL C 417 13.92 -11.79 27.73
N THR C 418 13.39 -10.94 26.85
CA THR C 418 12.28 -10.06 27.17
C THR C 418 10.97 -10.71 26.76
N TYR C 419 9.89 -10.35 27.45
CA TYR C 419 8.54 -10.73 27.03
C TYR C 419 7.59 -9.56 27.27
N ALA C 420 6.53 -9.50 26.47
CA ALA C 420 5.55 -8.41 26.55
C ALA C 420 4.55 -8.71 27.65
N TRP C 421 4.58 -7.91 28.72
CA TRP C 421 3.82 -8.12 29.94
C TRP C 421 2.67 -7.10 30.01
N ASP C 422 2.11 -6.94 31.21
CA ASP C 422 0.92 -6.12 31.41
C ASP C 422 1.00 -5.47 32.79
N GLY C 423 0.59 -4.22 32.88
CA GLY C 423 0.69 -3.51 34.14
C GLY C 423 -0.30 -3.93 35.22
N ASN C 424 -1.31 -4.76 34.90
CA ASN C 424 -2.32 -5.12 35.88
C ASN C 424 -2.55 -6.63 35.95
N ALA C 425 -1.54 -7.42 35.60
CA ALA C 425 -1.68 -8.87 35.56
C ALA C 425 -0.41 -9.52 36.09
N LEU C 426 -0.57 -10.69 36.70
CA LEU C 426 0.58 -11.51 37.04
C LEU C 426 1.34 -11.90 35.78
N PRO C 427 2.63 -12.23 35.90
CA PRO C 427 3.37 -12.71 34.72
C PRO C 427 2.66 -13.92 34.12
N GLY C 428 2.49 -13.90 32.81
CA GLY C 428 1.71 -14.88 32.10
C GLY C 428 0.31 -14.41 31.70
N ASN C 429 -0.28 -13.52 32.50
CA ASN C 429 -1.62 -12.95 32.27
C ASN C 429 -2.67 -14.01 31.96
N GLU C 430 -3.13 -14.12 30.71
CA GLU C 430 -4.24 -15.04 30.43
C GLU C 430 -3.90 -16.47 30.81
N PHE C 431 -2.61 -16.80 30.87
CA PHE C 431 -2.11 -18.07 31.37
C PHE C 431 -2.93 -18.52 32.56
N TRP C 432 -3.27 -17.56 33.43
CA TRP C 432 -3.97 -17.83 34.69
C TRP C 432 -5.46 -18.12 34.49
N ALA C 433 -6.01 -17.77 33.34
CA ALA C 433 -7.35 -18.14 32.92
C ALA C 433 -7.36 -19.45 32.16
N ASN C 434 -6.26 -20.20 32.23
CA ASN C 434 -6.09 -21.48 31.52
C ASN C 434 -6.13 -21.31 30.00
N MET C 435 -5.51 -20.23 29.51
CA MET C 435 -5.26 -20.01 28.08
C MET C 435 -3.75 -19.99 27.87
N LEU C 436 -3.19 -21.12 27.46
CA LEU C 436 -1.75 -21.28 27.39
C LEU C 436 -1.17 -20.96 26.02
N ILE C 437 -2.00 -20.60 25.04
CA ILE C 437 -1.46 -20.19 23.74
C ILE C 437 -2.27 -19.00 23.25
N SER C 438 -1.60 -17.85 23.09
CA SER C 438 -2.30 -16.60 22.84
C SER C 438 -1.29 -15.53 22.44
N THR C 439 -0.88 -14.65 23.37
CA THR C 439 0.15 -13.65 23.15
C THR C 439 1.49 -14.11 23.74
N GLY C 440 2.50 -13.22 23.74
CA GLY C 440 3.80 -13.54 24.31
C GLY C 440 3.76 -13.76 25.80
N ASP C 441 2.78 -13.18 26.50
CA ASP C 441 2.77 -13.27 27.95
C ASP C 441 2.57 -14.70 28.45
N PRO C 442 1.50 -15.41 28.09
CA PRO C 442 1.41 -16.82 28.54
C PRO C 442 2.52 -17.70 27.97
N ALA C 443 3.03 -17.37 26.78
CA ALA C 443 4.12 -18.14 26.21
C ALA C 443 5.39 -18.04 27.05
N ALA C 444 5.68 -16.85 27.59
CA ALA C 444 6.79 -16.70 28.54
C ALA C 444 6.56 -17.54 29.79
N ALA C 445 5.33 -17.54 30.32
CA ALA C 445 5.06 -18.27 31.55
C ALA C 445 5.19 -19.77 31.34
N CYS C 446 4.74 -20.27 30.19
CA CYS C 446 4.69 -21.70 29.94
C CYS C 446 6.08 -22.29 29.81
N SER C 447 7.06 -21.48 29.40
CA SER C 447 8.38 -21.95 29.02
C SER C 447 9.47 -21.57 30.00
N THR C 448 9.13 -20.95 31.13
CA THR C 448 10.10 -20.58 32.16
C THR C 448 9.48 -20.92 33.50
N LEU C 449 10.05 -20.39 34.58
CA LEU C 449 9.49 -20.55 35.92
C LEU C 449 8.89 -19.27 36.47
N ILE C 450 8.66 -18.26 35.62
CA ILE C 450 8.25 -16.95 36.09
C ILE C 450 6.87 -16.92 36.73
N SER C 451 5.98 -17.86 36.40
CA SER C 451 4.67 -17.86 37.07
C SER C 451 4.81 -18.00 38.58
N GLU C 452 5.94 -18.52 39.06
CA GLU C 452 6.25 -18.51 40.48
C GLU C 452 7.39 -17.56 40.82
N LEU C 453 8.48 -17.60 40.04
CA LEU C 453 9.68 -16.85 40.42
C LEU C 453 9.47 -15.34 40.30
N GLN C 454 8.54 -14.90 39.45
CA GLN C 454 8.21 -13.48 39.33
C GLN C 454 6.85 -13.17 39.93
N ASN C 455 6.29 -14.10 40.69
CA ASN C 455 4.98 -13.96 41.31
C ASN C 455 5.12 -13.34 42.69
N PRO C 456 4.57 -12.14 42.93
CA PRO C 456 4.69 -11.53 44.27
C PRO C 456 4.05 -12.34 45.40
N HIS C 457 3.17 -13.28 45.10
CA HIS C 457 2.49 -14.04 46.12
C HIS C 457 3.05 -15.45 46.27
N ILE C 458 4.10 -15.77 45.51
CA ILE C 458 4.80 -17.04 45.62
C ILE C 458 6.27 -16.82 45.98
N ASN C 459 6.98 -15.98 45.22
CA ASN C 459 8.35 -15.59 45.55
C ASN C 459 8.31 -14.36 46.47
N VAL C 460 7.91 -14.61 47.72
CA VAL C 460 7.51 -13.52 48.61
C VAL C 460 8.71 -12.78 49.20
N HIS C 461 9.88 -13.43 49.30
CA HIS C 461 11.07 -12.82 49.89
C HIS C 461 11.89 -12.00 48.90
N TYR C 462 11.71 -12.20 47.60
CA TYR C 462 12.49 -11.50 46.59
C TYR C 462 11.66 -10.69 45.59
N MET C 463 10.49 -11.17 45.20
CA MET C 463 9.61 -10.36 44.34
C MET C 463 8.71 -9.52 45.25
N ASN C 464 9.33 -8.52 45.87
CA ASN C 464 8.63 -7.61 46.77
C ASN C 464 9.27 -6.23 46.64
N GLY C 465 8.56 -5.21 47.14
CA GLY C 465 9.05 -3.85 47.04
C GLY C 465 10.32 -3.59 47.82
N ALA C 466 10.52 -4.34 48.91
CA ALA C 466 11.75 -4.18 49.68
C ALA C 466 12.98 -4.51 48.83
N ASN C 467 12.83 -5.36 47.81
CA ASN C 467 13.92 -5.75 46.93
C ASN C 467 13.95 -4.94 45.63
N LEU C 468 13.35 -3.75 45.63
CA LEU C 468 13.32 -2.92 44.44
C LEU C 468 14.74 -2.55 44.02
N HIS C 469 15.00 -2.67 42.73
CA HIS C 469 16.22 -2.17 42.13
C HIS C 469 15.91 -0.98 41.23
N ILE C 470 16.91 -0.14 41.05
CA ILE C 470 16.81 1.10 40.29
C ILE C 470 17.82 1.04 39.15
N ALA C 471 17.36 1.33 37.95
CA ALA C 471 18.24 1.46 36.77
C ALA C 471 18.65 2.93 36.65
N SER C 472 19.89 3.26 37.03
CA SER C 472 20.39 4.63 37.01
C SER C 472 21.41 4.81 35.90
N VAL C 473 21.22 5.84 35.07
CA VAL C 473 22.18 6.09 33.98
C VAL C 473 23.57 6.36 34.56
N GLU C 474 23.67 7.26 35.55
CA GLU C 474 24.96 7.62 36.10
C GLU C 474 25.52 6.50 36.97
N HIS C 475 24.68 5.88 37.81
CA HIS C 475 25.18 4.99 38.84
C HIS C 475 25.01 3.51 38.51
N GLY C 476 24.31 3.17 37.42
CA GLY C 476 24.07 1.79 37.08
C GLY C 476 22.90 1.18 37.82
N LEU C 477 22.83 -0.16 37.78
CA LEU C 477 21.75 -0.90 38.43
C LEU C 477 22.11 -1.21 39.89
N LEU C 478 21.22 -0.86 40.79
CA LEU C 478 21.49 -0.98 42.21
C LEU C 478 20.19 -1.26 42.94
N HIS C 479 20.30 -1.97 44.06
CA HIS C 479 19.20 -1.99 45.02
C HIS C 479 18.83 -0.56 45.40
N VAL C 480 17.54 -0.34 45.66
CA VAL C 480 17.05 1.02 45.89
C VAL C 480 17.76 1.68 47.07
N GLY C 481 18.12 0.89 48.10
CA GLY C 481 18.81 1.45 49.25
C GLY C 481 20.16 2.02 48.89
N ASP C 482 20.97 1.25 48.16
CA ASP C 482 22.24 1.78 47.68
C ASP C 482 22.04 2.99 46.76
N TYR C 483 21.02 2.96 45.89
CA TYR C 483 20.81 4.07 44.97
C TYR C 483 20.58 5.38 45.72
N ALA C 484 19.63 5.39 46.66
CA ALA C 484 19.27 6.63 47.34
C ALA C 484 20.47 7.24 48.06
N ARG C 485 21.34 6.41 48.62
CA ARG C 485 22.52 6.90 49.30
C ARG C 485 23.54 7.55 48.35
N ARG C 486 23.47 7.27 47.03
CA ARG C 486 24.30 8.02 46.08
C ARG C 486 23.86 9.47 45.93
N LEU C 487 22.64 9.79 46.35
CA LEU C 487 22.04 11.10 46.12
C LEU C 487 22.50 12.06 47.22
N ILE C 488 23.62 12.72 46.99
CA ILE C 488 24.16 13.71 47.93
C ILE C 488 25.24 14.51 47.21
N SER D 5 -23.89 -18.76 -12.66
CA SER D 5 -23.22 -18.86 -11.36
C SER D 5 -23.29 -20.30 -10.83
N TRP D 6 -22.24 -20.71 -10.13
CA TRP D 6 -22.32 -22.05 -9.57
C TRP D 6 -22.95 -22.00 -8.18
N PRO D 7 -23.82 -22.95 -7.80
CA PRO D 7 -24.30 -24.10 -8.58
C PRO D 7 -25.35 -23.76 -9.62
N GLY D 8 -25.38 -24.55 -10.69
CA GLY D 8 -26.37 -24.43 -11.73
C GLY D 8 -27.57 -25.30 -11.47
N LYS D 9 -28.41 -25.43 -12.49
CA LYS D 9 -29.61 -26.26 -12.41
C LYS D 9 -29.23 -27.67 -11.97
N ARG D 10 -29.80 -28.11 -10.85
CA ARG D 10 -29.49 -29.43 -10.33
C ARG D 10 -29.88 -30.49 -11.35
N THR D 11 -29.05 -31.52 -11.48
CA THR D 11 -29.17 -32.50 -12.55
C THR D 11 -30.44 -33.33 -12.38
N ASN D 12 -30.51 -34.44 -13.11
CA ASN D 12 -31.55 -35.43 -12.85
C ASN D 12 -31.39 -35.97 -11.44
N LEU D 13 -32.45 -36.60 -10.92
CA LEU D 13 -32.36 -37.20 -9.61
C LEU D 13 -32.44 -38.72 -9.69
N PRO D 14 -31.37 -39.41 -10.18
CA PRO D 14 -31.34 -40.88 -10.06
C PRO D 14 -30.58 -41.31 -8.81
N GLU D 15 -29.24 -41.29 -8.91
CA GLU D 15 -28.30 -41.59 -7.82
C GLU D 15 -28.15 -43.09 -7.57
N ASN D 16 -27.11 -43.46 -6.84
CA ASN D 16 -26.85 -44.87 -6.56
C ASN D 16 -27.77 -45.37 -5.46
N ALA D 17 -27.66 -46.66 -5.15
CA ALA D 17 -28.59 -47.31 -4.23
C ALA D 17 -28.40 -46.83 -2.79
N PHE D 18 -27.14 -46.67 -2.38
CA PHE D 18 -26.83 -46.12 -1.06
C PHE D 18 -27.56 -44.79 -0.86
N THR D 19 -27.41 -43.88 -1.81
CA THR D 19 -28.03 -42.57 -1.69
C THR D 19 -29.55 -42.68 -1.70
N GLN D 20 -30.08 -43.56 -2.56
CA GLN D 20 -31.53 -43.72 -2.66
C GLN D 20 -32.12 -44.25 -1.35
N ARG D 21 -31.40 -45.13 -0.67
CA ARG D 21 -31.91 -45.66 0.59
C ARG D 21 -31.98 -44.54 1.64
N MET D 22 -30.89 -43.80 1.80
CA MET D 22 -30.89 -42.74 2.80
C MET D 22 -31.91 -41.65 2.47
N LEU D 23 -32.10 -41.35 1.18
CA LEU D 23 -33.14 -40.40 0.82
C LEU D 23 -34.52 -40.93 1.20
N GLN D 24 -34.74 -42.25 1.12
CA GLN D 24 -36.11 -42.68 1.38
C GLN D 24 -36.38 -42.61 2.87
N GLU D 25 -35.32 -42.82 3.67
CA GLU D 25 -35.44 -42.67 5.12
C GLU D 25 -35.81 -41.25 5.48
N CYS D 26 -35.17 -40.26 4.85
CA CYS D 26 -35.60 -38.88 5.02
C CYS D 26 -37.04 -38.69 4.59
N GLY D 27 -37.53 -39.51 3.65
CA GLY D 27 -38.91 -39.40 3.22
C GLY D 27 -39.93 -39.70 4.30
N GLN D 28 -39.53 -40.45 5.33
CA GLN D 28 -40.40 -40.83 6.45
C GLN D 28 -40.42 -39.78 7.57
N MET D 29 -39.80 -38.63 7.35
CA MET D 29 -39.69 -37.57 8.34
C MET D 29 -40.99 -36.79 8.45
N ALA D 30 -41.32 -36.35 9.67
CA ALA D 30 -42.35 -35.34 9.90
C ALA D 30 -41.81 -34.22 10.78
N LYS D 31 -42.30 -32.99 10.57
CA LYS D 31 -41.88 -31.88 11.41
C LYS D 31 -42.39 -32.06 12.84
N PRO D 32 -41.68 -31.53 13.84
CA PRO D 32 -42.15 -31.62 15.22
C PRO D 32 -43.29 -30.63 15.49
N ASP D 33 -44.06 -30.94 16.55
CA ASP D 33 -45.10 -30.03 17.01
C ASP D 33 -44.51 -28.87 17.78
N ALA D 34 -45.21 -27.72 17.74
CA ALA D 34 -44.77 -26.47 18.39
C ALA D 34 -45.53 -26.29 19.71
N SER D 35 -45.04 -26.90 20.77
CA SER D 35 -45.53 -26.65 22.11
C SER D 35 -44.32 -26.52 23.02
N VAL D 36 -44.25 -25.44 23.77
CA VAL D 36 -43.11 -25.15 24.63
C VAL D 36 -43.59 -24.90 26.05
N ASP D 37 -42.84 -25.40 27.03
CA ASP D 37 -43.02 -25.00 28.41
C ASP D 37 -41.78 -24.23 28.86
N LEU D 38 -41.97 -22.94 29.15
CA LEU D 38 -40.84 -22.04 29.42
C LEU D 38 -40.15 -22.32 30.75
N ASP D 39 -40.85 -22.94 31.72
CA ASP D 39 -40.17 -23.30 32.97
C ASP D 39 -39.25 -24.49 32.78
N ASN D 40 -39.70 -25.52 32.05
CA ASN D 40 -38.82 -26.63 31.67
C ASN D 40 -37.62 -26.13 30.90
N PHE D 41 -37.86 -25.23 29.94
CA PHE D 41 -36.75 -24.69 29.15
C PHE D 41 -35.72 -24.04 30.05
N LYS D 42 -36.16 -23.18 30.96
CA LYS D 42 -35.22 -22.51 31.85
C LYS D 42 -34.46 -23.51 32.70
N ALA D 43 -35.15 -24.58 33.14
CA ALA D 43 -34.51 -25.62 33.93
C ALA D 43 -33.45 -26.35 33.12
N ILE D 44 -33.77 -26.69 31.86
CA ILE D 44 -32.79 -27.37 31.03
C ILE D 44 -31.59 -26.47 30.75
N SER D 45 -31.81 -25.17 30.58
CA SER D 45 -30.70 -24.23 30.46
C SER D 45 -29.81 -24.25 31.70
N GLU D 46 -30.41 -24.40 32.89
CA GLU D 46 -29.61 -24.50 34.10
C GLU D 46 -28.80 -25.78 34.15
N GLN D 47 -29.23 -26.83 33.43
CA GLN D 47 -28.49 -28.09 33.37
C GLN D 47 -27.33 -28.05 32.39
N SER D 48 -27.16 -26.97 31.65
CA SER D 48 -26.05 -26.84 30.70
C SER D 48 -24.72 -27.08 31.41
N PRO D 49 -23.92 -28.04 30.97
CA PRO D 49 -22.65 -28.29 31.64
C PRO D 49 -21.67 -27.13 31.51
N ALA D 50 -21.79 -26.34 30.45
CA ALA D 50 -20.98 -25.15 30.27
C ALA D 50 -21.68 -23.94 30.90
N GLU D 51 -20.96 -23.21 31.74
CA GLU D 51 -21.54 -22.05 32.40
C GLU D 51 -21.70 -20.90 31.41
N PHE D 52 -22.76 -20.12 31.59
CA PHE D 52 -22.99 -18.95 30.75
C PHE D 52 -22.11 -17.81 31.24
N GLY D 53 -21.36 -17.21 30.32
CA GLY D 53 -20.54 -16.07 30.69
C GLY D 53 -21.36 -14.94 31.31
N ILE D 54 -22.45 -14.57 30.66
CA ILE D 54 -23.41 -13.61 31.20
C ILE D 54 -24.79 -14.24 31.12
N ASP D 55 -25.71 -13.65 31.89
CA ASP D 55 -27.10 -14.12 31.94
C ASP D 55 -28.11 -13.16 31.30
N SER D 56 -27.70 -11.92 30.97
CA SER D 56 -28.66 -10.97 30.42
C SER D 56 -29.27 -11.49 29.12
N CYS D 57 -28.49 -12.26 28.34
CA CYS D 57 -28.92 -12.86 27.09
C CYS D 57 -29.61 -14.21 27.25
N ARG D 58 -30.25 -14.48 28.38
CA ARG D 58 -30.92 -15.75 28.62
C ARG D 58 -32.42 -15.55 28.80
N VAL D 59 -33.16 -16.66 28.61
CA VAL D 59 -34.62 -16.60 28.72
C VAL D 59 -35.04 -16.15 30.13
N LYS D 60 -34.34 -16.62 31.16
CA LYS D 60 -34.73 -16.28 32.53
C LYS D 60 -34.60 -14.79 32.83
N ALA D 61 -33.79 -14.06 32.05
CA ALA D 61 -33.59 -12.63 32.28
C ALA D 61 -34.52 -11.76 31.45
N GLN D 62 -35.52 -12.36 30.79
CA GLN D 62 -36.40 -11.58 29.92
C GLN D 62 -37.72 -11.28 30.63
N PRO D 63 -38.42 -10.23 30.19
CA PRO D 63 -39.69 -9.86 30.85
C PRO D 63 -40.74 -10.96 30.71
N GLU D 64 -41.62 -11.05 31.72
CA GLU D 64 -42.71 -12.02 31.66
C GLU D 64 -43.64 -11.76 30.49
N ASP D 65 -43.86 -10.49 30.11
CA ASP D 65 -44.83 -10.24 29.06
C ASP D 65 -44.27 -10.54 27.68
N ARG D 66 -43.01 -10.95 27.57
CA ARG D 66 -42.45 -11.47 26.33
C ARG D 66 -42.49 -13.00 26.30
N SER D 67 -43.20 -13.62 27.26
CA SER D 67 -43.20 -15.07 27.38
C SER D 67 -43.83 -15.75 26.17
N ASP D 68 -45.00 -15.27 25.75
CA ASP D 68 -45.68 -15.92 24.63
C ASP D 68 -44.82 -15.88 23.36
N ARG D 69 -44.16 -14.76 23.11
CA ARG D 69 -43.33 -14.64 21.91
C ARG D 69 -42.08 -15.50 22.02
N ILE D 70 -41.44 -15.52 23.20
CA ILE D 70 -40.25 -16.35 23.39
C ILE D 70 -40.57 -17.82 23.16
N ARG D 71 -41.78 -18.24 23.55
CA ARG D 71 -42.22 -19.62 23.30
C ARG D 71 -42.34 -19.89 21.81
N GLU D 72 -42.73 -18.88 21.02
CA GLU D 72 -42.78 -19.07 19.58
C GLU D 72 -41.37 -19.12 19.01
N GLN D 73 -40.49 -18.27 19.53
CA GLN D 73 -39.12 -18.24 19.05
C GLN D 73 -38.41 -19.57 19.30
N ILE D 74 -38.69 -20.22 20.43
CA ILE D 74 -38.04 -21.50 20.74
C ILE D 74 -38.43 -22.55 19.71
N ALA D 75 -39.72 -22.67 19.43
CA ALA D 75 -40.20 -23.63 18.45
C ALA D 75 -39.83 -23.26 17.02
N SER D 76 -39.29 -22.07 16.78
CA SER D 76 -38.97 -21.62 15.42
C SER D 76 -37.56 -22.02 14.98
N ALA D 77 -36.76 -22.59 15.88
CA ALA D 77 -35.37 -22.90 15.61
C ALA D 77 -35.23 -24.15 14.76
N TYR D 78 -34.18 -24.21 13.95
CA TYR D 78 -33.84 -25.45 13.26
C TYR D 78 -32.42 -25.35 12.70
N PRO D 79 -31.80 -26.49 12.44
CA PRO D 79 -30.61 -26.52 11.57
C PRO D 79 -31.02 -26.57 10.11
N VAL D 80 -30.12 -26.07 9.26
CA VAL D 80 -30.41 -25.95 7.82
C VAL D 80 -29.12 -26.15 7.03
N ILE D 81 -29.23 -26.93 5.95
CA ILE D 81 -28.12 -27.14 5.02
C ILE D 81 -28.64 -26.94 3.61
N HIS D 82 -27.71 -26.66 2.70
CA HIS D 82 -28.01 -26.66 1.27
C HIS D 82 -28.38 -28.06 0.79
N GLU D 83 -29.22 -28.13 -0.23
CA GLU D 83 -29.58 -29.42 -0.81
C GLU D 83 -28.35 -30.17 -1.33
N ARG D 84 -27.33 -29.48 -1.83
CA ARG D 84 -26.13 -30.18 -2.25
C ARG D 84 -25.32 -30.65 -1.06
N THR D 85 -25.41 -29.92 0.06
CA THR D 85 -24.74 -30.32 1.29
C THR D 85 -25.32 -31.63 1.83
N LEU D 86 -26.65 -31.80 1.74
CA LEU D 86 -27.28 -33.06 2.14
C LEU D 86 -26.68 -34.23 1.38
N LEU D 87 -26.52 -34.07 0.05
CA LEU D 87 -25.99 -35.17 -0.75
C LEU D 87 -24.51 -35.43 -0.45
N LEU D 88 -23.77 -34.38 -0.10
CA LEU D 88 -22.39 -34.59 0.35
C LEU D 88 -22.37 -35.39 1.65
N PHE D 89 -23.19 -35.02 2.63
CA PHE D 89 -23.25 -35.76 3.89
C PHE D 89 -23.55 -37.23 3.63
N ILE D 90 -24.41 -37.53 2.65
CA ILE D 90 -24.70 -38.92 2.33
C ILE D 90 -23.48 -39.61 1.73
N SER D 91 -22.82 -38.95 0.77
CA SER D 91 -21.60 -39.47 0.16
C SER D 91 -20.46 -39.61 1.16
N PHE D 92 -20.48 -38.82 2.24
CA PHE D 92 -19.47 -38.96 3.29
C PHE D 92 -19.64 -40.26 4.07
N LEU D 93 -20.88 -40.62 4.42
CA LEU D 93 -21.14 -41.89 5.08
C LEU D 93 -20.74 -43.06 4.20
N GLU D 94 -21.17 -43.05 2.94
CA GLU D 94 -20.70 -44.07 2.00
C GLU D 94 -19.18 -44.17 2.02
N HIS D 95 -18.49 -43.03 1.94
CA HIS D 95 -17.03 -43.09 1.88
C HIS D 95 -16.46 -43.74 3.13
N LYS D 96 -16.85 -43.24 4.30
CA LYS D 96 -16.25 -43.70 5.55
C LYS D 96 -16.61 -45.15 5.84
N LEU D 97 -17.79 -45.62 5.39
CA LEU D 97 -18.19 -47.00 5.64
C LEU D 97 -17.31 -48.01 4.88
N THR D 98 -16.67 -47.57 3.79
CA THR D 98 -15.75 -48.39 3.01
C THR D 98 -14.29 -48.15 3.37
N PHE D 99 -13.84 -46.90 3.37
CA PHE D 99 -12.43 -46.58 3.59
C PHE D 99 -12.14 -46.09 5.00
N GLY D 100 -13.15 -45.90 5.86
CA GLY D 100 -12.89 -45.34 7.15
C GLY D 100 -12.01 -46.25 7.98
N SER D 101 -11.66 -45.76 9.16
CA SER D 101 -10.98 -46.60 10.14
C SER D 101 -12.00 -47.49 10.84
N GLU D 102 -11.48 -48.46 11.58
CA GLU D 102 -12.38 -49.30 12.36
C GLU D 102 -13.12 -48.47 13.41
N GLN D 103 -12.46 -47.47 14.00
CA GLN D 103 -13.19 -46.56 14.90
C GLN D 103 -14.28 -45.80 14.16
N GLU D 104 -14.02 -45.39 12.91
CA GLU D 104 -15.02 -44.67 12.14
C GLU D 104 -16.16 -45.59 11.70
N LYS D 105 -15.83 -46.80 11.22
CA LYS D 105 -16.85 -47.70 10.71
C LYS D 105 -17.81 -48.10 11.81
N ALA D 106 -17.30 -48.27 13.04
CA ALA D 106 -18.17 -48.65 14.14
C ALA D 106 -19.22 -47.58 14.41
N ILE D 107 -18.80 -46.32 14.46
CA ILE D 107 -19.76 -45.32 14.84
C ILE D 107 -20.72 -44.95 13.69
N TYR D 108 -20.41 -45.33 12.44
CA TYR D 108 -21.29 -44.96 11.31
C TYR D 108 -22.23 -46.07 10.83
N LYS D 109 -22.12 -47.33 11.34
CA LYS D 109 -22.84 -48.44 10.69
C LYS D 109 -24.34 -48.20 10.52
N ASP D 110 -25.03 -47.85 11.59
CA ASP D 110 -26.48 -47.72 11.48
C ASP D 110 -26.91 -46.25 11.52
N MET D 111 -26.06 -45.37 11.01
CA MET D 111 -26.25 -43.93 11.13
C MET D 111 -26.91 -43.39 9.87
N THR D 112 -28.15 -42.92 10.01
CA THR D 112 -28.85 -42.25 8.93
C THR D 112 -28.28 -40.86 8.72
N VAL D 113 -28.75 -40.18 7.65
CA VAL D 113 -28.22 -38.86 7.35
C VAL D 113 -28.57 -37.90 8.48
N VAL D 114 -29.80 -38.01 8.97
CA VAL D 114 -30.28 -37.15 10.04
C VAL D 114 -29.49 -37.41 11.31
N ASP D 115 -29.10 -38.66 11.55
CA ASP D 115 -28.31 -39.01 12.71
C ASP D 115 -26.94 -38.34 12.66
N LEU D 116 -26.36 -38.23 11.46
CA LEU D 116 -25.09 -37.53 11.34
C LEU D 116 -25.25 -36.05 11.64
N VAL D 117 -26.34 -35.44 11.17
CA VAL D 117 -26.59 -34.04 11.49
C VAL D 117 -26.70 -33.85 13.00
N GLN D 118 -27.45 -34.74 13.68
CA GLN D 118 -27.57 -34.63 15.12
C GLN D 118 -26.23 -34.82 15.83
N ARG D 119 -25.37 -35.70 15.31
CA ARG D 119 -24.03 -35.85 15.88
C ARG D 119 -23.16 -34.62 15.64
N LEU D 120 -23.25 -34.00 14.46
CA LEU D 120 -22.54 -32.75 14.25
C LEU D 120 -23.02 -31.66 15.21
N LEU D 121 -24.32 -31.66 15.51
CA LEU D 121 -24.86 -30.68 16.45
C LEU D 121 -24.43 -31.00 17.88
N ALA D 122 -24.51 -32.27 18.28
CA ALA D 122 -24.41 -32.64 19.69
C ALA D 122 -22.98 -32.86 20.17
N LYS D 123 -22.10 -33.34 19.30
CA LYS D 123 -20.75 -33.72 19.69
C LYS D 123 -19.75 -32.62 19.42
N ARG D 124 -20.22 -31.46 18.99
CA ARG D 124 -19.31 -30.34 18.79
C ARG D 124 -18.77 -29.91 20.15
N CYS D 125 -17.65 -29.22 20.15
CA CYS D 125 -17.06 -28.71 21.39
C CYS D 125 -17.89 -27.55 21.93
N VAL D 126 -17.70 -27.22 23.19
CA VAL D 126 -18.36 -26.02 23.72
C VAL D 126 -17.73 -24.77 23.12
N TRP D 127 -16.41 -24.67 23.21
CA TRP D 127 -15.68 -23.68 22.45
C TRP D 127 -14.57 -24.39 21.71
N PHE D 128 -14.08 -23.71 20.67
CA PHE D 128 -13.06 -24.19 19.76
C PHE D 128 -12.61 -23.00 18.93
N PHE D 129 -11.48 -22.39 19.26
CA PHE D 129 -11.02 -21.22 18.52
C PHE D 129 -9.51 -21.07 18.59
N GLY D 130 -8.96 -20.39 17.60
CA GLY D 130 -7.53 -20.16 17.57
C GLY D 130 -6.79 -21.18 16.72
N ALA D 131 -5.78 -20.69 15.98
CA ALA D 131 -4.97 -21.56 15.13
C ALA D 131 -4.42 -22.76 15.88
N ASN D 132 -4.34 -22.69 17.21
CA ASN D 132 -3.82 -23.76 18.02
C ASN D 132 -4.94 -24.44 18.81
N ASP D 133 -6.16 -24.37 18.28
CA ASP D 133 -7.26 -25.30 18.61
C ASP D 133 -7.53 -25.35 20.11
N TYR D 134 -7.75 -24.18 20.70
CA TYR D 134 -8.16 -24.11 22.11
C TYR D 134 -9.60 -24.56 22.21
N TYR D 135 -9.85 -25.62 22.97
CA TYR D 135 -11.14 -26.26 22.98
C TYR D 135 -11.64 -26.46 24.41
N ARG D 136 -12.93 -26.70 24.51
CA ARG D 136 -13.56 -27.27 25.68
C ARG D 136 -14.61 -28.24 25.17
N THR D 137 -14.54 -29.50 25.58
CA THR D 137 -15.43 -30.51 25.05
C THR D 137 -16.74 -30.52 25.84
N MET D 138 -17.74 -31.23 25.28
CA MET D 138 -19.02 -31.40 26.00
C MET D 138 -18.82 -32.03 27.37
N GLN D 139 -17.80 -32.86 27.53
CA GLN D 139 -17.53 -33.53 28.79
C GLN D 139 -16.66 -32.67 29.72
N GLY D 140 -16.23 -31.50 29.27
CA GLY D 140 -15.55 -30.53 30.11
C GLY D 140 -14.03 -30.48 30.00
N ASN D 141 -13.42 -31.36 29.21
CA ASN D 141 -11.97 -31.34 29.05
C ASN D 141 -11.55 -30.10 28.26
N ILE D 142 -10.48 -29.46 28.73
CA ILE D 142 -9.96 -28.23 28.14
C ILE D 142 -8.53 -28.48 27.68
N GLY D 143 -8.16 -27.96 26.52
CA GLY D 143 -6.81 -28.15 26.08
C GLY D 143 -6.54 -27.42 24.79
N ASN D 144 -5.39 -27.75 24.20
CA ASN D 144 -5.11 -27.32 22.85
C ASN D 144 -4.75 -28.53 22.02
N GLU D 145 -5.38 -28.59 20.84
CA GLU D 145 -5.00 -29.44 19.72
C GLU D 145 -5.31 -30.90 19.99
N GLY D 146 -4.76 -31.77 19.16
CA GLY D 146 -5.02 -33.19 19.25
C GLY D 146 -6.20 -33.66 18.42
N PHE D 147 -6.77 -32.80 17.57
CA PHE D 147 -7.96 -33.22 16.83
C PHE D 147 -7.61 -34.00 15.57
N GLU D 148 -6.42 -33.78 15.00
CA GLU D 148 -6.01 -34.52 13.81
C GLU D 148 -6.13 -36.03 13.99
N ALA D 149 -5.92 -36.55 15.19
CA ALA D 149 -5.93 -37.99 15.35
C ALA D 149 -7.31 -38.57 15.66
N VAL D 150 -8.34 -37.73 15.90
CA VAL D 150 -9.67 -38.24 16.21
C VAL D 150 -10.18 -39.09 15.05
N GLY D 151 -10.80 -40.23 15.36
CA GLY D 151 -11.34 -41.14 14.37
C GLY D 151 -10.33 -42.05 13.69
N THR D 152 -9.09 -42.08 14.16
CA THR D 152 -8.03 -42.89 13.59
C THR D 152 -7.60 -43.92 14.61
N PRO D 153 -6.87 -44.98 14.20
CA PRO D 153 -6.43 -45.98 15.18
C PRO D 153 -5.57 -45.36 16.27
N ALA D 154 -4.87 -44.28 15.97
CA ALA D 154 -4.07 -43.58 16.95
C ALA D 154 -4.86 -42.57 17.76
N GLU D 155 -6.19 -42.58 17.68
CA GLU D 155 -6.97 -41.69 18.52
C GLU D 155 -6.80 -42.09 19.99
N LYS D 156 -7.07 -41.12 20.87
CA LYS D 156 -6.73 -41.24 22.28
C LYS D 156 -7.56 -40.27 23.13
N GLU D 157 -7.91 -40.74 24.34
CA GLU D 157 -8.78 -40.02 25.24
C GLU D 157 -8.14 -38.71 25.71
N PRO D 158 -8.95 -37.68 26.02
CA PRO D 158 -10.41 -37.66 25.91
C PRO D 158 -10.94 -37.17 24.54
N LEU D 159 -10.11 -37.20 23.51
CA LEU D 159 -10.56 -36.80 22.17
C LEU D 159 -10.79 -38.04 21.31
N THR D 160 -11.85 -38.78 21.64
CA THR D 160 -12.27 -39.96 20.90
C THR D 160 -13.53 -39.66 20.08
N LEU D 161 -13.64 -40.38 18.97
CA LEU D 161 -14.75 -40.19 18.03
C LEU D 161 -16.12 -40.24 18.71
N THR D 162 -16.28 -41.02 19.79
CA THR D 162 -17.56 -41.03 20.50
C THR D 162 -17.80 -39.79 21.36
N SER D 163 -16.76 -39.05 21.71
CA SER D 163 -16.87 -37.82 22.50
C SER D 163 -16.86 -36.55 21.66
N VAL D 164 -16.05 -36.52 20.58
CA VAL D 164 -15.81 -35.31 19.80
C VAL D 164 -15.87 -35.64 18.30
N LEU D 165 -15.92 -34.57 17.49
CA LEU D 165 -15.89 -34.70 16.04
C LEU D 165 -14.45 -34.85 15.52
N SER D 166 -14.35 -35.56 14.40
CA SER D 166 -13.10 -35.66 13.63
C SER D 166 -12.97 -34.39 12.79
N TYR D 167 -11.77 -34.05 12.32
CA TYR D 167 -11.59 -32.86 11.44
C TYR D 167 -12.38 -33.07 10.13
N ASP D 168 -12.38 -34.30 9.61
CA ASP D 168 -13.18 -34.64 8.41
C ASP D 168 -14.68 -34.36 8.68
N GLU D 169 -15.11 -34.49 9.93
CA GLU D 169 -16.49 -34.16 10.29
C GLU D 169 -16.67 -32.66 10.51
N ILE D 170 -15.71 -32.00 11.17
CA ILE D 170 -15.84 -30.55 11.38
C ILE D 170 -15.93 -29.84 10.03
N LYS D 171 -15.25 -30.38 9.02
CA LYS D 171 -15.31 -29.82 7.66
C LYS D 171 -16.72 -29.90 7.07
N LEU D 172 -17.42 -31.01 7.29
CA LEU D 172 -18.85 -31.08 6.96
C LEU D 172 -19.64 -30.08 7.77
N SER D 173 -19.32 -29.95 9.06
CA SER D 173 -20.10 -29.10 9.95
C SER D 173 -20.01 -27.63 9.55
N ALA D 174 -18.94 -27.24 8.85
CA ALA D 174 -18.85 -25.86 8.41
C ALA D 174 -19.88 -25.52 7.32
N LEU D 175 -20.66 -26.49 6.84
CA LEU D 175 -21.78 -26.25 5.93
C LEU D 175 -23.14 -26.40 6.61
N LEU D 176 -23.15 -26.54 7.93
CA LEU D 176 -24.34 -26.79 8.73
C LEU D 176 -24.64 -25.53 9.51
N TYR D 177 -25.75 -24.86 9.19
CA TYR D 177 -26.07 -23.58 9.79
C TYR D 177 -27.32 -23.71 10.67
N VAL D 178 -27.54 -22.71 11.52
CA VAL D 178 -28.62 -22.72 12.49
C VAL D 178 -29.35 -21.40 12.42
N SER D 179 -30.65 -21.43 12.74
CA SER D 179 -31.53 -20.30 12.50
C SER D 179 -32.69 -20.34 13.49
N CYS D 180 -33.09 -19.17 13.99
CA CYS D 180 -34.29 -19.03 14.80
C CYS D 180 -34.71 -17.57 14.85
N HIS D 181 -35.98 -17.34 15.18
CA HIS D 181 -36.39 -16.02 15.64
C HIS D 181 -35.88 -15.82 17.07
N SER D 182 -35.54 -14.57 17.41
CA SER D 182 -34.96 -14.31 18.72
C SER D 182 -35.23 -12.88 19.18
N GLU D 183 -35.44 -12.74 20.49
CA GLU D 183 -35.38 -11.43 21.13
C GLU D 183 -34.02 -10.79 20.87
N PHE D 184 -34.02 -9.46 20.71
CA PHE D 184 -32.79 -8.68 20.61
C PHE D 184 -32.57 -7.96 21.94
N ILE D 185 -31.43 -8.21 22.57
CA ILE D 185 -31.14 -7.64 23.88
C ILE D 185 -30.72 -6.19 23.76
N ASN D 186 -29.91 -5.89 22.74
CA ASN D 186 -29.33 -4.58 22.51
C ASN D 186 -29.06 -4.49 21.01
N ASN D 187 -28.31 -3.47 20.60
CA ASN D 187 -28.05 -3.30 19.18
C ASN D 187 -27.03 -4.28 18.61
N GLY D 188 -26.36 -5.07 19.45
CA GLY D 188 -25.48 -6.12 18.96
C GLY D 188 -24.21 -5.64 18.29
N SER D 189 -23.73 -4.45 18.65
CA SER D 189 -22.41 -4.05 18.19
C SER D 189 -21.36 -5.07 18.67
N ARG D 190 -20.21 -5.07 17.99
CA ARG D 190 -19.17 -6.04 18.31
C ARG D 190 -18.83 -6.02 19.80
N VAL D 191 -18.78 -4.84 20.41
CA VAL D 191 -18.39 -4.73 21.82
C VAL D 191 -19.60 -4.64 22.75
N ASN D 192 -20.78 -5.10 22.34
CA ASN D 192 -21.95 -4.86 23.18
C ASN D 192 -21.82 -5.53 24.54
N GLY D 193 -21.05 -6.62 24.62
CA GLY D 193 -20.75 -7.27 25.88
C GLY D 193 -21.96 -7.70 26.70
N GLY D 194 -23.14 -7.70 26.09
CA GLY D 194 -24.35 -8.11 26.80
C GLY D 194 -25.05 -7.01 27.56
N GLU D 195 -24.82 -5.76 27.17
CA GLU D 195 -25.35 -4.61 27.89
C GLU D 195 -26.88 -4.59 27.82
N VAL D 196 -27.50 -4.28 28.94
CA VAL D 196 -28.95 -4.18 29.03
C VAL D 196 -29.35 -2.74 28.82
N LEU D 197 -30.36 -2.51 27.98
CA LEU D 197 -30.81 -1.15 27.67
C LEU D 197 -31.95 -0.72 28.60
N GLN D 198 -32.05 0.60 28.79
CA GLN D 198 -33.14 1.16 29.60
C GLN D 198 -34.47 1.05 28.88
N ASN D 199 -34.47 1.18 27.56
CA ASN D 199 -35.62 0.88 26.72
C ASN D 199 -35.11 0.41 25.38
N LYS D 200 -36.03 -0.12 24.57
CA LYS D 200 -35.67 -0.66 23.26
C LYS D 200 -36.11 0.25 22.12
N ASP D 201 -36.19 1.56 22.37
CA ASP D 201 -36.62 2.48 21.33
C ASP D 201 -35.61 2.62 20.19
N THR D 202 -34.33 2.34 20.44
CA THR D 202 -33.30 2.46 19.42
C THR D 202 -33.02 1.15 18.70
N ILE D 203 -33.62 0.04 19.13
CA ILE D 203 -33.35 -1.26 18.51
C ILE D 203 -34.64 -1.89 18.02
N GLU D 204 -34.49 -2.84 17.10
CA GLU D 204 -35.55 -3.80 16.82
C GLU D 204 -35.74 -4.70 18.03
N ARG D 205 -36.99 -5.09 18.31
CA ARG D 205 -37.25 -5.91 19.50
C ARG D 205 -36.91 -7.38 19.31
N GLU D 206 -36.84 -7.85 18.06
CA GLU D 206 -36.63 -9.27 17.78
C GLU D 206 -36.39 -9.43 16.28
N GLY D 207 -36.02 -10.65 15.90
CA GLY D 207 -35.78 -10.94 14.51
C GLY D 207 -35.15 -12.31 14.35
N VAL D 208 -34.86 -12.64 13.10
CA VAL D 208 -34.23 -13.91 12.76
C VAL D 208 -32.72 -13.77 12.93
N VAL D 209 -32.10 -14.78 13.53
CA VAL D 209 -30.65 -14.85 13.74
C VAL D 209 -30.14 -16.12 13.08
N ILE D 210 -29.14 -15.99 12.20
CA ILE D 210 -28.62 -17.12 11.45
C ILE D 210 -27.11 -17.23 11.66
N GLY D 211 -26.67 -18.38 12.16
CA GLY D 211 -25.24 -18.69 12.22
C GLY D 211 -24.70 -19.26 10.94
N LEU D 212 -23.94 -18.47 10.18
CA LEU D 212 -23.20 -18.92 9.01
C LEU D 212 -21.73 -19.11 9.37
N ILE D 213 -21.02 -19.87 8.54
CA ILE D 213 -19.63 -20.24 8.84
C ILE D 213 -18.78 -20.08 7.61
N GLY D 214 -17.75 -19.24 7.69
CA GLY D 214 -16.85 -19.06 6.56
C GLY D 214 -15.75 -20.09 6.57
N ALA D 215 -14.82 -19.94 5.64
CA ALA D 215 -13.78 -20.94 5.47
C ALA D 215 -12.64 -20.70 6.45
N ARG D 216 -12.02 -21.79 6.88
CA ARG D 216 -10.94 -21.77 7.84
C ARG D 216 -9.66 -22.24 7.18
N PHE D 217 -8.60 -21.48 7.32
CA PHE D 217 -7.31 -21.82 6.77
C PHE D 217 -6.22 -21.76 7.83
N GLU D 218 -6.58 -21.47 9.09
CA GLU D 218 -5.65 -21.42 10.22
C GLU D 218 -4.90 -22.71 10.42
N ARG D 219 -5.49 -23.82 10.02
CA ARG D 219 -5.01 -25.13 10.43
C ARG D 219 -4.61 -25.89 9.16
N PRO D 220 -3.33 -26.19 8.97
CA PRO D 220 -2.89 -26.78 7.69
C PRO D 220 -3.56 -28.12 7.46
N ASP D 221 -3.93 -28.35 6.20
CA ASP D 221 -4.32 -29.64 5.64
C ASP D 221 -5.65 -30.16 6.21
N VAL D 222 -6.46 -29.31 6.84
CA VAL D 222 -7.81 -29.70 7.26
C VAL D 222 -8.73 -28.54 6.91
N MET D 223 -10.04 -28.77 7.06
CA MET D 223 -11.07 -27.77 6.77
C MET D 223 -10.99 -27.36 5.29
N GLU D 224 -11.43 -26.13 4.96
CA GLU D 224 -11.45 -25.67 3.57
C GLU D 224 -10.04 -25.55 2.99
N TYR D 225 -9.01 -25.46 3.84
CA TYR D 225 -7.62 -25.48 3.35
C TYR D 225 -7.42 -26.62 2.37
N GLN D 226 -8.13 -27.74 2.54
CA GLN D 226 -7.95 -28.93 1.72
C GLN D 226 -8.38 -28.73 0.27
N ASP D 227 -9.40 -27.88 0.05
CA ASP D 227 -10.00 -27.67 -1.26
C ASP D 227 -9.59 -26.36 -1.93
N ILE D 228 -9.19 -25.36 -1.16
CA ILE D 228 -9.04 -24.01 -1.67
C ILE D 228 -7.58 -23.57 -1.65
N MET D 229 -6.82 -24.02 -0.66
CA MET D 229 -5.40 -23.74 -0.55
C MET D 229 -4.59 -24.84 -1.26
N ILE D 230 -3.65 -24.43 -2.11
CA ILE D 230 -2.77 -25.34 -2.85
C ILE D 230 -1.35 -25.15 -2.31
N THR D 231 -0.74 -26.20 -1.76
CA THR D 231 0.58 -26.07 -1.15
C THR D 231 1.47 -27.25 -1.52
N LYS D 232 2.78 -27.04 -1.32
CA LYS D 232 3.74 -28.03 -1.79
C LYS D 232 3.64 -29.34 -1.00
N THR D 233 3.41 -29.26 0.30
CA THR D 233 3.30 -30.52 1.04
C THR D 233 1.90 -31.15 0.95
N GLN D 234 0.84 -30.35 0.74
CA GLN D 234 -0.50 -30.94 0.70
C GLN D 234 -0.83 -31.53 -0.66
N ASN D 235 -0.61 -30.77 -1.73
CA ASN D 235 -1.17 -31.09 -3.04
C ASN D 235 -0.20 -32.00 -3.80
N THR D 236 -0.15 -33.25 -3.34
CA THR D 236 0.73 -34.27 -3.87
C THR D 236 -0.09 -35.50 -4.23
N GLU D 237 0.52 -36.41 -5.00
CA GLU D 237 -0.18 -37.64 -5.37
C GLU D 237 -0.60 -38.44 -4.13
N ALA D 238 0.30 -38.58 -3.16
CA ALA D 238 0.06 -39.46 -2.02
C ALA D 238 -1.00 -38.94 -1.06
N ASN D 239 -1.46 -37.70 -1.22
CA ASN D 239 -2.51 -37.14 -0.39
C ASN D 239 -3.85 -37.13 -1.09
N GLY D 240 -3.91 -37.72 -2.29
CA GLY D 240 -5.14 -37.85 -3.04
C GLY D 240 -5.36 -36.83 -4.14
N TYR D 241 -4.38 -35.96 -4.42
CA TYR D 241 -4.52 -34.92 -5.42
C TYR D 241 -4.00 -35.42 -6.78
N GLY D 242 -4.24 -34.61 -7.81
CA GLY D 242 -3.95 -35.06 -9.16
C GLY D 242 -4.75 -36.30 -9.54
N PHE D 243 -6.01 -36.08 -9.90
CA PHE D 243 -6.92 -37.16 -10.29
C PHE D 243 -7.30 -37.06 -11.77
N THR D 252 -5.49 -45.22 -9.11
CA THR D 252 -5.40 -46.03 -7.90
C THR D 252 -6.27 -45.43 -6.79
N VAL D 253 -7.26 -46.19 -6.29
CA VAL D 253 -8.19 -45.67 -5.29
C VAL D 253 -7.63 -45.91 -3.89
N THR D 254 -7.56 -44.85 -3.11
CA THR D 254 -7.08 -44.86 -1.74
C THR D 254 -8.12 -44.17 -0.88
N PRO D 255 -8.02 -44.30 0.44
CA PRO D 255 -8.90 -43.49 1.29
C PRO D 255 -8.74 -42.02 0.99
N ALA D 256 -7.50 -41.56 0.85
CA ALA D 256 -7.23 -40.16 0.57
C ALA D 256 -7.92 -39.70 -0.72
N SER D 257 -7.75 -40.46 -1.80
CA SER D 257 -8.28 -40.04 -3.10
C SER D 257 -9.80 -40.20 -3.18
N ASP D 258 -10.37 -41.14 -2.43
CA ASP D 258 -11.82 -41.28 -2.38
C ASP D 258 -12.45 -40.10 -1.68
N LEU D 259 -11.89 -39.68 -0.54
CA LEU D 259 -12.39 -38.50 0.15
C LEU D 259 -12.24 -37.25 -0.73
N ARG D 260 -11.08 -37.08 -1.35
CA ARG D 260 -10.88 -35.95 -2.27
C ARG D 260 -11.93 -35.97 -3.36
N ARG D 261 -12.25 -37.15 -3.88
CA ARG D 261 -13.26 -37.25 -4.92
C ARG D 261 -14.60 -36.69 -4.45
N ILE D 262 -15.06 -37.06 -3.23
CA ILE D 262 -16.41 -36.64 -2.87
C ILE D 262 -16.48 -35.11 -2.67
N TRP D 263 -15.39 -34.49 -2.22
CA TRP D 263 -15.39 -33.03 -2.11
C TRP D 263 -15.28 -32.37 -3.48
N ARG D 264 -14.45 -32.95 -4.35
CA ARG D 264 -14.31 -32.45 -5.71
C ARG D 264 -15.64 -32.54 -6.48
N GLU D 265 -16.39 -33.63 -6.30
CA GLU D 265 -17.69 -33.77 -6.95
C GLU D 265 -18.77 -32.89 -6.30
N PHE D 266 -18.66 -32.63 -4.99
CA PHE D 266 -19.53 -31.65 -4.34
C PHE D 266 -19.40 -30.27 -4.99
N TYR D 267 -18.17 -29.85 -5.29
CA TYR D 267 -17.89 -28.57 -5.95
C TYR D 267 -17.98 -28.64 -7.46
N GLU D 268 -18.15 -29.85 -8.02
CA GLU D 268 -18.16 -30.07 -9.48
C GLU D 268 -16.89 -29.52 -10.14
N GLU D 269 -15.73 -29.80 -9.51
CA GLU D 269 -14.44 -29.38 -10.09
C GLU D 269 -13.87 -30.49 -10.95
N PRO D 270 -13.37 -30.18 -12.15
CA PRO D 270 -12.98 -31.24 -13.10
C PRO D 270 -11.66 -31.92 -12.77
N ARG D 271 -10.93 -31.43 -11.78
CA ARG D 271 -9.58 -31.93 -11.54
C ARG D 271 -9.14 -31.47 -10.16
N ASP D 272 -8.19 -32.21 -9.59
CA ASP D 272 -7.43 -31.76 -8.45
C ASP D 272 -6.17 -31.06 -8.94
N PHE D 273 -5.52 -30.31 -8.04
CA PHE D 273 -4.31 -29.60 -8.41
C PHE D 273 -3.12 -30.17 -7.64
N ILE D 274 -2.14 -30.70 -8.37
CA ILE D 274 -0.80 -30.88 -7.84
C ILE D 274 -0.14 -29.51 -7.86
N TYR D 275 0.63 -29.21 -6.81
CA TYR D 275 1.21 -27.89 -6.68
C TYR D 275 1.97 -27.47 -7.94
N ALA D 276 2.90 -28.30 -8.41
CA ALA D 276 3.76 -27.92 -9.51
C ALA D 276 3.00 -27.78 -10.82
N ASP D 277 1.88 -28.47 -10.98
CA ASP D 277 1.06 -28.36 -12.18
C ASP D 277 -0.06 -27.33 -12.03
N THR D 278 0.08 -26.40 -11.11
CA THR D 278 -0.93 -25.35 -10.96
C THR D 278 -0.52 -24.16 -11.81
N PRO D 279 -1.32 -23.74 -12.77
CA PRO D 279 -0.87 -22.70 -13.71
C PRO D 279 -0.72 -21.36 -13.01
N TYR D 280 0.12 -20.50 -13.60
CA TYR D 280 0.13 -19.12 -13.17
C TYR D 280 -1.03 -18.41 -13.85
N ASP D 281 -1.98 -17.91 -13.06
CA ASP D 281 -3.23 -17.35 -13.60
C ASP D 281 -3.85 -16.55 -12.46
N THR D 282 -3.68 -15.24 -12.51
CA THR D 282 -4.15 -14.38 -11.43
C THR D 282 -5.61 -13.98 -11.56
N THR D 283 -6.27 -14.34 -12.68
CA THR D 283 -7.73 -14.28 -12.69
C THR D 283 -8.36 -15.37 -11.80
N ARG D 284 -7.63 -16.44 -11.48
CA ARG D 284 -8.18 -17.48 -10.64
C ARG D 284 -7.43 -17.64 -9.33
N PHE D 285 -6.10 -17.66 -9.37
CA PHE D 285 -5.29 -17.99 -8.21
C PHE D 285 -4.61 -16.75 -7.64
N GLU D 286 -4.30 -16.82 -6.36
CA GLU D 286 -3.65 -15.73 -5.66
C GLU D 286 -2.58 -16.33 -4.77
N GLU D 287 -1.37 -15.79 -4.86
CA GLU D 287 -0.31 -16.28 -4.00
C GLU D 287 -0.49 -15.73 -2.60
N VAL D 288 -0.44 -16.61 -1.61
CA VAL D 288 -0.56 -16.29 -0.20
C VAL D 288 0.60 -16.95 0.52
N SER D 289 0.68 -16.73 1.84
CA SER D 289 1.86 -17.16 2.58
C SER D 289 1.96 -18.68 2.64
N GLN D 290 0.82 -19.37 2.75
CA GLN D 290 0.86 -20.82 2.83
C GLN D 290 1.10 -21.48 1.47
N GLY D 291 0.89 -20.76 0.37
CA GLY D 291 0.85 -21.38 -0.93
C GLY D 291 0.01 -20.60 -1.91
N ILE D 292 -0.87 -21.28 -2.65
CA ILE D 292 -1.71 -20.67 -3.68
C ILE D 292 -3.17 -20.73 -3.25
N PHE D 293 -3.88 -19.59 -3.35
CA PHE D 293 -5.29 -19.49 -2.97
C PHE D 293 -6.17 -19.58 -4.20
N ASP D 294 -7.13 -20.48 -4.19
CA ASP D 294 -7.95 -20.75 -5.38
C ASP D 294 -9.27 -20.02 -5.21
N HIS D 295 -9.37 -18.83 -5.81
CA HIS D 295 -10.60 -18.05 -5.68
C HIS D 295 -11.80 -18.66 -6.39
N GLN D 296 -11.60 -19.53 -7.37
CA GLN D 296 -12.76 -20.11 -8.03
C GLN D 296 -13.52 -21.04 -7.08
N VAL D 297 -12.78 -21.86 -6.32
CA VAL D 297 -13.45 -22.74 -5.35
C VAL D 297 -13.91 -21.94 -4.14
N MET D 298 -13.20 -20.87 -3.80
CA MET D 298 -13.67 -20.03 -2.71
C MET D 298 -15.01 -19.40 -3.05
N ARG D 299 -15.21 -19.04 -4.33
CA ARG D 299 -16.52 -18.57 -4.81
C ARG D 299 -17.60 -19.62 -4.62
N LYS D 300 -17.31 -20.88 -4.97
CA LYS D 300 -18.31 -21.94 -4.84
C LYS D 300 -18.64 -22.22 -3.39
N ARG D 301 -17.61 -22.22 -2.52
CA ARG D 301 -17.81 -22.50 -1.10
C ARG D 301 -18.63 -21.40 -0.41
N TYR D 302 -18.40 -20.14 -0.78
CA TYR D 302 -19.29 -19.06 -0.37
C TYR D 302 -20.69 -19.22 -0.94
N ALA D 303 -20.79 -19.67 -2.20
CA ALA D 303 -22.09 -19.73 -2.85
C ALA D 303 -23.02 -20.69 -2.12
N ILE D 304 -22.47 -21.79 -1.56
CA ILE D 304 -23.27 -22.72 -0.76
C ILE D 304 -23.85 -22.01 0.46
N SER D 305 -23.00 -21.30 1.19
CA SER D 305 -23.43 -20.55 2.36
C SER D 305 -24.46 -19.48 2.01
N PHE D 306 -24.26 -18.77 0.90
CA PHE D 306 -25.15 -17.67 0.55
C PHE D 306 -26.51 -18.16 0.04
N ASP D 307 -26.52 -19.26 -0.73
CA ASP D 307 -27.79 -19.86 -1.17
C ASP D 307 -28.62 -20.26 0.04
N THR D 308 -27.98 -20.86 1.04
CA THR D 308 -28.70 -21.30 2.23
C THR D 308 -29.28 -20.10 2.98
N LEU D 309 -28.47 -19.05 3.16
CA LEU D 309 -28.94 -17.82 3.77
C LEU D 309 -30.15 -17.26 3.04
N LEU D 310 -30.03 -17.06 1.71
CA LEU D 310 -31.04 -16.34 0.96
C LEU D 310 -32.36 -17.11 0.87
N LEU D 311 -32.28 -18.42 0.64
CA LEU D 311 -33.51 -19.21 0.61
C LEU D 311 -34.15 -19.30 1.99
N GLU D 312 -33.33 -19.31 3.05
CA GLU D 312 -33.86 -19.30 4.41
C GLU D 312 -34.50 -17.95 4.73
N ALA D 313 -33.83 -16.84 4.37
CA ALA D 313 -34.42 -15.52 4.59
C ALA D 313 -35.74 -15.36 3.84
N GLN D 314 -35.80 -15.88 2.60
CA GLN D 314 -37.03 -15.81 1.82
C GLN D 314 -38.19 -16.47 2.55
N ASP D 315 -37.95 -17.67 3.08
CA ASP D 315 -39.03 -18.43 3.73
C ASP D 315 -39.46 -17.77 5.04
N ARG D 316 -38.49 -17.29 5.84
CA ARG D 316 -38.83 -16.58 7.06
C ARG D 316 -39.65 -15.34 6.75
N ALA D 317 -39.21 -14.55 5.76
CA ALA D 317 -39.92 -13.33 5.42
C ALA D 317 -41.33 -13.62 4.88
N PHE D 318 -41.47 -14.64 4.03
CA PHE D 318 -42.80 -14.94 3.51
C PHE D 318 -43.76 -15.27 4.65
N LYS D 319 -43.32 -16.12 5.60
CA LYS D 319 -44.17 -16.44 6.74
C LYS D 319 -44.38 -15.24 7.66
N ALA D 320 -43.48 -14.27 7.67
CA ALA D 320 -43.70 -13.09 8.50
C ALA D 320 -44.61 -12.06 7.84
N GLY D 321 -44.88 -12.18 6.54
CA GLY D 321 -45.72 -11.20 5.86
C GLY D 321 -45.05 -9.88 5.55
N LYS D 322 -43.72 -9.84 5.56
CA LYS D 322 -43.01 -8.59 5.28
C LYS D 322 -41.65 -8.95 4.71
N PRO D 323 -40.99 -8.01 4.03
CA PRO D 323 -39.71 -8.33 3.41
C PRO D 323 -38.61 -8.51 4.44
N ALA D 324 -37.59 -9.28 4.05
CA ALA D 324 -36.41 -9.46 4.87
C ALA D 324 -35.46 -8.29 4.72
N TYR D 325 -34.92 -7.83 5.84
CA TYR D 325 -33.81 -6.89 5.87
C TYR D 325 -32.61 -7.70 6.36
N ILE D 326 -31.72 -8.09 5.44
CA ILE D 326 -30.64 -9.01 5.78
C ILE D 326 -29.39 -8.21 6.12
N HIS D 327 -28.93 -8.36 7.38
CA HIS D 327 -27.66 -7.84 7.88
C HIS D 327 -26.58 -8.89 7.58
N VAL D 328 -25.76 -8.67 6.53
CA VAL D 328 -24.74 -9.63 6.10
C VAL D 328 -23.37 -9.23 6.64
N VAL D 329 -22.69 -10.17 7.29
CA VAL D 329 -21.32 -9.97 7.76
C VAL D 329 -20.34 -10.80 6.92
N GLY D 330 -19.10 -10.34 6.87
CA GLY D 330 -18.07 -11.05 6.11
C GLY D 330 -17.64 -12.33 6.80
N ILE D 331 -18.41 -13.42 6.63
CA ILE D 331 -17.96 -14.69 7.22
C ILE D 331 -16.62 -15.04 6.60
N GLY D 332 -15.67 -15.43 7.45
CA GLY D 332 -14.37 -15.82 6.99
C GLY D 332 -13.38 -14.69 6.78
N LEU D 333 -13.84 -13.45 6.84
CA LEU D 333 -13.01 -12.31 6.49
C LEU D 333 -12.49 -11.56 7.70
N GLY D 334 -12.75 -12.05 8.91
CA GLY D 334 -12.25 -11.38 10.09
C GLY D 334 -10.95 -12.03 10.48
N VAL D 335 -10.98 -12.75 11.60
CA VAL D 335 -9.83 -13.51 12.08
C VAL D 335 -9.52 -14.70 11.20
N TRP D 336 -10.35 -15.03 10.22
CA TRP D 336 -10.01 -16.12 9.30
C TRP D 336 -9.64 -15.62 7.92
N LYS D 337 -9.54 -14.31 7.72
CA LYS D 337 -9.15 -13.80 6.41
C LYS D 337 -7.85 -14.46 5.99
N ALA D 338 -7.82 -14.92 4.75
CA ALA D 338 -6.68 -15.67 4.26
C ALA D 338 -6.22 -15.22 2.88
N ALA D 339 -6.88 -14.26 2.23
CA ALA D 339 -6.38 -13.79 0.94
C ALA D 339 -6.82 -12.35 0.70
N ARG D 340 -6.00 -11.63 -0.07
CA ARG D 340 -6.21 -10.19 -0.24
C ARG D 340 -7.49 -9.91 -1.02
N GLN D 341 -7.76 -10.72 -2.05
CA GLN D 341 -8.98 -10.56 -2.83
C GLN D 341 -10.15 -11.38 -2.30
N GLN D 342 -10.05 -11.89 -1.09
CA GLN D 342 -11.11 -12.76 -0.59
C GLN D 342 -12.44 -12.02 -0.51
N GLU D 343 -12.41 -10.79 0.04
CA GLU D 343 -13.63 -9.98 0.14
C GLU D 343 -14.25 -9.74 -1.21
N ARG D 344 -13.41 -9.43 -2.22
CA ARG D 344 -13.95 -9.28 -3.56
C ARG D 344 -14.62 -10.57 -4.01
N THR D 345 -14.00 -11.72 -3.70
CA THR D 345 -14.60 -13.00 -4.07
C THR D 345 -15.94 -13.19 -3.34
N PHE D 346 -16.00 -12.76 -2.08
CA PHE D 346 -17.25 -12.87 -1.31
C PHE D 346 -18.39 -12.16 -2.04
N LEU D 347 -18.14 -10.91 -2.45
CA LEU D 347 -19.18 -10.11 -3.05
C LEU D 347 -19.48 -10.52 -4.47
N GLU D 348 -18.47 -11.00 -5.23
CA GLU D 348 -18.77 -11.59 -6.53
C GLU D 348 -19.66 -12.82 -6.38
N SER D 349 -19.37 -13.64 -5.36
CA SER D 349 -20.19 -14.83 -5.13
C SER D 349 -21.60 -14.45 -4.70
N PHE D 350 -21.73 -13.46 -3.80
CA PHE D 350 -23.06 -13.05 -3.35
C PHE D 350 -23.88 -12.49 -4.50
N GLU D 351 -23.32 -11.58 -5.29
CA GLU D 351 -24.09 -11.07 -6.43
C GLU D 351 -24.51 -12.19 -7.35
N GLY D 352 -23.61 -13.16 -7.58
CA GLY D 352 -23.93 -14.25 -8.48
C GLY D 352 -25.10 -15.09 -8.01
N ARG D 353 -25.21 -15.27 -6.70
CA ARG D 353 -26.34 -16.07 -6.21
C ARG D 353 -27.62 -15.25 -6.17
N LEU D 354 -27.53 -13.94 -5.88
CA LEU D 354 -28.71 -13.09 -5.95
C LEU D 354 -29.34 -13.16 -7.34
N ARG D 355 -28.52 -13.04 -8.38
CA ARG D 355 -29.03 -13.10 -9.74
C ARG D 355 -29.46 -14.52 -10.11
N ALA D 356 -28.72 -15.54 -9.65
CA ALA D 356 -29.09 -16.90 -10.04
C ALA D 356 -30.42 -17.32 -9.42
N LEU D 357 -30.63 -17.01 -8.15
CA LEU D 357 -31.90 -17.36 -7.51
C LEU D 357 -33.05 -16.55 -8.10
N GLY D 358 -32.77 -15.33 -8.54
CA GLY D 358 -33.72 -14.52 -9.28
C GLY D 358 -35.09 -14.39 -8.66
N GLU D 359 -36.10 -14.76 -9.45
CA GLU D 359 -37.51 -14.70 -9.09
C GLU D 359 -37.81 -15.37 -7.75
N ARG D 360 -36.96 -16.27 -7.28
CA ARG D 360 -37.24 -16.91 -6.01
C ARG D 360 -37.17 -15.95 -4.83
N LEU D 361 -36.48 -14.81 -4.97
CA LEU D 361 -36.22 -13.92 -3.83
C LEU D 361 -37.21 -12.75 -3.77
N SER D 362 -38.49 -13.03 -3.96
CA SER D 362 -39.54 -12.01 -3.98
C SER D 362 -39.76 -11.34 -2.63
N HIS D 363 -39.39 -11.99 -1.52
CA HIS D 363 -39.62 -11.41 -0.20
C HIS D 363 -38.33 -10.99 0.49
N ILE D 364 -37.29 -10.72 -0.30
CA ILE D 364 -36.07 -10.09 0.19
C ILE D 364 -36.18 -8.60 -0.08
N GLY D 365 -36.20 -7.81 1.00
CA GLY D 365 -36.33 -6.36 0.86
C GLY D 365 -35.00 -5.69 0.65
N VAL D 366 -34.08 -5.85 1.59
CA VAL D 366 -32.78 -5.20 1.57
C VAL D 366 -31.70 -6.23 1.91
N VAL D 367 -30.57 -6.19 1.18
CA VAL D 367 -29.35 -6.89 1.56
C VAL D 367 -28.34 -5.82 1.97
N HIS D 368 -27.97 -5.82 3.25
CA HIS D 368 -27.15 -4.78 3.86
C HIS D 368 -25.81 -5.40 4.26
N PHE D 369 -24.77 -5.05 3.52
CA PHE D 369 -23.43 -5.55 3.78
C PHE D 369 -22.80 -4.61 4.81
N SER D 370 -22.54 -5.14 6.00
CA SER D 370 -22.07 -4.32 7.12
C SER D 370 -20.61 -4.66 7.44
N TRP D 371 -19.77 -3.64 7.53
CA TRP D 371 -18.34 -3.72 7.85
C TRP D 371 -17.59 -4.50 6.77
N PHE D 372 -17.56 -3.87 5.60
CA PHE D 372 -16.91 -4.38 4.41
C PHE D 372 -15.95 -3.30 3.92
N HIS D 373 -14.72 -3.69 3.60
CA HIS D 373 -13.72 -2.71 3.18
C HIS D 373 -14.02 -2.20 1.78
N LEU D 374 -14.42 -3.07 0.86
CA LEU D 374 -14.80 -2.65 -0.47
C LEU D 374 -16.22 -2.07 -0.46
N ALA D 375 -16.38 -0.90 -1.07
CA ALA D 375 -17.67 -0.24 -1.15
C ALA D 375 -18.47 -0.68 -2.37
N CYS D 376 -17.81 -1.21 -3.39
CA CYS D 376 -18.53 -1.55 -4.60
C CYS D 376 -17.81 -2.67 -5.31
N VAL D 377 -18.54 -3.74 -5.62
CA VAL D 377 -18.04 -4.84 -6.44
C VAL D 377 -19.15 -5.20 -7.40
N GLY D 378 -18.85 -5.19 -8.69
CA GLY D 378 -19.91 -5.49 -9.66
C GLY D 378 -21.02 -4.45 -9.55
N SER D 379 -22.27 -4.95 -9.48
CA SER D 379 -23.42 -4.10 -9.29
C SER D 379 -23.76 -3.86 -7.83
N LEU D 380 -22.95 -4.39 -6.91
CA LEU D 380 -23.23 -4.33 -5.48
C LEU D 380 -22.56 -3.10 -4.87
N HIS D 381 -23.32 -2.01 -4.77
CA HIS D 381 -22.91 -0.79 -4.10
C HIS D 381 -24.10 -0.22 -3.34
N ASP D 382 -23.83 0.64 -2.36
CA ASP D 382 -24.91 1.20 -1.55
C ASP D 382 -25.90 1.96 -2.43
N GLY D 383 -27.18 1.61 -2.32
CA GLY D 383 -28.25 2.23 -3.07
C GLY D 383 -28.63 1.52 -4.34
N ALA D 384 -27.82 0.58 -4.79
CA ALA D 384 -28.16 -0.22 -5.95
C ALA D 384 -29.44 -1.00 -5.69
N ILE D 385 -30.11 -1.36 -6.79
CA ILE D 385 -31.28 -2.22 -6.75
C ILE D 385 -31.02 -3.31 -7.77
N ILE D 386 -31.00 -4.57 -7.31
CA ILE D 386 -30.89 -5.72 -8.21
C ILE D 386 -32.31 -6.07 -8.65
N PRO D 387 -32.66 -5.88 -9.94
CA PRO D 387 -34.03 -6.18 -10.36
C PRO D 387 -34.36 -7.65 -10.16
N VAL D 388 -35.62 -7.91 -9.83
CA VAL D 388 -36.09 -9.27 -9.57
C VAL D 388 -37.46 -9.40 -10.23
N ASP D 389 -37.58 -10.35 -11.14
CA ASP D 389 -38.87 -10.61 -11.78
C ASP D 389 -39.94 -10.96 -10.74
N LYS D 390 -41.09 -10.31 -10.86
CA LYS D 390 -42.29 -10.51 -10.05
C LYS D 390 -42.11 -10.11 -8.59
N HIS D 391 -41.02 -9.45 -8.27
CA HIS D 391 -40.83 -8.95 -6.93
C HIS D 391 -41.81 -7.80 -6.71
N PRO D 392 -42.58 -7.81 -5.61
CA PRO D 392 -43.55 -6.73 -5.38
C PRO D 392 -42.93 -5.34 -5.33
N GLN D 393 -41.64 -5.22 -5.07
CA GLN D 393 -40.95 -3.94 -5.10
C GLN D 393 -40.09 -3.77 -6.35
N GLY D 394 -40.14 -4.72 -7.28
CA GLY D 394 -39.33 -4.66 -8.48
C GLY D 394 -37.90 -5.13 -8.33
N GLY D 395 -37.40 -5.28 -7.11
CA GLY D 395 -36.03 -5.72 -6.93
C GLY D 395 -35.60 -5.66 -5.48
N ILE D 396 -34.33 -5.99 -5.28
CA ILE D 396 -33.72 -6.06 -3.96
C ILE D 396 -32.77 -4.86 -3.79
N ARG D 397 -32.95 -4.12 -2.71
CA ARG D 397 -32.08 -2.98 -2.42
C ARG D 397 -30.80 -3.43 -1.73
N ILE D 398 -29.69 -2.84 -2.13
CA ILE D 398 -28.36 -3.15 -1.61
C ILE D 398 -27.90 -1.97 -0.77
N ARG D 399 -27.37 -2.28 0.40
CA ARG D 399 -26.75 -1.29 1.25
C ARG D 399 -25.37 -1.81 1.61
N ASN D 400 -24.43 -0.89 1.76
CA ASN D 400 -23.07 -1.24 2.16
C ASN D 400 -22.60 -0.12 3.06
N SER D 401 -22.60 -0.39 4.34
CA SER D 401 -22.26 0.58 5.35
C SER D 401 -22.23 -0.16 6.67
N VAL D 402 -21.48 0.37 7.63
CA VAL D 402 -21.43 -0.25 8.94
C VAL D 402 -22.73 0.07 9.70
N ARG D 403 -23.33 -0.96 10.27
CA ARG D 403 -24.52 -0.78 11.08
C ARG D 403 -24.48 -1.76 12.24
N ASN D 404 -25.24 -1.47 13.28
CA ASN D 404 -25.36 -2.52 14.29
C ASN D 404 -26.52 -3.44 13.93
N PRO D 405 -26.37 -4.75 14.12
CA PRO D 405 -27.40 -5.69 13.61
C PRO D 405 -28.77 -5.45 14.22
N GLY D 406 -28.85 -5.06 15.48
CA GLY D 406 -30.12 -4.81 16.11
C GLY D 406 -30.65 -3.39 15.95
N ASP D 407 -30.02 -2.55 15.13
CA ASP D 407 -30.48 -1.18 14.99
C ASP D 407 -31.92 -1.17 14.51
N LYS D 408 -32.66 -0.20 15.01
CA LYS D 408 -34.05 -0.04 14.65
C LYS D 408 -34.18 0.24 13.15
N LEU D 409 -35.11 -0.45 12.50
CA LEU D 409 -35.31 -0.27 11.07
C LEU D 409 -36.33 0.82 10.81
N THR D 410 -36.12 1.58 9.75
CA THR D 410 -37.13 2.55 9.36
C THR D 410 -38.22 1.92 8.51
N GLU D 411 -37.90 0.81 7.84
CA GLU D 411 -38.85 0.08 7.02
C GLU D 411 -39.53 -1.00 7.85
N ASP D 412 -40.77 -1.34 7.49
CA ASP D 412 -41.47 -2.43 8.18
C ASP D 412 -41.02 -3.74 7.56
N MET D 413 -39.86 -4.21 8.02
CA MET D 413 -39.26 -5.41 7.47
C MET D 413 -38.84 -6.32 8.60
N LEU D 414 -38.59 -7.58 8.25
CA LEU D 414 -38.11 -8.57 9.21
C LEU D 414 -36.58 -8.54 9.25
N PRO D 415 -35.96 -8.14 10.37
CA PRO D 415 -34.50 -8.22 10.43
C PRO D 415 -34.05 -9.67 10.37
N VAL D 416 -33.11 -9.97 9.47
CA VAL D 416 -32.47 -11.27 9.38
C VAL D 416 -30.98 -11.02 9.57
N VAL D 417 -30.48 -11.34 10.76
CA VAL D 417 -29.13 -11.00 11.19
C VAL D 417 -28.26 -12.25 11.05
N THR D 418 -27.19 -12.15 10.27
CA THR D 418 -26.16 -13.19 10.19
C THR D 418 -25.07 -12.91 11.22
N TYR D 419 -24.47 -13.98 11.76
CA TYR D 419 -23.24 -13.86 12.53
C TYR D 419 -22.26 -14.93 12.06
N ALA D 420 -20.96 -14.67 12.28
CA ALA D 420 -19.90 -15.59 11.87
C ALA D 420 -19.68 -16.62 12.97
N TRP D 421 -19.90 -17.90 12.65
CA TRP D 421 -19.94 -18.99 13.58
C TRP D 421 -18.77 -19.95 13.26
N ASP D 422 -18.80 -21.14 13.87
CA ASP D 422 -17.71 -22.09 13.87
C ASP D 422 -18.31 -23.48 13.81
N GLY D 423 -17.70 -24.35 13.00
CA GLY D 423 -18.20 -25.71 12.83
C GLY D 423 -17.92 -26.67 13.98
N ASN D 424 -17.18 -26.26 15.01
CA ASN D 424 -16.93 -27.15 16.14
C ASN D 424 -17.23 -26.50 17.48
N ALA D 425 -18.08 -25.48 17.52
CA ALA D 425 -18.42 -24.79 18.75
C ALA D 425 -19.91 -24.50 18.81
N LEU D 426 -20.44 -24.44 20.04
CA LEU D 426 -21.78 -23.92 20.26
C LEU D 426 -21.88 -22.47 19.78
N PRO D 427 -23.09 -22.01 19.47
CA PRO D 427 -23.30 -20.60 19.15
C PRO D 427 -22.70 -19.70 20.24
N GLY D 428 -21.93 -18.71 19.80
CA GLY D 428 -21.20 -17.83 20.70
C GLY D 428 -19.72 -18.16 20.81
N ASN D 429 -19.37 -19.45 20.73
CA ASN D 429 -18.01 -19.97 20.77
C ASN D 429 -17.24 -19.46 22.00
N GLU D 430 -16.33 -18.49 21.82
CA GLU D 430 -15.51 -18.01 22.93
C GLU D 430 -16.30 -17.22 23.98
N PHE D 431 -17.53 -16.80 23.67
CA PHE D 431 -18.56 -16.54 24.69
C PHE D 431 -18.51 -17.53 25.84
N TRP D 432 -18.45 -18.83 25.52
CA TRP D 432 -18.39 -19.85 26.56
C TRP D 432 -17.02 -19.89 27.26
N ALA D 433 -16.04 -19.12 26.77
CA ALA D 433 -14.77 -18.94 27.46
C ALA D 433 -14.68 -17.56 28.12
N ASN D 434 -15.81 -16.84 28.23
CA ASN D 434 -15.92 -15.51 28.81
C ASN D 434 -15.22 -14.44 27.97
N MET D 435 -14.90 -14.75 26.71
CA MET D 435 -14.40 -13.76 25.74
C MET D 435 -15.58 -13.16 24.99
N LEU D 436 -16.10 -12.01 25.45
CA LEU D 436 -17.40 -11.55 25.01
C LEU D 436 -17.36 -10.59 23.84
N ILE D 437 -16.21 -10.00 23.52
CA ILE D 437 -16.10 -9.00 22.46
C ILE D 437 -15.09 -9.37 21.38
N SER D 438 -14.50 -10.58 21.44
CA SER D 438 -13.32 -10.82 20.62
C SER D 438 -13.63 -10.97 19.13
N THR D 439 -14.81 -11.51 18.79
CA THR D 439 -15.24 -11.66 17.41
C THR D 439 -16.76 -11.47 17.35
N GLY D 440 -17.34 -11.66 16.16
CA GLY D 440 -18.78 -11.52 16.01
C GLY D 440 -19.58 -12.62 16.69
N ASP D 441 -18.99 -13.81 16.84
CA ASP D 441 -19.71 -14.93 17.45
C ASP D 441 -20.09 -14.66 18.91
N PRO D 442 -19.18 -14.28 19.80
CA PRO D 442 -19.62 -13.88 21.14
C PRO D 442 -20.57 -12.70 21.14
N ALA D 443 -20.35 -11.70 20.28
CA ALA D 443 -21.19 -10.51 20.30
C ALA D 443 -22.62 -10.83 19.89
N ALA D 444 -22.80 -11.81 19.00
CA ALA D 444 -24.15 -12.25 18.65
C ALA D 444 -24.81 -12.97 19.81
N ALA D 445 -24.08 -13.86 20.48
CA ALA D 445 -24.68 -14.59 21.60
C ALA D 445 -24.98 -13.69 22.78
N CYS D 446 -24.21 -12.61 22.98
CA CYS D 446 -24.45 -11.67 24.07
C CYS D 446 -25.68 -10.80 23.83
N SER D 447 -26.09 -10.61 22.57
CA SER D 447 -27.12 -9.63 22.22
C SER D 447 -28.43 -10.27 21.76
N THR D 448 -28.59 -11.58 21.90
CA THR D 448 -29.76 -12.32 21.44
C THR D 448 -29.99 -13.46 22.42
N LEU D 449 -30.83 -14.43 22.04
CA LEU D 449 -31.09 -15.59 22.89
C LEU D 449 -30.48 -16.88 22.35
N ILE D 450 -29.61 -16.80 21.34
CA ILE D 450 -29.17 -17.99 20.61
C ILE D 450 -28.36 -18.92 21.47
N SER D 451 -27.70 -18.40 22.51
CA SER D 451 -26.89 -19.25 23.38
C SER D 451 -27.72 -20.35 24.04
N GLU D 452 -29.06 -20.23 24.01
CA GLU D 452 -29.98 -21.28 24.43
C GLU D 452 -30.84 -21.78 23.29
N LEU D 453 -31.49 -20.87 22.54
CA LEU D 453 -32.44 -21.28 21.51
C LEU D 453 -31.77 -21.97 20.32
N GLN D 454 -30.47 -21.72 20.08
CA GLN D 454 -29.74 -22.41 19.04
C GLN D 454 -28.81 -23.46 19.61
N ASN D 455 -29.00 -23.81 20.90
CA ASN D 455 -28.17 -24.76 21.64
C ASN D 455 -28.78 -26.15 21.56
N PRO D 456 -28.10 -27.12 20.94
CA PRO D 456 -28.67 -28.48 20.82
C PRO D 456 -28.89 -29.20 22.13
N HIS D 457 -28.23 -28.77 23.20
CA HIS D 457 -28.41 -29.40 24.50
C HIS D 457 -29.38 -28.63 25.39
N ILE D 458 -30.01 -27.57 24.85
CA ILE D 458 -30.99 -26.81 25.60
C ILE D 458 -32.32 -26.83 24.84
N ASN D 459 -32.33 -26.30 23.61
CA ASN D 459 -33.48 -26.40 22.71
C ASN D 459 -33.49 -27.77 22.03
N VAL D 460 -33.83 -28.79 22.82
CA VAL D 460 -33.58 -30.18 22.42
C VAL D 460 -34.60 -30.73 21.43
N HIS D 461 -35.78 -30.13 21.33
CA HIS D 461 -36.84 -30.63 20.46
C HIS D 461 -36.87 -29.95 19.08
N TYR D 462 -36.29 -28.78 18.94
CA TYR D 462 -36.27 -28.05 17.68
C TYR D 462 -34.86 -27.86 17.10
N MET D 463 -33.83 -27.69 17.94
CA MET D 463 -32.46 -27.66 17.44
C MET D 463 -31.91 -29.08 17.45
N ASN D 464 -32.48 -29.92 16.57
CA ASN D 464 -32.02 -31.30 16.46
C ASN D 464 -32.11 -31.75 15.01
N GLY D 465 -31.47 -32.88 14.73
CA GLY D 465 -31.44 -33.40 13.37
C GLY D 465 -32.80 -33.76 12.82
N ALA D 466 -33.71 -34.20 13.69
CA ALA D 466 -35.07 -34.51 13.24
C ALA D 466 -35.78 -33.29 12.66
N ASN D 467 -35.35 -32.09 13.05
CA ASN D 467 -35.91 -30.85 12.54
C ASN D 467 -35.04 -30.24 11.43
N LEU D 468 -34.22 -31.05 10.76
CA LEU D 468 -33.37 -30.55 9.70
C LEU D 468 -34.20 -29.92 8.59
N HIS D 469 -33.84 -28.70 8.18
CA HIS D 469 -34.41 -28.10 6.99
C HIS D 469 -33.37 -28.05 5.87
N ILE D 470 -33.86 -28.11 4.63
CA ILE D 470 -33.02 -28.16 3.44
C ILE D 470 -33.29 -26.92 2.61
N ALA D 471 -32.24 -26.22 2.21
CA ALA D 471 -32.39 -25.08 1.30
C ALA D 471 -32.21 -25.60 -0.12
N SER D 472 -33.31 -25.63 -0.89
CA SER D 472 -33.30 -26.16 -2.26
C SER D 472 -33.58 -25.05 -3.26
N VAL D 473 -32.73 -24.95 -4.28
CA VAL D 473 -32.92 -23.93 -5.31
C VAL D 473 -34.25 -24.14 -6.03
N GLU D 474 -34.49 -25.36 -6.51
CA GLU D 474 -35.71 -25.63 -7.23
C GLU D 474 -36.94 -25.63 -6.31
N HIS D 475 -36.83 -26.21 -5.12
CA HIS D 475 -38.01 -26.46 -4.30
C HIS D 475 -38.20 -25.51 -3.12
N GLY D 476 -37.23 -24.67 -2.81
CA GLY D 476 -37.35 -23.76 -1.70
C GLY D 476 -36.86 -24.35 -0.39
N LEU D 477 -37.10 -23.62 0.67
CA LEU D 477 -36.74 -24.12 1.99
C LEU D 477 -37.83 -25.05 2.51
N LEU D 478 -37.46 -26.29 2.84
CA LEU D 478 -38.39 -27.32 3.27
C LEU D 478 -37.79 -28.09 4.43
N HIS D 479 -38.65 -28.61 5.29
CA HIS D 479 -38.20 -29.65 6.22
C HIS D 479 -37.72 -30.85 5.42
N VAL D 480 -36.68 -31.52 5.93
CA VAL D 480 -36.00 -32.55 5.13
C VAL D 480 -36.96 -33.65 4.68
N GLY D 481 -38.03 -33.90 5.46
CA GLY D 481 -39.03 -34.88 5.04
C GLY D 481 -39.80 -34.44 3.81
N ASP D 482 -40.33 -33.22 3.83
CA ASP D 482 -40.98 -32.69 2.62
C ASP D 482 -40.03 -32.63 1.43
N TYR D 483 -38.74 -32.28 1.67
CA TYR D 483 -37.79 -32.20 0.57
C TYR D 483 -37.59 -33.55 -0.09
N ALA D 484 -37.22 -34.57 0.70
CA ALA D 484 -37.00 -35.90 0.14
C ALA D 484 -38.21 -36.37 -0.65
N ARG D 485 -39.42 -36.10 -0.15
CA ARG D 485 -40.61 -36.61 -0.83
C ARG D 485 -40.88 -35.94 -2.17
N ARG D 486 -40.16 -34.87 -2.51
CA ARG D 486 -40.23 -34.30 -3.85
C ARG D 486 -39.26 -34.91 -4.83
N LEU D 487 -38.36 -35.77 -4.35
CA LEU D 487 -37.32 -36.39 -5.17
C LEU D 487 -37.77 -37.72 -5.74
N1 AR6 E . 17.00 15.50 -9.64
C2 AR6 E . 17.81 14.43 -9.58
N3 AR6 E . 17.52 13.15 -9.77
C4 AR6 E . 16.21 13.00 -10.06
C5 AR6 E . 15.27 14.00 -10.17
C6 AR6 E . 15.70 15.32 -9.93
N6 AR6 E . 14.90 16.37 -9.99
N7 AR6 E . 14.03 13.45 -10.49
C8 AR6 E . 14.25 12.15 -10.58
N9 AR6 E . 15.56 11.83 -10.31
PA AR6 E . 16.09 9.44 -15.31
PB AR6 E . 16.11 6.65 -16.42
C1' AR6 E . 16.17 10.51 -10.32
O1A AR6 E . 14.64 9.58 -15.63
O1B AR6 E . 14.92 6.27 -15.60
C1D AR6 E . 16.42 9.94 -20.61
O1D AR6 E . 15.76 10.57 -21.67
C2' AR6 E . 15.24 9.33 -10.62
O2' AR6 E . 14.38 9.00 -9.55
O2A AR6 E . 17.00 10.55 -15.70
O2B AR6 E . 17.25 5.69 -16.46
C2D AR6 E . 17.55 9.05 -21.16
O2D AR6 E . 18.26 9.58 -22.27
C3' AR6 E . 16.28 8.26 -10.94
O3' AR6 E . 16.77 7.74 -9.71
O3A AR6 E . 16.67 8.08 -15.95
C3D AR6 E . 16.82 7.75 -21.44
O3D AR6 E . 16.01 7.87 -22.60
C4' AR6 E . 17.41 9.05 -11.65
O4' AR6 E . 17.12 10.46 -11.37
C4D AR6 E . 15.93 7.66 -20.19
O4D AR6 E . 15.54 9.03 -19.94
C5' AR6 E . 17.52 8.89 -13.14
O5' AR6 E . 16.23 9.15 -13.75
C5D AR6 E . 16.62 7.12 -18.96
O5D AR6 E . 15.63 6.94 -17.92
NI NI F . 25.12 -0.59 8.97
S SO4 G . 38.00 -13.07 -4.70
O1 SO4 G . 37.56 -11.70 -4.38
O2 SO4 G . 39.08 -13.01 -5.70
O3 SO4 G . 38.52 -13.74 -3.50
O4 SO4 G . 36.87 -13.84 -5.22
S SO4 H . 10.97 10.03 -8.96
O1 SO4 H . 9.81 10.78 -9.41
O2 SO4 H . 11.85 9.71 -10.10
O3 SO4 H . 10.51 8.79 -8.33
O4 SO4 H . 11.72 10.83 -8.01
S SO4 I . 29.98 -5.68 7.24
O1 SO4 I . 30.57 -6.78 6.46
O2 SO4 I . 29.25 -4.71 6.40
O3 SO4 I . 31.06 -4.98 7.95
O4 SO4 I . 29.03 -6.26 8.21
CL CL J . 25.23 29.67 -24.78
CL CL K . 37.15 30.46 -11.41
N1 AR6 L . -4.30 5.49 -24.24
C2 AR6 L . -5.34 6.19 -23.77
N3 AR6 L . -5.45 6.87 -22.63
C4 AR6 L . -4.32 6.78 -21.92
C5 AR6 L . -3.17 6.09 -22.26
C6 AR6 L . -3.18 5.39 -23.49
N6 AR6 L . -2.15 4.69 -23.93
N7 AR6 L . -2.21 6.22 -21.27
C8 AR6 L . -2.77 6.98 -20.36
N9 AR6 L . -4.05 7.35 -20.70
PA AR6 L . -2.76 12.77 -20.42
PB AR6 L . -3.08 15.04 -18.49
C1' AR6 L . -4.97 8.18 -19.93
O1A AR6 L . -1.39 12.52 -19.91
O1B AR6 L . -2.68 14.19 -17.32
C1D AR6 L . -0.20 17.00 -22.64
O1D AR6 L . 1.09 17.40 -23.02
C2' AR6 L . -4.42 8.70 -18.61
O2' AR6 L . -4.33 7.70 -17.61
O2A AR6 L . -2.98 12.79 -21.89
O2B AR6 L . -4.26 15.93 -18.30
C2D AR6 L . -1.16 18.20 -22.63
O2D AR6 L . -1.03 19.10 -23.71
C3' AR6 L . -5.44 9.81 -18.33
O3' AR6 L . -6.61 9.24 -17.75
O3A AR6 L . -3.34 14.14 -19.79
C3D AR6 L . -0.87 18.81 -21.27
O3D AR6 L . 0.37 19.48 -21.27
C4' AR6 L . -5.75 10.36 -19.74
O4' AR6 L . -5.25 9.35 -20.66
C4D AR6 L . -0.76 17.54 -20.42
O4D AR6 L . -0.20 16.54 -21.29
C5' AR6 L . -5.17 11.70 -20.10
O5' AR6 L . -3.75 11.70 -19.76
C5D AR6 L . -2.07 17.03 -19.86
O5D AR6 L . -1.82 15.91 -18.96
NI NI M . -25.34 0.52 -9.84
S SO4 N . -1.47 5.66 -16.66
O1 SO4 N . -1.71 7.06 -17.06
O2 SO4 N . -0.19 5.17 -17.20
O3 SO4 N . -1.44 5.56 -15.22
O4 SO4 N . -2.50 4.79 -17.20
S SO4 O . -32.74 21.68 -9.60
O1 SO4 O . -33.26 22.78 -10.42
O2 SO4 O . -32.13 20.67 -10.47
O3 SO4 O . -31.74 22.20 -8.68
O4 SO4 O . -33.83 21.09 -8.82
S SO4 P . -29.84 5.95 -8.29
O1 SO4 P . -28.48 5.89 -8.85
O2 SO4 P . -30.28 7.33 -8.07
O3 SO4 P . -29.87 5.25 -7.00
O4 SO4 P . -30.75 5.32 -9.26
CL CL Q . 0.79 13.61 -44.53
CL CL R . -8.80 5.65 -4.35
CL CL S . -15.82 6.06 -47.16
N1 AR6 T . 5.72 -15.25 17.56
C2 AR6 T . 6.53 -14.29 18.04
N3 AR6 T . 6.31 -12.99 18.16
C4 AR6 T . 5.08 -12.67 17.71
C5 AR6 T . 4.14 -13.53 17.17
C6 AR6 T . 4.49 -14.89 17.10
N6 AR6 T . 3.68 -15.84 16.63
N7 AR6 T . 3.00 -12.83 16.80
C8 AR6 T . 3.26 -11.57 17.12
N9 AR6 T . 4.52 -11.42 17.65
PA AR6 T . 2.09 -9.10 22.17
PB AR6 T . 1.69 -6.35 23.26
C1' AR6 T . 5.15 -10.18 18.13
O1A AR6 T . 0.72 -9.06 21.57
O1B AR6 T . 1.30 -5.85 21.90
C1D AR6 T . -0.94 -9.67 26.55
O1D AR6 T . -2.24 -9.91 26.99
C2' AR6 T . 4.32 -8.93 17.87
O2' AR6 T . 4.38 -8.51 16.52
O2A AR6 T . 2.44 -10.34 22.94
O2B AR6 T . 2.68 -5.53 24.02
C2D AR6 T . -0.17 -9.03 27.71
O2D AR6 T . -0.35 -9.68 28.95
C3' AR6 T . 4.96 -7.97 18.87
O3' AR6 T . 6.12 -7.42 18.27
O3A AR6 T . 2.30 -7.83 23.12
C3D AR6 T . -0.73 -7.61 27.65
O3D AR6 T . -2.06 -7.52 28.16
C4' AR6 T . 5.37 -8.89 20.04
O4' AR6 T . 5.21 -10.24 19.54
C4D AR6 T . -0.74 -7.37 26.14
O4D AR6 T . -0.93 -8.67 25.54
C5' AR6 T . 4.58 -8.77 21.32
O5' AR6 T . 3.16 -8.86 21.02
C5D AR6 T . 0.54 -6.78 25.58
O5D AR6 T . 0.39 -6.60 24.15
S SO4 U . 28.33 3.89 13.53
O1 SO4 U . 29.49 2.99 13.50
O2 SO4 U . 28.13 4.47 12.21
O3 SO4 U . 28.55 4.95 14.51
O4 SO4 U . 27.14 3.09 13.82
S SO4 V . 2.00 -9.03 14.01
O1 SO4 V . 3.32 -9.26 13.44
O2 SO4 V . 1.28 -8.12 13.11
O3 SO4 V . 2.04 -8.45 15.36
O4 SO4 V . 1.31 -10.32 14.12
N1 AR6 W . -17.46 -4.65 14.41
C2 AR6 W . -18.13 -5.31 13.46
N3 AR6 W . -17.67 -6.15 12.54
C4 AR6 W . -16.34 -6.28 12.65
C5 AR6 W . -15.52 -5.67 13.58
C6 AR6 W . -16.12 -4.80 14.51
N6 AR6 W . -15.45 -4.17 15.46
N7 AR6 W . -14.21 -6.06 13.39
C8 AR6 W . -14.24 -6.87 12.36
N9 AR6 W . -15.51 -7.04 11.87
PA AR6 W . -15.17 -12.60 12.53
PB AR6 W . -14.54 -15.00 10.89
C1' AR6 W . -15.91 -7.85 10.75
O1A AR6 W . -13.74 -12.58 12.95
O1B AR6 W . -13.40 -14.29 10.23
C1D AR6 W . -14.95 -16.79 15.99
O1D AR6 W . -14.15 -17.33 16.96
C2' AR6 W . -14.74 -8.53 10.04
O2' AR6 W . -14.00 -7.64 9.23
O2A AR6 W . -16.19 -12.57 13.63
O2B AR6 W . -15.45 -15.79 10.02
C2D AR6 W . -15.91 -17.88 15.50
O2D AR6 W . -16.50 -18.67 16.51
C3' AR6 W . -15.50 -9.61 9.25
O3' AR6 W . -15.96 -9.10 8.02
O3A AR6 W . -15.44 -13.93 11.68
C3D AR6 W . -15.02 -18.66 14.54
O3D AR6 W . -14.15 -19.53 15.26
C4' AR6 W . -16.70 -9.93 10.16
O4' AR6 W . -16.70 -8.93 11.20
C4D AR6 W . -14.25 -17.52 13.85
O4D AR6 W . -14.18 -16.45 14.83
C5' AR6 W . -16.68 -11.28 10.83
O5' AR6 W . -15.40 -11.41 11.50
C5D AR6 W . -14.88 -16.94 12.61
O5D AR6 W . -13.98 -15.94 12.05
S SO4 X . -28.70 -4.44 -13.21
O1 SO4 X . -27.71 -3.77 -14.07
O2 SO4 X . -29.88 -3.57 -13.12
O3 SO4 X . -28.11 -4.58 -11.89
O4 SO4 X . -29.07 -5.74 -13.78
S SO4 Y . -10.95 -6.31 10.17
O1 SO4 Y . -9.60 -6.31 9.62
O2 SO4 Y . -11.70 -5.22 9.53
O3 SO4 Y . -11.55 -7.61 9.91
O4 SO4 Y . -10.93 -6.17 11.63
CL CL Z . -39.30 -1.14 26.13
#